data_3E17
# 
_entry.id   3E17 
# 
_audit_conform.dict_name       mmcif_pdbx.dic 
_audit_conform.dict_version    5.380 
_audit_conform.dict_location   http://mmcif.pdb.org/dictionaries/ascii/mmcif_pdbx.dic 
# 
loop_
_database_2.database_id 
_database_2.database_code 
_database_2.pdbx_database_accession 
_database_2.pdbx_DOI 
PDB   3E17         pdb_00003e17 10.2210/pdb3e17/pdb 
RCSB  RCSB048745   ?            ?                   
WWPDB D_1000048745 ?            ?                   
# 
_pdbx_database_status.entry_id                        3E17 
_pdbx_database_status.deposit_site                    RCSB 
_pdbx_database_status.process_site                    PDBJ 
_pdbx_database_status.recvd_initial_deposition_date   2008-08-01 
_pdbx_database_status.status_code                     REL 
_pdbx_database_status.status_code_sf                  REL 
_pdbx_database_status.status_code_mr                  ? 
_pdbx_database_status.SG_entry                        ? 
_pdbx_database_status.pdb_format_compatible           Y 
_pdbx_database_status.status_code_cs                  ? 
_pdbx_database_status.methods_development_category    ? 
_pdbx_database_status.status_code_nmr_data            ? 
# 
loop_
_audit_author.name 
_audit_author.pdbx_ordinal 
'Chen, H.'   1 
'Tong, S.L.' 2 
'Teng, M.K.' 3 
'Niu, L.W.'  4 
# 
_citation.id                        primary 
_citation.title                     'Structure of the second PDZ domain from human zonula occludens 2' 
_citation.journal_abbrev            'Acta Crystallogr.,Sect.F' 
_citation.journal_volume            65 
_citation.page_first                327 
_citation.page_last                 330 
_citation.year                      2009 
_citation.journal_id_ASTM           ? 
_citation.country                   DK 
_citation.journal_id_ISSN           1744-3091 
_citation.journal_id_CSD            ? 
_citation.book_publisher            ? 
_citation.pdbx_database_id_PubMed   19342771 
_citation.pdbx_database_id_DOI      10.1107/S1744309109002334 
# 
loop_
_citation_author.citation_id 
_citation_author.name 
_citation_author.ordinal 
_citation_author.identifier_ORCID 
primary 'Chen, H.' 1 ? 
primary 'Tong, S.' 2 ? 
primary 'Li, X.'   3 ? 
primary 'Wu, J.'   4 ? 
primary 'Zhu, Z.'  5 ? 
primary 'Niu, L.'  6 ? 
primary 'Teng, M.' 7 ? 
# 
_cell.length_a           30.177 
_cell.length_b           41.325 
_cell.length_c           41.292 
_cell.angle_alpha        80.050 
_cell.angle_beta         68.630 
_cell.angle_gamma        68.520 
_cell.entry_id           3E17 
_cell.pdbx_unique_axis   ? 
_cell.Z_PDB              2 
_cell.length_a_esd       ? 
_cell.length_b_esd       ? 
_cell.length_c_esd       ? 
_cell.angle_alpha_esd    ? 
_cell.angle_beta_esd     ? 
_cell.angle_gamma_esd    ? 
# 
_symmetry.space_group_name_H-M             'P 1' 
_symmetry.entry_id                         3E17 
_symmetry.pdbx_full_space_group_name_H-M   ? 
_symmetry.Int_Tables_number                1 
_symmetry.cell_setting                     ? 
_symmetry.space_group_name_Hall            ? 
# 
loop_
_entity.id 
_entity.type 
_entity.src_method 
_entity.pdbx_description 
_entity.formula_weight 
_entity.pdbx_number_of_molecules 
_entity.pdbx_ec 
_entity.pdbx_mutation 
_entity.pdbx_fragment 
_entity.details 
1 polymer man 'Tight junction protein ZO-2' 10014.645 2   ? ? 'UNP residues 306-384' ? 
2 water   nat water                         18.015    203 ? ? ?                      ? 
# 
_entity_name_com.entity_id   1 
_entity_name_com.name        
'Zonula occludens protein 2, Zona occludens protein 2, Tight junction protein 2, The second PDZ domain from human Zona Occludens-2' 
# 
_entity_poly.entity_id                      1 
_entity_poly.type                           'polypeptide(L)' 
_entity_poly.nstd_linkage                   no 
_entity_poly.nstd_monomer                   no 
_entity_poly.pdbx_seq_one_letter_code       
;MIGVLLMKSRANEEYGLRLGSQIFVKEMTRTGLATKDGNLHEGDIILKINGTVTENMSLTDARKLIEKSRGKLQLVVLRD
LEHHHHHH
;
_entity_poly.pdbx_seq_one_letter_code_can   
;MIGVLLMKSRANEEYGLRLGSQIFVKEMTRTGLATKDGNLHEGDIILKINGTVTENMSLTDARKLIEKSRGKLQLVVLRD
LEHHHHHH
;
_entity_poly.pdbx_strand_id                 A,B 
_entity_poly.pdbx_target_identifier         ? 
# 
loop_
_entity_poly_seq.entity_id 
_entity_poly_seq.num 
_entity_poly_seq.mon_id 
_entity_poly_seq.hetero 
1 1  MET n 
1 2  ILE n 
1 3  GLY n 
1 4  VAL n 
1 5  LEU n 
1 6  LEU n 
1 7  MET n 
1 8  LYS n 
1 9  SER n 
1 10 ARG n 
1 11 ALA n 
1 12 ASN n 
1 13 GLU n 
1 14 GLU n 
1 15 TYR n 
1 16 GLY n 
1 17 LEU n 
1 18 ARG n 
1 19 LEU n 
1 20 GLY n 
1 21 SER n 
1 22 GLN n 
1 23 ILE n 
1 24 PHE n 
1 25 VAL n 
1 26 LYS n 
1 27 GLU n 
1 28 MET n 
1 29 THR n 
1 30 ARG n 
1 31 THR n 
1 32 GLY n 
1 33 LEU n 
1 34 ALA n 
1 35 THR n 
1 36 LYS n 
1 37 ASP n 
1 38 GLY n 
1 39 ASN n 
1 40 LEU n 
1 41 HIS n 
1 42 GLU n 
1 43 GLY n 
1 44 ASP n 
1 45 ILE n 
1 46 ILE n 
1 47 LEU n 
1 48 LYS n 
1 49 ILE n 
1 50 ASN n 
1 51 GLY n 
1 52 THR n 
1 53 VAL n 
1 54 THR n 
1 55 GLU n 
1 56 ASN n 
1 57 MET n 
1 58 SER n 
1 59 LEU n 
1 60 THR n 
1 61 ASP n 
1 62 ALA n 
1 63 ARG n 
1 64 LYS n 
1 65 LEU n 
1 66 ILE n 
1 67 GLU n 
1 68 LYS n 
1 69 SER n 
1 70 ARG n 
1 71 GLY n 
1 72 LYS n 
1 73 LEU n 
1 74 GLN n 
1 75 LEU n 
1 76 VAL n 
1 77 VAL n 
1 78 LEU n 
1 79 ARG n 
1 80 ASP n 
1 81 LEU n 
1 82 GLU n 
1 83 HIS n 
1 84 HIS n 
1 85 HIS n 
1 86 HIS n 
1 87 HIS n 
1 88 HIS n 
# 
_entity_src_gen.entity_id                          1 
_entity_src_gen.pdbx_src_id                        1 
_entity_src_gen.pdbx_alt_source_flag               sample 
_entity_src_gen.pdbx_seq_type                      ? 
_entity_src_gen.pdbx_beg_seq_num                   ? 
_entity_src_gen.pdbx_end_seq_num                   ? 
_entity_src_gen.gene_src_common_name               Human 
_entity_src_gen.gene_src_genus                     ? 
_entity_src_gen.pdbx_gene_src_gene                 'TJP2, X104, ZO2' 
_entity_src_gen.gene_src_species                   ? 
_entity_src_gen.gene_src_strain                    ? 
_entity_src_gen.gene_src_tissue                    ? 
_entity_src_gen.gene_src_tissue_fraction           ? 
_entity_src_gen.gene_src_details                   ? 
_entity_src_gen.pdbx_gene_src_fragment             ? 
_entity_src_gen.pdbx_gene_src_scientific_name      'Homo sapiens' 
_entity_src_gen.pdbx_gene_src_ncbi_taxonomy_id     9606 
_entity_src_gen.pdbx_gene_src_variant              ? 
_entity_src_gen.pdbx_gene_src_cell_line            ? 
_entity_src_gen.pdbx_gene_src_atcc                 ? 
_entity_src_gen.pdbx_gene_src_organ                ? 
_entity_src_gen.pdbx_gene_src_organelle            ? 
_entity_src_gen.pdbx_gene_src_cell                 ? 
_entity_src_gen.pdbx_gene_src_cellular_location    ? 
_entity_src_gen.host_org_common_name               ? 
_entity_src_gen.pdbx_host_org_scientific_name      'Escherichia coli' 
_entity_src_gen.pdbx_host_org_ncbi_taxonomy_id     562 
_entity_src_gen.host_org_genus                     ? 
_entity_src_gen.pdbx_host_org_gene                 ? 
_entity_src_gen.pdbx_host_org_organ                ? 
_entity_src_gen.host_org_species                   ? 
_entity_src_gen.pdbx_host_org_tissue               ? 
_entity_src_gen.pdbx_host_org_tissue_fraction      ? 
_entity_src_gen.pdbx_host_org_strain               DE3 
_entity_src_gen.pdbx_host_org_variant              ? 
_entity_src_gen.pdbx_host_org_cell_line            ? 
_entity_src_gen.pdbx_host_org_atcc                 ? 
_entity_src_gen.pdbx_host_org_culture_collection   ? 
_entity_src_gen.pdbx_host_org_cell                 ? 
_entity_src_gen.pdbx_host_org_organelle            ? 
_entity_src_gen.pdbx_host_org_cellular_location    ? 
_entity_src_gen.pdbx_host_org_vector_type          plasmid 
_entity_src_gen.pdbx_host_org_vector               ? 
_entity_src_gen.host_org_details                   ? 
_entity_src_gen.expression_system_id               ? 
_entity_src_gen.plasmid_name                       pET-22b 
_entity_src_gen.plasmid_details                    ? 
_entity_src_gen.pdbx_description                   ? 
# 
_struct_ref.id                         1 
_struct_ref.db_name                    UNP 
_struct_ref.db_code                    ZO2_HUMAN 
_struct_ref.pdbx_db_accession          Q9UDY2 
_struct_ref.entity_id                  1 
_struct_ref.pdbx_seq_one_letter_code   IGVLLMKSRANEEYGLRLGSQIFVKEMTRTGLATKDGNLHEGDIILKINGTVTENMSLTDARKLIEKSRGKLQLVVLRD 
_struct_ref.pdbx_align_begin           306 
_struct_ref.pdbx_db_isoform            ? 
# 
loop_
_struct_ref_seq.align_id 
_struct_ref_seq.ref_id 
_struct_ref_seq.pdbx_PDB_id_code 
_struct_ref_seq.pdbx_strand_id 
_struct_ref_seq.seq_align_beg 
_struct_ref_seq.pdbx_seq_align_beg_ins_code 
_struct_ref_seq.seq_align_end 
_struct_ref_seq.pdbx_seq_align_end_ins_code 
_struct_ref_seq.pdbx_db_accession 
_struct_ref_seq.db_align_beg 
_struct_ref_seq.pdbx_db_align_beg_ins_code 
_struct_ref_seq.db_align_end 
_struct_ref_seq.pdbx_db_align_end_ins_code 
_struct_ref_seq.pdbx_auth_seq_align_beg 
_struct_ref_seq.pdbx_auth_seq_align_end 
1 1 3E17 A 2 ? 80 ? Q9UDY2 306 ? 384 ? 2 80 
2 1 3E17 B 2 ? 80 ? Q9UDY2 306 ? 384 ? 2 80 
# 
loop_
_struct_ref_seq_dif.align_id 
_struct_ref_seq_dif.pdbx_pdb_id_code 
_struct_ref_seq_dif.mon_id 
_struct_ref_seq_dif.pdbx_pdb_strand_id 
_struct_ref_seq_dif.seq_num 
_struct_ref_seq_dif.pdbx_pdb_ins_code 
_struct_ref_seq_dif.pdbx_seq_db_name 
_struct_ref_seq_dif.pdbx_seq_db_accession_code 
_struct_ref_seq_dif.db_mon_id 
_struct_ref_seq_dif.pdbx_seq_db_seq_num 
_struct_ref_seq_dif.details 
_struct_ref_seq_dif.pdbx_auth_seq_num 
_struct_ref_seq_dif.pdbx_ordinal 
1 3E17 MET A 1  ? UNP Q9UDY2 ? ? 'expression tag' 1  1  
1 3E17 LEU A 81 ? UNP Q9UDY2 ? ? 'expression tag' 81 2  
1 3E17 GLU A 82 ? UNP Q9UDY2 ? ? 'expression tag' 82 3  
1 3E17 HIS A 83 ? UNP Q9UDY2 ? ? 'expression tag' 83 4  
1 3E17 HIS A 84 ? UNP Q9UDY2 ? ? 'expression tag' 84 5  
1 3E17 HIS A 85 ? UNP Q9UDY2 ? ? 'expression tag' 85 6  
1 3E17 HIS A 86 ? UNP Q9UDY2 ? ? 'expression tag' 86 7  
1 3E17 HIS A 87 ? UNP Q9UDY2 ? ? 'expression tag' 87 8  
1 3E17 HIS A 88 ? UNP Q9UDY2 ? ? 'expression tag' 88 9  
2 3E17 MET B 1  ? UNP Q9UDY2 ? ? 'expression tag' 1  10 
2 3E17 LEU B 81 ? UNP Q9UDY2 ? ? 'expression tag' 81 11 
2 3E17 GLU B 82 ? UNP Q9UDY2 ? ? 'expression tag' 82 12 
2 3E17 HIS B 83 ? UNP Q9UDY2 ? ? 'expression tag' 83 13 
2 3E17 HIS B 84 ? UNP Q9UDY2 ? ? 'expression tag' 84 14 
2 3E17 HIS B 85 ? UNP Q9UDY2 ? ? 'expression tag' 85 15 
2 3E17 HIS B 86 ? UNP Q9UDY2 ? ? 'expression tag' 86 16 
2 3E17 HIS B 87 ? UNP Q9UDY2 ? ? 'expression tag' 87 17 
2 3E17 HIS B 88 ? UNP Q9UDY2 ? ? 'expression tag' 88 18 
# 
loop_
_chem_comp.id 
_chem_comp.type 
_chem_comp.mon_nstd_flag 
_chem_comp.name 
_chem_comp.pdbx_synonyms 
_chem_comp.formula 
_chem_comp.formula_weight 
ALA 'L-peptide linking' y ALANINE         ? 'C3 H7 N O2'     89.093  
ARG 'L-peptide linking' y ARGININE        ? 'C6 H15 N4 O2 1' 175.209 
ASN 'L-peptide linking' y ASPARAGINE      ? 'C4 H8 N2 O3'    132.118 
ASP 'L-peptide linking' y 'ASPARTIC ACID' ? 'C4 H7 N O4'     133.103 
GLN 'L-peptide linking' y GLUTAMINE       ? 'C5 H10 N2 O3'   146.144 
GLU 'L-peptide linking' y 'GLUTAMIC ACID' ? 'C5 H9 N O4'     147.129 
GLY 'peptide linking'   y GLYCINE         ? 'C2 H5 N O2'     75.067  
HIS 'L-peptide linking' y HISTIDINE       ? 'C6 H10 N3 O2 1' 156.162 
HOH non-polymer         . WATER           ? 'H2 O'           18.015  
ILE 'L-peptide linking' y ISOLEUCINE      ? 'C6 H13 N O2'    131.173 
LEU 'L-peptide linking' y LEUCINE         ? 'C6 H13 N O2'    131.173 
LYS 'L-peptide linking' y LYSINE          ? 'C6 H15 N2 O2 1' 147.195 
MET 'L-peptide linking' y METHIONINE      ? 'C5 H11 N O2 S'  149.211 
PHE 'L-peptide linking' y PHENYLALANINE   ? 'C9 H11 N O2'    165.189 
SER 'L-peptide linking' y SERINE          ? 'C3 H7 N O3'     105.093 
THR 'L-peptide linking' y THREONINE       ? 'C4 H9 N O3'     119.119 
TYR 'L-peptide linking' y TYROSINE        ? 'C9 H11 N O3'    181.189 
VAL 'L-peptide linking' y VALINE          ? 'C5 H11 N O2'    117.146 
# 
_exptl.crystals_number   1 
_exptl.entry_id          3E17 
_exptl.method            'X-RAY DIFFRACTION' 
# 
_exptl_crystal.id                    1 
_exptl_crystal.pdbx_mosaicity        ? 
_exptl_crystal.pdbx_mosaicity_esd    ? 
_exptl_crystal.density_Matthews      2.23 
_exptl_crystal.density_diffrn        ? 
_exptl_crystal.density_meas          ? 
_exptl_crystal.density_meas_temp     ? 
_exptl_crystal.density_percent_sol   44.73 
_exptl_crystal.size_max              ? 
_exptl_crystal.size_mid              ? 
_exptl_crystal.size_min              ? 
_exptl_crystal.size_rad              ? 
_exptl_crystal.description           ? 
_exptl_crystal.F_000                 ? 
_exptl_crystal.preparation           ? 
# 
_exptl_crystal_grow.crystal_id      1 
_exptl_crystal_grow.method          'VAPOR DIFFUSION, HANGING DROP' 
_exptl_crystal_grow.pH              8.3 
_exptl_crystal_grow.temp            283 
_exptl_crystal_grow.temp_details    ? 
_exptl_crystal_grow.pdbx_details    '12% PEG8000, 0.1M Tris-HCl, pH8.3, VAPOR DIFFUSION, HANGING DROP, temperature 283K' 
_exptl_crystal_grow.pdbx_pH_range   . 
# 
_diffrn.id                     1 
_diffrn.ambient_temp           100 
_diffrn.ambient_temp_details   ? 
_diffrn.crystal_id             1 
# 
_diffrn_detector.diffrn_id              1 
_diffrn_detector.detector               'IMAGE PLATE' 
_diffrn_detector.type                   'MAR scanner 345 mm plate' 
_diffrn_detector.pdbx_collection_date   2006-10-02 
_diffrn_detector.details                ? 
# 
_diffrn_radiation.diffrn_id                        1 
_diffrn_radiation.wavelength_id                    1 
_diffrn_radiation.pdbx_diffrn_protocol             'SINGLE WAVELENGTH' 
_diffrn_radiation.monochromator                    ? 
_diffrn_radiation.pdbx_monochromatic_or_laue_m_l   M 
_diffrn_radiation.pdbx_scattering_type             x-ray 
# 
_diffrn_radiation_wavelength.id           1 
_diffrn_radiation_wavelength.wavelength   1.5418 
_diffrn_radiation_wavelength.wt           1.0 
# 
_diffrn_source.diffrn_id                   1 
_diffrn_source.source                      'ROTATING ANODE' 
_diffrn_source.type                        'RIGAKU MICROMAX-007' 
_diffrn_source.pdbx_wavelength             ? 
_diffrn_source.pdbx_wavelength_list        1.5418 
_diffrn_source.pdbx_synchrotron_site       ? 
_diffrn_source.pdbx_synchrotron_beamline   ? 
# 
_reflns.entry_id                     3E17 
_reflns.observed_criterion_sigma_F   ? 
_reflns.observed_criterion_sigma_I   ? 
_reflns.d_resolution_high            1.75 
_reflns.d_resolution_low             20 
_reflns.number_all                   ? 
_reflns.number_obs                   15928 
_reflns.percent_possible_obs         ? 
_reflns.pdbx_Rmerge_I_obs            ? 
_reflns.pdbx_Rsym_value              ? 
_reflns.pdbx_netI_over_sigmaI        ? 
_reflns.B_iso_Wilson_estimate        ? 
_reflns.pdbx_redundancy              ? 
_reflns.R_free_details               ? 
_reflns.limit_h_max                  ? 
_reflns.limit_h_min                  ? 
_reflns.limit_k_max                  ? 
_reflns.limit_k_min                  ? 
_reflns.limit_l_max                  ? 
_reflns.limit_l_min                  ? 
_reflns.observed_criterion_F_max     ? 
_reflns.observed_criterion_F_min     ? 
_reflns.pdbx_chi_squared             ? 
_reflns.pdbx_scaling_rejects         ? 
_reflns.pdbx_diffrn_id               1 
_reflns.pdbx_ordinal                 1 
# 
_refine.entry_id                                 3E17 
_refine.ls_d_res_high                            1.750 
_refine.ls_d_res_low                             20.000 
_refine.pdbx_ls_sigma_F                          0.00 
_refine.ls_percent_reflns_obs                    91.470 
_refine.ls_number_reflns_obs                     15928 
_refine.pdbx_ls_cross_valid_method               THROUGHOUT 
_refine.pdbx_R_Free_selection_details            RANDOM 
_refine.details                                  'HYDROGENS HAVE BEEN ADDED IN THE RIDING POSITIONS' 
_refine.ls_R_factor_obs                          0.208 
_refine.ls_R_factor_R_work                       0.206 
_refine.ls_R_factor_R_free                       0.237 
_refine.ls_percent_reflns_R_free                 5.000 
_refine.ls_number_reflns_R_free                  804 
_refine.B_iso_mean                               27.367 
_refine.aniso_B[1][1]                            0.420 
_refine.aniso_B[2][2]                            -0.060 
_refine.aniso_B[3][3]                            -0.130 
_refine.aniso_B[1][2]                            -0.720 
_refine.aniso_B[1][3]                            -0.170 
_refine.aniso_B[2][3]                            1.200 
_refine.correlation_coeff_Fo_to_Fc               0.952 
_refine.correlation_coeff_Fo_to_Fc_free          0.939 
_refine.pdbx_overall_ESU_R                       0.147 
_refine.pdbx_overall_ESU_R_Free                  0.134 
_refine.solvent_model_details                    MASK 
_refine.pdbx_solvent_vdw_probe_radii             1.200 
_refine.pdbx_solvent_ion_probe_radii             0.800 
_refine.pdbx_solvent_shrinkage_radii             0.800 
_refine.pdbx_method_to_determine_struct          'MOLECULAR REPLACEMENT' 
_refine.pdbx_stereochemistry_target_values       'MAXIMUM LIKELIHOOD' 
_refine.B_iso_max                                60.43 
_refine.B_iso_min                                15.46 
_refine.occupancy_max                            1.00 
_refine.occupancy_min                            1.00 
_refine.pdbx_ls_sigma_I                          ? 
_refine.ls_number_reflns_all                     ? 
_refine.ls_R_factor_all                          ? 
_refine.ls_redundancy_reflns_obs                 ? 
_refine.pdbx_data_cutoff_high_absF               ? 
_refine.pdbx_data_cutoff_low_absF                ? 
_refine.ls_number_parameters                     ? 
_refine.ls_number_restraints                     ? 
_refine.ls_R_factor_R_free_error                 ? 
_refine.ls_R_factor_R_free_error_details         ? 
_refine.pdbx_starting_model                      'PDB ENTRY 2FNE' 
_refine.pdbx_stereochem_target_val_spec_case     ? 
_refine.solvent_model_param_bsol                 ? 
_refine.solvent_model_param_ksol                 ? 
_refine.pdbx_isotropic_thermal_model             ? 
_refine.overall_SU_R_Cruickshank_DPI             ? 
_refine.overall_SU_R_free                        ? 
_refine.overall_SU_ML                            ? 
_refine.overall_SU_B                             ? 
_refine.pdbx_data_cutoff_high_rms_absF           ? 
_refine.ls_wR_factor_R_free                      ? 
_refine.ls_wR_factor_R_work                      ? 
_refine.overall_FOM_free_R_set                   ? 
_refine.overall_FOM_work_R_set                   ? 
_refine.pdbx_overall_phase_error                 ? 
_refine.pdbx_refine_id                           'X-RAY DIFFRACTION' 
_refine.pdbx_diffrn_id                           1 
_refine.pdbx_TLS_residual_ADP_flag               ? 
_refine.pdbx_overall_SU_R_free_Cruickshank_DPI   ? 
_refine.pdbx_overall_SU_R_Blow_DPI               ? 
_refine.pdbx_overall_SU_R_free_Blow_DPI          ? 
# 
_refine_hist.pdbx_refine_id                   'X-RAY DIFFRACTION' 
_refine_hist.cycle_id                         LAST 
_refine_hist.pdbx_number_atoms_protein        1224 
_refine_hist.pdbx_number_atoms_nucleic_acid   0 
_refine_hist.pdbx_number_atoms_ligand         0 
_refine_hist.number_atoms_solvent             203 
_refine_hist.number_atoms_total               1427 
_refine_hist.d_res_high                       1.750 
_refine_hist.d_res_low                        20.000 
# 
loop_
_refine_ls_restr.type 
_refine_ls_restr.number 
_refine_ls_restr.dev_ideal 
_refine_ls_restr.dev_ideal_target 
_refine_ls_restr.weight 
_refine_ls_restr.pdbx_refine_id 
_refine_ls_restr.pdbx_restraint_function 
r_bond_refined_d       1228 0.014  0.022  ? 'X-RAY DIFFRACTION' ? 
r_angle_refined_deg    1639 1.498  2.003  ? 'X-RAY DIFFRACTION' ? 
r_dihedral_angle_1_deg 157  6.317  5.000  ? 'X-RAY DIFFRACTION' ? 
r_dihedral_angle_2_deg 47   35.479 24.043 ? 'X-RAY DIFFRACTION' ? 
r_dihedral_angle_3_deg 264  12.369 15.000 ? 'X-RAY DIFFRACTION' ? 
r_dihedral_angle_4_deg 11   18.205 15.000 ? 'X-RAY DIFFRACTION' ? 
r_chiral_restr         201  0.093  0.200  ? 'X-RAY DIFFRACTION' ? 
r_gen_planes_refined   845  0.005  0.020  ? 'X-RAY DIFFRACTION' ? 
r_mcbond_it            777  0.854  1.500  ? 'X-RAY DIFFRACTION' ? 
r_mcangle_it           1244 1.544  2.000  ? 'X-RAY DIFFRACTION' ? 
r_scbond_it            451  2.511  3.000  ? 'X-RAY DIFFRACTION' ? 
r_scangle_it           395  4.213  4.500  ? 'X-RAY DIFFRACTION' ? 
# 
_refine_ls_shell.d_res_high                       1.750 
_refine_ls_shell.d_res_low                        1.795 
_refine_ls_shell.pdbx_total_number_of_bins_used   20 
_refine_ls_shell.percent_reflns_obs               89.010 
_refine_ls_shell.number_reflns_R_work             1122 
_refine_ls_shell.R_factor_all                     ? 
_refine_ls_shell.R_factor_R_work                  0.352 
_refine_ls_shell.R_factor_R_free                  0.345 
_refine_ls_shell.percent_reflns_R_free            ? 
_refine_ls_shell.number_reflns_R_free             52 
_refine_ls_shell.R_factor_R_free_error            ? 
_refine_ls_shell.number_reflns_all                1174 
_refine_ls_shell.number_reflns_obs                ? 
_refine_ls_shell.redundancy_reflns_obs            ? 
_refine_ls_shell.pdbx_refine_id                   'X-RAY DIFFRACTION' 
# 
_struct.entry_id                  3E17 
_struct.title                     'Crystal structure of the second PDZ domain from human Zona Occludens-2' 
_struct.pdbx_model_details        ? 
_struct.pdbx_CASP_flag            ? 
_struct.pdbx_model_type_details   ? 
# 
_struct_keywords.entry_id        3E17 
_struct_keywords.pdbx_keywords   'CELL ADHESION' 
_struct_keywords.text            
;domain swapping, Alternative promoter usage, Alternative splicing, Cell junction, Cell membrane, Disease mutation, Membrane, Nucleus, Phosphoprotein, Polymorphism, SH3 domain, Tight junction, CELL ADHESION
;
# 
loop_
_struct_asym.id 
_struct_asym.pdbx_blank_PDB_chainid_flag 
_struct_asym.pdbx_modified 
_struct_asym.entity_id 
_struct_asym.details 
A N N 1 ? 
B N N 1 ? 
C N N 2 ? 
D N N 2 ? 
# 
_struct_biol.id        1 
_struct_biol.details   ? 
# 
loop_
_struct_conf.conf_type_id 
_struct_conf.id 
_struct_conf.pdbx_PDB_helix_id 
_struct_conf.beg_label_comp_id 
_struct_conf.beg_label_asym_id 
_struct_conf.beg_label_seq_id 
_struct_conf.pdbx_beg_PDB_ins_code 
_struct_conf.end_label_comp_id 
_struct_conf.end_label_asym_id 
_struct_conf.end_label_seq_id 
_struct_conf.pdbx_end_PDB_ins_code 
_struct_conf.beg_auth_comp_id 
_struct_conf.beg_auth_asym_id 
_struct_conf.beg_auth_seq_id 
_struct_conf.end_auth_comp_id 
_struct_conf.end_auth_asym_id 
_struct_conf.end_auth_seq_id 
_struct_conf.pdbx_PDB_helix_class 
_struct_conf.details 
_struct_conf.pdbx_PDB_helix_length 
HELX_P HELX_P1 1 GLY A 32 ? GLY A 38 ? GLY A 32 GLY A 38 1 ? 7  
HELX_P HELX_P2 2 SER A 58 ? SER A 69 ? SER A 58 SER A 69 1 ? 12 
HELX_P HELX_P3 3 GLY B 32 ? GLY B 38 ? GLY B 32 GLY B 38 1 ? 7  
HELX_P HELX_P4 4 SER B 58 ? SER B 69 ? SER B 58 SER B 69 1 ? 12 
# 
_struct_conf_type.id          HELX_P 
_struct_conf_type.criteria    ? 
_struct_conf_type.reference   ? 
# 
loop_
_struct_sheet.id 
_struct_sheet.type 
_struct_sheet.number_strands 
_struct_sheet.details 
A ? 8 ? 
B ? 6 ? 
# 
loop_
_struct_sheet_order.sheet_id 
_struct_sheet_order.range_id_1 
_struct_sheet_order.range_id_2 
_struct_sheet_order.offset 
_struct_sheet_order.sense 
A 1 2 ? anti-parallel 
A 2 3 ? anti-parallel 
A 3 4 ? anti-parallel 
A 4 5 ? anti-parallel 
A 5 6 ? anti-parallel 
A 6 7 ? anti-parallel 
A 7 8 ? anti-parallel 
B 1 2 ? anti-parallel 
B 2 3 ? anti-parallel 
B 3 4 ? anti-parallel 
B 4 5 ? anti-parallel 
B 5 6 ? anti-parallel 
# 
loop_
_struct_sheet_range.sheet_id 
_struct_sheet_range.id 
_struct_sheet_range.beg_label_comp_id 
_struct_sheet_range.beg_label_asym_id 
_struct_sheet_range.beg_label_seq_id 
_struct_sheet_range.pdbx_beg_PDB_ins_code 
_struct_sheet_range.end_label_comp_id 
_struct_sheet_range.end_label_asym_id 
_struct_sheet_range.end_label_seq_id 
_struct_sheet_range.pdbx_end_PDB_ins_code 
_struct_sheet_range.beg_auth_comp_id 
_struct_sheet_range.beg_auth_asym_id 
_struct_sheet_range.beg_auth_seq_id 
_struct_sheet_range.end_auth_comp_id 
_struct_sheet_range.end_auth_asym_id 
_struct_sheet_range.end_auth_seq_id 
A 1 ILE A 2  ? MET A 7  ? ILE A 2  MET A 7  
A 2 LYS B 72 ? VAL B 77 ? LYS B 72 VAL B 77 
A 3 ILE B 45 ? ILE B 49 ? ILE B 45 ILE B 49 
A 4 LEU B 17 ? MET B 28 ? LEU B 17 MET B 28 
A 5 LEU A 17 ? MET A 28 ? LEU A 17 MET A 28 
A 6 ILE A 45 ? ILE A 49 ? ILE A 45 ILE A 49 
A 7 LYS A 72 ? VAL A 77 ? LYS A 72 VAL A 77 
A 8 ILE B 2  ? MET B 7  ? ILE B 2  MET B 7  
B 1 THR A 52 ? VAL A 53 ? THR A 52 VAL A 53 
B 2 ILE A 45 ? ILE A 49 ? ILE A 45 ILE A 49 
B 3 LEU A 17 ? MET A 28 ? LEU A 17 MET A 28 
B 4 LEU B 17 ? MET B 28 ? LEU B 17 MET B 28 
B 5 ILE B 45 ? ILE B 49 ? ILE B 45 ILE B 49 
B 6 THR B 52 ? VAL B 53 ? THR B 52 VAL B 53 
# 
loop_
_pdbx_struct_sheet_hbond.sheet_id 
_pdbx_struct_sheet_hbond.range_id_1 
_pdbx_struct_sheet_hbond.range_id_2 
_pdbx_struct_sheet_hbond.range_1_label_atom_id 
_pdbx_struct_sheet_hbond.range_1_label_comp_id 
_pdbx_struct_sheet_hbond.range_1_label_asym_id 
_pdbx_struct_sheet_hbond.range_1_label_seq_id 
_pdbx_struct_sheet_hbond.range_1_PDB_ins_code 
_pdbx_struct_sheet_hbond.range_1_auth_atom_id 
_pdbx_struct_sheet_hbond.range_1_auth_comp_id 
_pdbx_struct_sheet_hbond.range_1_auth_asym_id 
_pdbx_struct_sheet_hbond.range_1_auth_seq_id 
_pdbx_struct_sheet_hbond.range_2_label_atom_id 
_pdbx_struct_sheet_hbond.range_2_label_comp_id 
_pdbx_struct_sheet_hbond.range_2_label_asym_id 
_pdbx_struct_sheet_hbond.range_2_label_seq_id 
_pdbx_struct_sheet_hbond.range_2_PDB_ins_code 
_pdbx_struct_sheet_hbond.range_2_auth_atom_id 
_pdbx_struct_sheet_hbond.range_2_auth_comp_id 
_pdbx_struct_sheet_hbond.range_2_auth_asym_id 
_pdbx_struct_sheet_hbond.range_2_auth_seq_id 
A 1 2 N VAL A 4  ? N VAL A 4  O LEU B 75 ? O LEU B 75 
A 2 3 O VAL B 76 ? O VAL B 76 N LEU B 47 ? N LEU B 47 
A 3 4 O ILE B 46 ? O ILE B 46 N ILE B 23 ? N ILE B 23 
A 4 5 O GLU B 27 ? O GLU B 27 N ARG A 18 ? N ARG A 18 
A 5 6 N ILE A 23 ? N ILE A 23 O ILE A 46 ? O ILE A 46 
A 6 7 N LEU A 47 ? N LEU A 47 O VAL A 76 ? O VAL A 76 
A 7 8 N LEU A 75 ? N LEU A 75 O VAL B 4  ? O VAL B 4  
B 1 2 O THR A 52 ? O THR A 52 N ILE A 49 ? N ILE A 49 
B 2 3 O ILE A 46 ? O ILE A 46 N ILE A 23 ? N ILE A 23 
B 3 4 N ARG A 18 ? N ARG A 18 O GLU B 27 ? O GLU B 27 
B 4 5 N ILE B 23 ? N ILE B 23 O ILE B 46 ? O ILE B 46 
B 5 6 N ILE B 49 ? N ILE B 49 O THR B 52 ? O THR B 52 
# 
_atom_sites.entry_id                    3E17 
_atom_sites.fract_transf_matrix[1][1]   0.02293204 
_atom_sites.fract_transf_matrix[1][2]   -0.02690418 
_atom_sites.fract_transf_matrix[1][3]   0.01311283 
_atom_sites.fract_transf_matrix[2][1]   0.00691774 
_atom_sites.fract_transf_matrix[2][2]   0.02292988 
_atom_sites.fract_transf_matrix[2][3]   0.01019925 
_atom_sites.fract_transf_matrix[3][1]   -0.02233750 
_atom_sites.fract_transf_matrix[3][2]   -0.00054514 
_atom_sites.fract_transf_matrix[3][3]   0.01335680 
_atom_sites.fract_transf_vector[1]      0.019795 
_atom_sites.fract_transf_vector[2]      0.077753 
_atom_sites.fract_transf_vector[3]      -0.061407 
# 
loop_
_atom_type.symbol 
C 
N 
O 
S 
# 
loop_
_atom_site.group_PDB 
_atom_site.id 
_atom_site.type_symbol 
_atom_site.label_atom_id 
_atom_site.label_alt_id 
_atom_site.label_comp_id 
_atom_site.label_asym_id 
_atom_site.label_entity_id 
_atom_site.label_seq_id 
_atom_site.pdbx_PDB_ins_code 
_atom_site.Cartn_x 
_atom_site.Cartn_y 
_atom_site.Cartn_z 
_atom_site.occupancy 
_atom_site.B_iso_or_equiv 
_atom_site.pdbx_formal_charge 
_atom_site.auth_seq_id 
_atom_site.auth_comp_id 
_atom_site.auth_asym_id 
_atom_site.auth_atom_id 
_atom_site.pdbx_PDB_model_num 
ATOM   1    N N   . MET A 1 1  ? 3.997   17.034  2.674   1.00 34.51 ? 1   MET A N   1 
ATOM   2    C CA  . MET A 1 1  ? 5.128   16.095  2.414   1.00 34.28 ? 1   MET A CA  1 
ATOM   3    C C   . MET A 1 1  ? 6.364   16.534  3.151   1.00 33.29 ? 1   MET A C   1 
ATOM   4    O O   . MET A 1 1  ? 6.679   17.726  3.193   1.00 33.91 ? 1   MET A O   1 
ATOM   5    C CB  . MET A 1 1  ? 5.505   16.051  0.947   1.00 34.03 ? 1   MET A CB  1 
ATOM   6    C CG  . MET A 1 1  ? 4.402   15.751  -0.023  1.00 35.73 ? 1   MET A CG  1 
ATOM   7    S SD  . MET A 1 1  ? 5.163   15.583  -1.625  1.00 36.77 ? 1   MET A SD  1 
ATOM   8    C CE  . MET A 1 1  ? 5.582   17.271  -2.105  1.00 34.52 ? 1   MET A CE  1 
ATOM   9    N N   . ILE A 1 2  ? 7.076   15.572  3.718   1.00 31.50 ? 2   ILE A N   1 
ATOM   10   C CA  . ILE A 1 2  ? 8.336   15.868  4.360   1.00 30.26 ? 2   ILE A CA  1 
ATOM   11   C C   . ILE A 1 2  ? 9.396   14.916  3.864   1.00 28.99 ? 2   ILE A C   1 
ATOM   12   O O   . ILE A 1 2  ? 9.108   13.752  3.524   1.00 28.05 ? 2   ILE A O   1 
ATOM   13   C CB  . ILE A 1 2  ? 8.259   15.801  5.908   1.00 31.23 ? 2   ILE A CB  1 
ATOM   14   C CG1 . ILE A 1 2  ? 7.999   14.370  6.382   1.00 30.94 ? 2   ILE A CG1 1 
ATOM   15   C CG2 . ILE A 1 2  ? 7.240   16.825  6.466   1.00 31.50 ? 2   ILE A CG2 1 
ATOM   16   C CD1 . ILE A 1 2  ? 8.644   14.066  7.721   1.00 34.39 ? 2   ILE A CD1 1 
ATOM   17   N N   . GLY A 1 3  ? 10.626  15.421  3.806   1.00 27.34 ? 3   GLY A N   1 
ATOM   18   C CA  . GLY A 1 3  ? 11.756  14.623  3.378   1.00 25.34 ? 3   GLY A CA  1 
ATOM   19   C C   . GLY A 1 3  ? 12.503  14.081  4.583   1.00 24.92 ? 3   GLY A C   1 
ATOM   20   O O   . GLY A 1 3  ? 12.612  14.750  5.618   1.00 24.95 ? 3   GLY A O   1 
ATOM   21   N N   . VAL A 1 4  ? 12.992  12.860  4.465   1.00 22.97 ? 4   VAL A N   1 
ATOM   22   C CA  . VAL A 1 4  ? 13.791  12.237  5.512   1.00 22.33 ? 4   VAL A CA  1 
ATOM   23   C C   . VAL A 1 4  ? 15.026  11.694  4.837   1.00 22.38 ? 4   VAL A C   1 
ATOM   24   O O   . VAL A 1 4  ? 14.932  10.983  3.833   1.00 22.56 ? 4   VAL A O   1 
ATOM   25   C CB  . VAL A 1 4  ? 13.007  11.098  6.234   1.00 22.11 ? 4   VAL A CB  1 
ATOM   26   C CG1 . VAL A 1 4  ? 13.909  10.348  7.250   1.00 21.11 ? 4   VAL A CG1 1 
ATOM   27   C CG2 . VAL A 1 4  ? 11.747  11.662  6.893   1.00 21.60 ? 4   VAL A CG2 1 
ATOM   28   N N   . LEU A 1 5  ? 16.190  12.015  5.392   1.00 21.85 ? 5   LEU A N   1 
ATOM   29   C CA  . LEU A 1 5  ? 17.443  11.555  4.841   1.00 23.03 ? 5   LEU A CA  1 
ATOM   30   C C   . LEU A 1 5  ? 18.195  10.710  5.861   1.00 22.92 ? 5   LEU A C   1 
ATOM   31   O O   . LEU A 1 5  ? 18.560  11.190  6.953   1.00 22.95 ? 5   LEU A O   1 
ATOM   32   C CB  . LEU A 1 5  ? 18.289  12.761  4.391   1.00 23.07 ? 5   LEU A CB  1 
ATOM   33   C CG  . LEU A 1 5  ? 19.694  12.468  3.865   1.00 24.33 ? 5   LEU A CG  1 
ATOM   34   C CD1 . LEU A 1 5  ? 19.719  11.604  2.618   1.00 25.10 ? 5   LEU A CD1 1 
ATOM   35   C CD2 . LEU A 1 5  ? 20.447  13.806  3.623   1.00 25.74 ? 5   LEU A CD2 1 
ATOM   36   N N   . LEU A 1 6  ? 18.416  9.452   5.518   1.00 22.22 ? 6   LEU A N   1 
ATOM   37   C CA  . LEU A 1 6  ? 19.143  8.537   6.397   1.00 22.16 ? 6   LEU A CA  1 
ATOM   38   C C   . LEU A 1 6  ? 20.499  8.269   5.781   1.00 22.98 ? 6   LEU A C   1 
ATOM   39   O O   . LEU A 1 6  ? 20.595  8.001   4.599   1.00 22.35 ? 6   LEU A O   1 
ATOM   40   C CB  . LEU A 1 6  ? 18.360  7.224   6.567   1.00 22.12 ? 6   LEU A CB  1 
ATOM   41   C CG  . LEU A 1 6  ? 16.925  7.383   7.105   1.00 20.73 ? 6   LEU A CG  1 
ATOM   42   C CD1 . LEU A 1 6  ? 16.334  5.975   7.366   1.00 20.13 ? 6   LEU A CD1 1 
ATOM   43   C CD2 . LEU A 1 6  ? 16.887  8.304   8.377   1.00 21.61 ? 6   LEU A CD2 1 
ATOM   44   N N   . MET A 1 7  ? 21.553  8.294   6.593   1.00 23.64 ? 7   MET A N   1 
ATOM   45   C CA  . MET A 1 7  ? 22.900  8.232   6.048   1.00 24.73 ? 7   MET A CA  1 
ATOM   46   C C   . MET A 1 7  ? 23.740  7.270   6.886   1.00 24.44 ? 7   MET A C   1 
ATOM   47   O O   . MET A 1 7  ? 23.894  7.474   8.083   1.00 24.58 ? 7   MET A O   1 
ATOM   48   C CB  . MET A 1 7  ? 23.505  9.654   6.089   1.00 25.55 ? 7   MET A CB  1 
ATOM   49   C CG  . MET A 1 7  ? 24.695  9.867   5.201   1.00 31.12 ? 7   MET A CG  1 
ATOM   50   S SD  . MET A 1 7  ? 24.198  10.492  3.590   1.00 40.33 ? 7   MET A SD  1 
ATOM   51   C CE  . MET A 1 7  ? 23.566  12.106  4.045   1.00 36.63 ? 7   MET A CE  1 
ATOM   52   N N   . LYS A 1 8  ? 24.287  6.238   6.257   1.00 24.46 ? 8   LYS A N   1 
ATOM   53   C CA  . LYS A 1 8  ? 25.075  5.221   6.967   1.00 25.42 ? 8   LYS A CA  1 
ATOM   54   C C   . LYS A 1 8  ? 26.486  5.742   7.240   1.00 27.32 ? 8   LYS A C   1 
ATOM   55   O O   . LYS A 1 8  ? 26.942  6.662   6.566   1.00 26.90 ? 8   LYS A O   1 
ATOM   56   C CB  . LYS A 1 8  ? 25.148  3.926   6.180   1.00 25.78 ? 8   LYS A CB  1 
ATOM   57   C CG  . LYS A 1 8  ? 23.796  3.173   6.119   1.00 25.74 ? 8   LYS A CG  1 
ATOM   58   C CD  . LYS A 1 8  ? 23.941  1.811   5.478   1.00 25.24 ? 8   LYS A CD  1 
ATOM   59   C CE  . LYS A 1 8  ? 22.620  1.029   5.600   1.00 25.45 ? 8   LYS A CE  1 
ATOM   60   N NZ  . LYS A 1 8  ? 22.695  -0.306  4.938   1.00 26.07 ? 8   LYS A NZ  1 
ATOM   61   N N   . SER A 1 9  ? 27.108  5.165   8.266   1.00 28.45 ? 9   SER A N   1 
ATOM   62   C CA  . SER A 1 9  ? 28.533  5.343   8.576   1.00 30.93 ? 9   SER A CA  1 
ATOM   63   C C   . SER A 1 9  ? 28.963  4.171   9.453   1.00 32.13 ? 9   SER A C   1 
ATOM   64   O O   . SER A 1 9  ? 28.145  3.311   9.805   1.00 31.64 ? 9   SER A O   1 
ATOM   65   C CB  . SER A 1 9  ? 28.725  6.620   9.351   1.00 30.44 ? 9   SER A CB  1 
ATOM   66   O OG  . SER A 1 9  ? 28.297  6.387   10.680  1.00 34.20 ? 9   SER A OG  1 
ATOM   67   N N   . ARG A 1 10 ? 30.239  4.141   9.847   1.00 32.82 ? 10  ARG A N   1 
ATOM   68   C CA  . ARG A 1 10 ? 30.705  3.096   10.755  1.00 33.91 ? 10  ARG A CA  1 
ATOM   69   C C   . ARG A 1 10 ? 30.047  3.170   12.160  1.00 33.33 ? 10  ARG A C   1 
ATOM   70   O O   . ARG A 1 10 ? 30.109  2.200   12.919  1.00 34.16 ? 10  ARG A O   1 
ATOM   71   C CB  . ARG A 1 10 ? 32.254  3.101   10.810  1.00 33.81 ? 10  ARG A CB  1 
ATOM   72   C CG  . ARG A 1 10 ? 32.887  2.822   9.432   1.00 35.49 ? 10  ARG A CG  1 
ATOM   73   C CD  . ARG A 1 10 ? 34.385  2.504   9.467   1.00 36.11 ? 10  ARG A CD  1 
ATOM   74   N NE  . ARG A 1 10 ? 34.756  1.702   10.637  1.00 41.57 ? 10  ARG A NE  1 
ATOM   75   C CZ  . ARG A 1 10 ? 36.001  1.476   11.042  1.00 42.62 ? 10  ARG A CZ  1 
ATOM   76   N NH1 . ARG A 1 10 ? 37.033  1.981   10.371  1.00 43.41 ? 10  ARG A NH1 1 
ATOM   77   N NH2 . ARG A 1 10 ? 36.211  0.742   12.134  1.00 44.58 ? 10  ARG A NH2 1 
ATOM   78   N N   . ALA A 1 11 ? 29.437  4.308   12.476  1.00 32.81 ? 11  ALA A N   1 
ATOM   79   C CA  . ALA A 1 11 ? 28.708  4.464   13.728  1.00 32.83 ? 11  ALA A CA  1 
ATOM   80   C C   . ALA A 1 11 ? 27.410  3.662   13.715  1.00 32.78 ? 11  ALA A C   1 
ATOM   81   O O   . ALA A 1 11 ? 27.005  3.100   14.733  1.00 33.20 ? 11  ALA A O   1 
ATOM   82   C CB  . ALA A 1 11 ? 28.422  5.933   13.997  1.00 32.89 ? 11  ALA A CB  1 
ATOM   83   N N   . ASN A 1 12 ? 26.763  3.613   12.555  1.00 32.57 ? 12  ASN A N   1 
ATOM   84   C CA  . ASN A 1 12 ? 25.536  2.842   12.394  1.00 31.77 ? 12  ASN A CA  1 
ATOM   85   C C   . ASN A 1 12 ? 25.277  2.468   10.938  1.00 31.84 ? 12  ASN A C   1 
ATOM   86   O O   . ASN A 1 12 ? 25.067  3.338   10.093  1.00 32.86 ? 12  ASN A O   1 
ATOM   87   C CB  . ASN A 1 12 ? 24.342  3.611   12.960  1.00 31.78 ? 12  ASN A CB  1 
ATOM   88   C CG  . ASN A 1 12 ? 23.151  2.716   13.242  1.00 30.36 ? 12  ASN A CG  1 
ATOM   89   O OD1 . ASN A 1 12 ? 23.101  1.571   12.790  1.00 31.00 ? 12  ASN A OD1 1 
ATOM   90   N ND2 . ASN A 1 12 ? 22.185  3.233   13.992  1.00 27.41 ? 12  ASN A ND2 1 
ATOM   91   N N   . GLU A 1 13 ? 25.294  1.171   10.654  1.00 30.16 ? 13  GLU A N   1 
ATOM   92   C CA  . GLU A 1 13 ? 25.159  0.685   9.286   1.00 30.65 ? 13  GLU A CA  1 
ATOM   93   C C   . GLU A 1 13 ? 23.765  0.120   9.036   1.00 28.72 ? 13  GLU A C   1 
ATOM   94   O O   . GLU A 1 13 ? 23.509  -0.489  7.997   1.00 30.57 ? 13  GLU A O   1 
ATOM   95   C CB  . GLU A 1 13 ? 26.218  -0.378  8.987   1.00 30.37 ? 13  GLU A CB  1 
ATOM   96   C CG  . GLU A 1 13 ? 27.650  0.114   9.133   1.00 34.96 ? 13  GLU A CG  1 
ATOM   97   C CD  . GLU A 1 13 ? 28.234  0.602   7.822   1.00 38.51 ? 13  GLU A CD  1 
ATOM   98   O OE1 . GLU A 1 13 ? 27.555  1.383   7.121   1.00 40.17 ? 13  GLU A OE1 1 
ATOM   99   O OE2 . GLU A 1 13 ? 29.371  0.205   7.492   1.00 42.56 ? 13  GLU A OE2 1 
ATOM   100  N N   . GLU A 1 14 ? 22.868  0.324   9.995   1.00 26.65 ? 14  GLU A N   1 
ATOM   101  C CA  . GLU A 1 14 ? 21.537  -0.309  9.958   1.00 24.77 ? 14  GLU A CA  1 
ATOM   102  C C   . GLU A 1 14 ? 20.468  0.760   9.721   1.00 22.20 ? 14  GLU A C   1 
ATOM   103  O O   . GLU A 1 14 ? 20.226  1.562   10.604  1.00 20.82 ? 14  GLU A O   1 
ATOM   104  C CB  . GLU A 1 14 ? 21.282  -1.018  11.302  1.00 25.33 ? 14  GLU A CB  1 
ATOM   105  C CG  . GLU A 1 14 ? 19.863  -1.633  11.469  1.00 26.68 ? 14  GLU A CG  1 
ATOM   106  C CD  . GLU A 1 14 ? 19.407  -1.776  12.920  1.00 28.49 ? 14  GLU A CD  1 
ATOM   107  O OE1 . GLU A 1 14 ? 20.174  -1.493  13.867  1.00 27.64 ? 14  GLU A OE1 1 
ATOM   108  O OE2 . GLU A 1 14 ? 18.244  -2.189  13.132  1.00 28.73 ? 14  GLU A OE2 1 
ATOM   109  N N   . TYR A 1 15 ? 19.828  0.793   8.549   1.00 21.60 ? 15  TYR A N   1 
ATOM   110  C CA  . TYR A 1 15 ? 18.637  1.697   8.429   1.00 21.62 ? 15  TYR A CA  1 
ATOM   111  C C   . TYR A 1 15 ? 17.588  1.362   9.497   1.00 21.41 ? 15  TYR A C   1 
ATOM   112  O O   . TYR A 1 15 ? 16.954  2.253   10.064  1.00 22.15 ? 15  TYR A O   1 
ATOM   113  C CB  . TYR A 1 15 ? 17.984  1.649   7.049   1.00 21.14 ? 15  TYR A CB  1 
ATOM   114  C CG  . TYR A 1 15 ? 18.761  2.276   5.905   1.00 20.67 ? 15  TYR A CG  1 
ATOM   115  C CD1 . TYR A 1 15 ? 19.334  3.569   6.013   1.00 21.99 ? 15  TYR A CD1 1 
ATOM   116  C CD2 . TYR A 1 15 ? 18.905  1.595   4.709   1.00 23.70 ? 15  TYR A CD2 1 
ATOM   117  C CE1 . TYR A 1 15 ? 20.073  4.148   4.930   1.00 19.80 ? 15  TYR A CE1 1 
ATOM   118  C CE2 . TYR A 1 15 ? 19.639  2.158   3.615   1.00 23.89 ? 15  TYR A CE2 1 
ATOM   119  C CZ  . TYR A 1 15 ? 20.216  3.423   3.740   1.00 23.24 ? 15  TYR A CZ  1 
ATOM   120  O OH  . TYR A 1 15 ? 20.908  3.976   2.655   1.00 23.40 ? 15  TYR A OH  1 
ATOM   121  N N   . GLY A 1 16 ? 17.363  0.063   9.731   1.00 22.14 ? 16  GLY A N   1 
ATOM   122  C CA  . GLY A 1 16 ? 16.375  -0.356  10.728  1.00 20.92 ? 16  GLY A CA  1 
ATOM   123  C C   . GLY A 1 16 ? 14.975  0.069   10.299  1.00 20.85 ? 16  GLY A C   1 
ATOM   124  O O   . GLY A 1 16 ? 14.239  0.640   11.096  1.00 19.80 ? 16  GLY A O   1 
ATOM   125  N N   . LEU A 1 17 ? 14.676  -0.153  9.016   1.00 20.95 ? 17  LEU A N   1 
ATOM   126  C CA  . LEU A 1 17 ? 13.413  0.285   8.365   1.00 21.27 ? 17  LEU A CA  1 
ATOM   127  C C   . LEU A 1 17 ? 12.814  -0.922  7.643   1.00 21.90 ? 17  LEU A C   1 
ATOM   128  O O   . LEU A 1 17 ? 13.403  -1.412  6.682   1.00 22.78 ? 17  LEU A O   1 
ATOM   129  C CB  . LEU A 1 17 ? 13.709  1.408   7.347   1.00 21.41 ? 17  LEU A CB  1 
ATOM   130  C CG  . LEU A 1 17 ? 12.580  2.044   6.520   1.00 22.77 ? 17  LEU A CG  1 
ATOM   131  C CD1 . LEU A 1 17 ? 11.527  2.530   7.468   1.00 22.91 ? 17  LEU A CD1 1 
ATOM   132  C CD2 . LEU A 1 17 ? 13.057  3.234   5.632   1.00 25.81 ? 17  LEU A CD2 1 
ATOM   133  N N   . ARG A 1 18 ? 11.683  -1.427  8.129   1.00 20.36 ? 18  ARG A N   1 
ATOM   134  C CA  . ARG A 1 18 ? 10.989  -2.503  7.442   1.00 20.99 ? 18  ARG A CA  1 
ATOM   135  C C   . ARG A 1 18 ? 9.788   -1.923  6.709   1.00 19.69 ? 18  ARG A C   1 
ATOM   136  O O   . ARG A 1 18 ? 8.989   -1.205  7.294   1.00 19.82 ? 18  ARG A O   1 
ATOM   137  C CB  . ARG A 1 18 ? 10.512  -3.557  8.440   1.00 22.15 ? 18  ARG A CB  1 
ATOM   138  C CG  . ARG A 1 18 ? 9.873   -4.747  7.726   1.00 27.71 ? 18  ARG A CG  1 
ATOM   139  C CD  . ARG A 1 18 ? 9.964   -5.953  8.628   1.00 35.68 ? 18  ARG A CD  1 
ATOM   140  N NE  . ARG A 1 18 ? 9.246   -5.729  9.870   1.00 39.36 ? 18  ARG A NE  1 
ATOM   141  C CZ  . ARG A 1 18 ? 8.079   -6.290  10.145  1.00 40.88 ? 18  ARG A CZ  1 
ATOM   142  N NH1 . ARG A 1 18 ? 7.529   -7.103  9.248   1.00 41.16 ? 18  ARG A NH1 1 
ATOM   143  N NH2 . ARG A 1 18 ? 7.480   -6.039  11.301  1.00 42.07 ? 18  ARG A NH2 1 
ATOM   144  N N   . LEU A 1 19 ? 9.715   -2.178  5.420   1.00 19.95 ? 19  LEU A N   1 
ATOM   145  C CA  . LEU A 1 19 ? 8.633   -1.662  4.617   1.00 20.32 ? 19  LEU A CA  1 
ATOM   146  C C   . LEU A 1 19 ? 7.546   -2.712  4.464   1.00 19.52 ? 19  LEU A C   1 
ATOM   147  O O   . LEU A 1 19 ? 7.823   -3.902  4.544   1.00 19.58 ? 19  LEU A O   1 
ATOM   148  C CB  . LEU A 1 19 ? 9.148   -1.346  3.220   1.00 21.44 ? 19  LEU A CB  1 
ATOM   149  C CG  . LEU A 1 19 ? 9.677   0.038   2.811   1.00 25.94 ? 19  LEU A CG  1 
ATOM   150  C CD1 . LEU A 1 19 ? 10.043  0.970   3.919   1.00 26.71 ? 19  LEU A CD1 1 
ATOM   151  C CD2 . LEU A 1 19 ? 10.781  -0.173  1.787   1.00 27.35 ? 19  LEU A CD2 1 
ATOM   152  N N   . GLY A 1 20 ? 6.323   -2.253  4.243   1.00 18.67 ? 20  GLY A N   1 
ATOM   153  C CA  . GLY A 1 20 ? 5.228   -3.131  3.766   1.00 17.32 ? 20  GLY A CA  1 
ATOM   154  C C   . GLY A 1 20 ? 4.525   -2.481  2.591   1.00 18.22 ? 20  GLY A C   1 
ATOM   155  O O   . GLY A 1 20 ? 4.836   -1.358  2.219   1.00 16.46 ? 20  GLY A O   1 
ATOM   156  N N   . SER A 1 21 ? 3.584   -3.208  1.967   1.00 18.21 ? 21  SER A N   1 
ATOM   157  C CA  . SER A 1 21 ? 2.689   -2.566  1.021   1.00 17.83 ? 21  SER A CA  1 
ATOM   158  C C   . SER A 1 21 ? 1.240   -2.874  1.412   1.00 17.39 ? 21  SER A C   1 
ATOM   159  O O   . SER A 1 21 ? 0.945   -3.890  2.057   1.00 17.32 ? 21  SER A O   1 
ATOM   160  C CB  . SER A 1 21 ? 2.960   -2.991  -0.435  1.00 18.16 ? 21  SER A CB  1 
ATOM   161  O OG  . SER A 1 21 ? 2.571   -4.340  -0.702  1.00 18.31 ? 21  SER A OG  1 
ATOM   162  N N   . GLN A 1 22 ? 0.365   -1.953  1.060   1.00 17.05 ? 22  GLN A N   1 
ATOM   163  C CA  . GLN A 1 22 ? -1.083  -2.189  1.243   1.00 16.27 ? 22  GLN A CA  1 
ATOM   164  C C   . GLN A 1 22 ? -1.803  -1.827  -0.036  1.00 16.73 ? 22  GLN A C   1 
ATOM   165  O O   . GLN A 1 22 ? -1.400  -0.941  -0.781  1.00 15.98 ? 22  GLN A O   1 
ATOM   166  C CB  . GLN A 1 22 ? -1.664  -1.449  2.455   1.00 17.48 ? 22  GLN A CB  1 
ATOM   167  C CG  . GLN A 1 22 ? -1.594  0.076   2.382   1.00 20.52 ? 22  GLN A CG  1 
ATOM   168  C CD  . GLN A 1 22 ? -1.669  0.743   3.767   1.00 22.59 ? 22  GLN A CD  1 
ATOM   169  O OE1 . GLN A 1 22 ? -1.742  0.086   4.800   1.00 29.98 ? 22  GLN A OE1 1 
ATOM   170  N NE2 . GLN A 1 22 ? -1.636  2.045   3.770   1.00 26.26 ? 22  GLN A NE2 1 
ATOM   171  N N   . ILE A 1 23 ? -2.902  -2.536  -0.255  1.00 15.75 ? 23  ILE A N   1 
ATOM   172  C CA  . ILE A 1 23 ? -3.770  -2.315  -1.400  1.00 16.07 ? 23  ILE A CA  1 
ATOM   173  C C   . ILE A 1 23 ? -4.884  -1.373  -0.928  1.00 16.17 ? 23  ILE A C   1 
ATOM   174  O O   . ILE A 1 23 ? -5.423  -1.553  0.172   1.00 15.89 ? 23  ILE A O   1 
ATOM   175  C CB  . ILE A 1 23 ? -4.399  -3.653  -1.866  1.00 15.76 ? 23  ILE A CB  1 
ATOM   176  C CG1 . ILE A 1 23 ? -3.327  -4.672  -2.350  1.00 16.32 ? 23  ILE A CG1 1 
ATOM   177  C CG2 . ILE A 1 23 ? -5.494  -3.368  -2.889  1.00 17.06 ? 23  ILE A CG2 1 
ATOM   178  C CD1 . ILE A 1 23 ? -2.435  -4.162  -3.520  1.00 17.63 ? 23  ILE A CD1 1 
ATOM   179  N N   . PHE A 1 24 ? -5.197  -0.357  -1.729  1.00 16.26 ? 24  PHE A N   1 
ATOM   180  C CA  . PHE A 1 24 ? -6.238  0.607   -1.353  1.00 16.54 ? 24  PHE A CA  1 
ATOM   181  C C   . PHE A 1 24 ? -7.187  0.960   -2.496  1.00 16.36 ? 24  PHE A C   1 
ATOM   182  O O   . PHE A 1 24 ? -6.886  0.694   -3.669  1.00 15.46 ? 24  PHE A O   1 
ATOM   183  C CB  . PHE A 1 24 ? -5.613  1.863   -0.729  1.00 15.91 ? 24  PHE A CB  1 
ATOM   184  C CG  . PHE A 1 24 ? -4.939  2.776   -1.731  1.00 16.81 ? 24  PHE A CG  1 
ATOM   185  C CD1 . PHE A 1 24 ? -3.628  2.505   -2.193  1.00 18.55 ? 24  PHE A CD1 1 
ATOM   186  C CD2 . PHE A 1 24 ? -5.618  3.882   -2.221  1.00 17.59 ? 24  PHE A CD2 1 
ATOM   187  C CE1 . PHE A 1 24 ? -3.016  3.369   -3.124  1.00 18.85 ? 24  PHE A CE1 1 
ATOM   188  C CE2 . PHE A 1 24 ? -5.023  4.749   -3.142  1.00 18.88 ? 24  PHE A CE2 1 
ATOM   189  C CZ  . PHE A 1 24 ? -3.728  4.467   -3.604  1.00 17.30 ? 24  PHE A CZ  1 
ATOM   190  N N   . VAL A 1 25 ? -8.341  1.529   -2.140  1.00 15.99 ? 25  VAL A N   1 
ATOM   191  C CA  . VAL A 1 25 ? -9.337  1.932   -3.136  1.00 16.92 ? 25  VAL A CA  1 
ATOM   192  C C   . VAL A 1 25 ? -8.907  3.276   -3.734  1.00 17.44 ? 25  VAL A C   1 
ATOM   193  O O   . VAL A 1 25 ? -9.023  4.315   -3.072  1.00 18.62 ? 25  VAL A O   1 
ATOM   194  C CB  . VAL A 1 25 ? -10.756 2.040   -2.523  1.00 16.42 ? 25  VAL A CB  1 
ATOM   195  C CG1 . VAL A 1 25 ? -11.742 2.532   -3.550  1.00 17.74 ? 25  VAL A CG1 1 
ATOM   196  C CG2 . VAL A 1 25 ? -11.189 0.687   -1.991  1.00 16.11 ? 25  VAL A CG2 1 
ATOM   197  N N   . LYS A 1 26 ? -8.404  3.230   -4.972  1.00 18.64 ? 26  LYS A N   1 
ATOM   198  C CA  . LYS A 1 26 ? -7.989  4.469   -5.667  1.00 19.37 ? 26  LYS A CA  1 
ATOM   199  C C   . LYS A 1 26 ? -9.201  5.266   -6.122  1.00 21.21 ? 26  LYS A C   1 
ATOM   200  O O   . LYS A 1 26 ? -9.300  6.462   -5.857  1.00 20.93 ? 26  LYS A O   1 
ATOM   201  C CB  . LYS A 1 26 ? -7.053  4.177   -6.826  1.00 20.36 ? 26  LYS A CB  1 
ATOM   202  C CG  . LYS A 1 26 ? -6.488  5.408   -7.525  1.00 19.58 ? 26  LYS A CG  1 
ATOM   203  C CD  . LYS A 1 26 ? -5.476  6.118   -6.679  1.00 23.38 ? 26  LYS A CD  1 
ATOM   204  C CE  . LYS A 1 26 ? -4.693  7.145   -7.546  1.00 25.02 ? 26  LYS A CE  1 
ATOM   205  N NZ  . LYS A 1 26 ? -3.864  7.994   -6.632  1.00 26.02 ? 26  LYS A NZ  1 
ATOM   206  N N   . GLU A 1 27 ? -10.141 4.603   -6.784  1.00 21.20 ? 27  GLU A N   1 
ATOM   207  C CA  . GLU A 1 27 ? -11.292 5.302   -7.310  1.00 21.80 ? 27  GLU A CA  1 
ATOM   208  C C   . GLU A 1 27 ? -12.460 4.338   -7.404  1.00 21.91 ? 27  GLU A C   1 
ATOM   209  O O   . GLU A 1 27 ? -12.256 3.143   -7.650  1.00 21.50 ? 27  GLU A O   1 
ATOM   210  C CB  . GLU A 1 27 ? -10.986 5.807   -8.725  1.00 22.12 ? 27  GLU A CB  1 
ATOM   211  C CG  . GLU A 1 27 ? -12.152 6.555   -9.331  1.00 25.41 ? 27  GLU A CG  1 
ATOM   212  C CD  . GLU A 1 27 ? -12.062 6.710   -10.845 1.00 29.68 ? 27  GLU A CD  1 
ATOM   213  O OE1 . GLU A 1 27 ? -11.050 6.255   -11.464 1.00 30.12 ? 27  GLU A OE1 1 
ATOM   214  O OE2 . GLU A 1 27 ? -13.030 7.296   -11.390 1.00 31.97 ? 27  GLU A OE2 1 
ATOM   215  N N   . MET A 1 28 ? -13.662 4.866   -7.193  1.00 22.77 ? 28  MET A N   1 
ATOM   216  C CA  . MET A 1 28 ? -14.871 4.125   -7.543  1.00 23.64 ? 28  MET A CA  1 
ATOM   217  C C   . MET A 1 28 ? -15.589 4.900   -8.645  1.00 23.58 ? 28  MET A C   1 
ATOM   218  O O   . MET A 1 28 ? -15.831 6.112   -8.520  1.00 24.79 ? 28  MET A O   1 
ATOM   219  C CB  . MET A 1 28 ? -15.757 3.942   -6.317  1.00 24.33 ? 28  MET A CB  1 
ATOM   220  C CG  . MET A 1 28 ? -15.083 3.190   -5.190  1.00 25.81 ? 28  MET A CG  1 
ATOM   221  S SD  . MET A 1 28 ? -16.094 3.089   -3.721  1.00 29.90 ? 28  MET A SD  1 
ATOM   222  C CE  . MET A 1 28 ? -16.395 4.813   -3.300  1.00 31.00 ? 28  MET A CE  1 
ATOM   223  N N   . THR A 1 29 ? -15.923 4.228   -9.738  1.00 23.61 ? 29  THR A N   1 
ATOM   224  C CA  . THR A 1 29 ? -16.558 4.928   -10.849 1.00 24.19 ? 29  THR A CA  1 
ATOM   225  C C   . THR A 1 29 ? -18.021 5.261   -10.485 1.00 23.94 ? 29  THR A C   1 
ATOM   226  O O   . THR A 1 29 ? -18.646 4.618   -9.626  1.00 21.74 ? 29  THR A O   1 
ATOM   227  C CB  . THR A 1 29 ? -16.496 4.087   -12.136 1.00 24.51 ? 29  THR A CB  1 
ATOM   228  O OG1 . THR A 1 29 ? -17.379 2.956   -11.986 1.00 22.61 ? 29  THR A OG1 1 
ATOM   229  C CG2 . THR A 1 29 ? -15.068 3.602   -12.418 1.00 27.15 ? 29  THR A CG2 1 
ATOM   230  N N   . ARG A 1 30 ? -18.566 6.296   -11.111 1.00 22.56 ? 30  ARG A N   1 
ATOM   231  C CA  . ARG A 1 30 ? -19.919 6.721   -10.808 1.00 23.56 ? 30  ARG A CA  1 
ATOM   232  C C   . ARG A 1 30 ? -20.959 5.618   -11.113 1.00 22.70 ? 30  ARG A C   1 
ATOM   233  O O   . ARG A 1 30 ? -21.954 5.516   -10.407 1.00 22.17 ? 30  ARG A O   1 
ATOM   234  C CB  . ARG A 1 30 ? -20.259 7.995   -11.587 1.00 24.11 ? 30  ARG A CB  1 
ATOM   235  C CG  . ARG A 1 30 ? -19.697 9.252   -10.947 1.00 27.05 ? 30  ARG A CG  1 
ATOM   236  C CD  . ARG A 1 30 ? -20.565 10.449  -11.336 1.00 35.31 ? 30  ARG A CD  1 
ATOM   237  N NE  . ARG A 1 30 ? -20.047 11.755  -10.895 1.00 36.54 ? 30  ARG A NE  1 
ATOM   238  C CZ  . ARG A 1 30 ? -18.879 12.275  -11.273 1.00 39.31 ? 30  ARG A CZ  1 
ATOM   239  N NH1 . ARG A 1 30 ? -18.073 11.602  -12.089 1.00 37.09 ? 30  ARG A NH1 1 
ATOM   240  N NH2 . ARG A 1 30 ? -18.516 13.481  -10.834 1.00 39.65 ? 30  ARG A NH2 1 
ATOM   241  N N   . THR A 1 31 ? -20.652 4.796   -12.119 1.00 22.49 ? 31  THR A N   1 
ATOM   242  C CA  . THR A 1 31 ? -21.603 3.830   -12.696 1.00 23.57 ? 31  THR A CA  1 
ATOM   243  C C   . THR A 1 31 ? -21.435 2.390   -12.152 1.00 23.06 ? 31  THR A C   1 
ATOM   244  O O   . THR A 1 31 ? -22.252 1.513   -12.445 1.00 21.96 ? 31  THR A O   1 
ATOM   245  C CB  . THR A 1 31 ? -21.509 3.799   -14.239 1.00 24.32 ? 31  THR A CB  1 
ATOM   246  O OG1 . THR A 1 31 ? -20.176 3.485   -14.655 1.00 24.22 ? 31  THR A OG1 1 
ATOM   247  C CG2 . THR A 1 31 ? -21.909 5.144   -14.830 1.00 24.99 ? 31  THR A CG2 1 
ATOM   248  N N   . GLY A 1 32 ? -20.377 2.163   -11.365 1.00 21.19 ? 32  GLY A N   1 
ATOM   249  C CA  . GLY A 1 32 ? -20.029 0.828   -10.926 1.00 21.32 ? 32  GLY A CA  1 
ATOM   250  C C   . GLY A 1 32 ? -20.778 0.287   -9.727  1.00 19.79 ? 32  GLY A C   1 
ATOM   251  O O   . GLY A 1 32 ? -21.438 1.015   -8.990  1.00 20.28 ? 32  GLY A O   1 
ATOM   252  N N   . LEU A 1 33 ? -20.628 -1.018  -9.508  1.00 20.59 ? 33  LEU A N   1 
ATOM   253  C CA  . LEU A 1 33 ? -21.243 -1.673  -8.346  1.00 19.83 ? 33  LEU A CA  1 
ATOM   254  C C   . LEU A 1 33 ? -20.673 -1.214  -7.022  1.00 20.19 ? 33  LEU A C   1 
ATOM   255  O O   . LEU A 1 33 ? -21.357 -1.217  -6.024  1.00 20.24 ? 33  LEU A O   1 
ATOM   256  C CB  . LEU A 1 33 ? -21.084 -3.198  -8.459  1.00 20.36 ? 33  LEU A CB  1 
ATOM   257  C CG  . LEU A 1 33 ? -21.876 -3.841  -9.587  1.00 21.57 ? 33  LEU A CG  1 
ATOM   258  C CD1 . LEU A 1 33 ? -21.358 -5.226  -9.796  1.00 22.38 ? 33  LEU A CD1 1 
ATOM   259  C CD2 . LEU A 1 33 ? -23.398 -3.843  -9.237  1.00 24.44 ? 33  LEU A CD2 1 
ATOM   260  N N   . ALA A 1 34 ? -19.394 -0.829  -7.007  1.00 20.03 ? 34  ALA A N   1 
ATOM   261  C CA  . ALA A 1 34 ? -18.791 -0.314  -5.787  1.00 20.02 ? 34  ALA A CA  1 
ATOM   262  C C   . ALA A 1 34 ? -19.539 0.911   -5.302  1.00 20.13 ? 34  ALA A C   1 
ATOM   263  O O   . ALA A 1 34 ? -19.896 1.014   -4.126  1.00 20.52 ? 34  ALA A O   1 
ATOM   264  C CB  . ALA A 1 34 ? -17.311 -0.010  -6.002  1.00 18.72 ? 34  ALA A CB  1 
ATOM   265  N N   . THR A 1 35 ? -19.806 1.842   -6.208  1.00 20.53 ? 35  THR A N   1 
ATOM   266  C CA  . THR A 1 35 ? -20.558 3.040   -5.858  1.00 21.42 ? 35  THR A CA  1 
ATOM   267  C C   . THR A 1 35 ? -22.025 2.687   -5.486  1.00 21.95 ? 35  THR A C   1 
ATOM   268  O O   . THR A 1 35 ? -22.556 3.142   -4.461  1.00 22.28 ? 35  THR A O   1 
ATOM   269  C CB  . THR A 1 35 ? -20.480 4.102   -6.998  1.00 21.34 ? 35  THR A CB  1 
ATOM   270  O OG1 . THR A 1 35 ? -19.140 4.644   -7.060  1.00 20.99 ? 35  THR A OG1 1 
ATOM   271  C CG2 . THR A 1 35 ? -21.491 5.234   -6.757  1.00 22.97 ? 35  THR A CG2 1 
ATOM   272  N N   . LYS A 1 36 ? -22.654 1.864   -6.308  1.00 22.20 ? 36  LYS A N   1 
ATOM   273  C CA  . LYS A 1 36 ? -24.075 1.521   -6.119  1.00 23.17 ? 36  LYS A CA  1 
ATOM   274  C C   . LYS A 1 36 ? -24.288 0.862   -4.744  1.00 23.49 ? 36  LYS A C   1 
ATOM   275  O O   . LYS A 1 36 ? -25.240 1.215   -4.040  1.00 23.60 ? 36  LYS A O   1 
ATOM   276  C CB  . LYS A 1 36 ? -24.567 0.638   -7.273  1.00 22.99 ? 36  LYS A CB  1 
ATOM   277  C CG  . LYS A 1 36 ? -26.027 0.075   -7.137  1.00 24.55 ? 36  LYS A CG  1 
ATOM   278  C CD  . LYS A 1 36 ? -26.263 -0.980  -8.226  1.00 29.32 ? 36  LYS A CD  1 
ATOM   279  C CE  . LYS A 1 36 ? -27.362 -1.991  -7.891  1.00 32.91 ? 36  LYS A CE  1 
ATOM   280  N NZ  . LYS A 1 36 ? -27.259 -3.231  -8.774  1.00 33.66 ? 36  LYS A NZ  1 
ATOM   281  N N   . ASP A 1 37 ? -23.365 -0.014  -4.334  1.00 22.64 ? 37  ASP A N   1 
ATOM   282  C CA  . ASP A 1 37 ? -23.457 -0.699  -3.021  1.00 22.61 ? 37  ASP A CA  1 
ATOM   283  C C   . ASP A 1 37 ? -23.326 0.269   -1.818  1.00 22.94 ? 37  ASP A C   1 
ATOM   284  O O   . ASP A 1 37 ? -23.949 0.050   -0.768  1.00 23.25 ? 37  ASP A O   1 
ATOM   285  C CB  . ASP A 1 37 ? -22.410 -1.817  -2.925  1.00 22.57 ? 37  ASP A CB  1 
ATOM   286  C CG  . ASP A 1 37 ? -22.288 -2.391  -1.523  1.00 22.84 ? 37  ASP A CG  1 
ATOM   287  O OD1 . ASP A 1 37 ? -23.131 -3.236  -1.157  1.00 21.05 ? 37  ASP A OD1 1 
ATOM   288  O OD2 . ASP A 1 37 ? -21.371 -1.992  -0.782  1.00 23.06 ? 37  ASP A OD2 1 
ATOM   289  N N   . GLY A 1 38 ? -22.473 1.286   -1.982  1.00 21.38 ? 38  GLY A N   1 
ATOM   290  C CA  . GLY A 1 38 ? -22.399 2.431   -1.089  1.00 22.61 ? 38  GLY A CA  1 
ATOM   291  C C   . GLY A 1 38 ? -21.599 2.263   0.190   1.00 23.09 ? 38  GLY A C   1 
ATOM   292  O O   . GLY A 1 38 ? -21.502 3.209   0.987   1.00 23.17 ? 38  GLY A O   1 
ATOM   293  N N   . ASN A 1 39 ? -21.052 1.060   0.399   1.00 22.91 ? 39  ASN A N   1 
ATOM   294  C CA  . ASN A 1 39 ? -20.313 0.744   1.623   1.00 23.51 ? 39  ASN A CA  1 
ATOM   295  C C   . ASN A 1 39 ? -18.833 1.116   1.568   1.00 23.81 ? 39  ASN A C   1 
ATOM   296  O O   . ASN A 1 39 ? -18.287 1.637   2.550   1.00 23.23 ? 39  ASN A O   1 
ATOM   297  C CB  . ASN A 1 39 ? -20.512 -0.722  2.048   1.00 23.55 ? 39  ASN A CB  1 
ATOM   298  C CG  . ASN A 1 39 ? -21.939 -0.995  2.529   1.00 23.61 ? 39  ASN A CG  1 
ATOM   299  O OD1 . ASN A 1 39 ? -22.377 -0.458  3.547   1.00 27.32 ? 39  ASN A OD1 1 
ATOM   300  N ND2 . ASN A 1 39 ? -22.662 -1.815  1.797   1.00 24.56 ? 39  ASN A ND2 1 
ATOM   301  N N   . LEU A 1 40 ? -18.206 0.849   0.422   1.00 23.96 ? 40  LEU A N   1 
ATOM   302  C CA  . LEU A 1 40 ? -16.784 1.171   0.192   1.00 24.44 ? 40  LEU A CA  1 
ATOM   303  C C   . LEU A 1 40 ? -16.528 2.669   0.082   1.00 24.66 ? 40  LEU A C   1 
ATOM   304  O O   . LEU A 1 40 ? -17.373 3.422   -0.429  1.00 24.42 ? 40  LEU A O   1 
ATOM   305  C CB  . LEU A 1 40 ? -16.293 0.500   -1.098  1.00 24.92 ? 40  LEU A CB  1 
ATOM   306  C CG  . LEU A 1 40 ? -15.451 -0.760  -1.147  1.00 27.88 ? 40  LEU A CG  1 
ATOM   307  C CD1 . LEU A 1 40 ? -14.811 -0.858  -2.567  1.00 27.47 ? 40  LEU A CD1 1 
ATOM   308  C CD2 . LEU A 1 40 ? -14.405 -0.746  -0.077  1.00 22.80 ? 40  LEU A CD2 1 
ATOM   309  N N   . HIS A 1 41 ? -15.361 3.108   0.568   1.00 24.68 ? 41  HIS A N   1 
ATOM   310  C CA  . HIS A 1 41 ? -14.939 4.493   0.439   1.00 25.79 ? 41  HIS A CA  1 
ATOM   311  C C   . HIS A 1 41 ? -13.613 4.602   -0.311  1.00 25.17 ? 41  HIS A C   1 
ATOM   312  O O   . HIS A 1 41 ? -12.717 3.756   -0.147  1.00 23.81 ? 41  HIS A O   1 
ATOM   313  C CB  . HIS A 1 41 ? -14.763 5.136   1.816   1.00 26.84 ? 41  HIS A CB  1 
ATOM   314  C CG  . HIS A 1 41 ? -16.006 5.161   2.642   1.00 30.72 ? 41  HIS A CG  1 
ATOM   315  N ND1 . HIS A 1 41 ? -15.978 5.265   4.018   1.00 35.06 ? 41  HIS A ND1 1 
ATOM   316  C CD2 . HIS A 1 41 ? -17.316 5.093   2.295   1.00 33.67 ? 41  HIS A CD2 1 
ATOM   317  C CE1 . HIS A 1 41 ? -17.216 5.264   4.482   1.00 36.27 ? 41  HIS A CE1 1 
ATOM   318  N NE2 . HIS A 1 41 ? -18.046 5.168   3.456   1.00 36.81 ? 41  HIS A NE2 1 
ATOM   319  N N   . GLU A 1 42 ? -13.491 5.640   -1.136  1.00 24.29 ? 42  GLU A N   1 
ATOM   320  C CA  . GLU A 1 42 ? -12.220 5.950   -1.748  1.00 25.64 ? 42  GLU A CA  1 
ATOM   321  C C   . GLU A 1 42 ? -11.183 6.086   -0.630  1.00 23.97 ? 42  GLU A C   1 
ATOM   322  O O   . GLU A 1 42 ? -11.474 6.667   0.431   1.00 23.58 ? 42  GLU A O   1 
ATOM   323  C CB  . GLU A 1 42 ? -12.347 7.254   -2.543  1.00 26.93 ? 42  GLU A CB  1 
ATOM   324  C CG  . GLU A 1 42 ? -11.228 7.510   -3.491  1.00 31.55 ? 42  GLU A CG  1 
ATOM   325  C CD  . GLU A 1 42 ? -11.368 8.837   -4.215  1.00 38.04 ? 42  GLU A CD  1 
ATOM   326  O OE1 . GLU A 1 42 ? -12.278 8.964   -5.075  1.00 38.55 ? 42  GLU A OE1 1 
ATOM   327  O OE2 . GLU A 1 42 ? -10.557 9.754   -3.922  1.00 40.48 ? 42  GLU A OE2 1 
ATOM   328  N N   . GLY A 1 43 ? -9.999  5.524   -0.851  1.00 22.94 ? 43  GLY A N   1 
ATOM   329  C CA  . GLY A 1 43 ? -8.943  5.537   0.158   1.00 22.01 ? 43  GLY A CA  1 
ATOM   330  C C   . GLY A 1 43 ? -9.030  4.411   1.186   1.00 21.66 ? 43  GLY A C   1 
ATOM   331  O O   . GLY A 1 43 ? -8.083  4.219   1.974   1.00 22.40 ? 43  GLY A O   1 
ATOM   332  N N   . ASP A 1 44 ? -10.125 3.651   1.194   1.00 20.89 ? 44  ASP A N   1 
ATOM   333  C CA  . ASP A 1 44 ? -10.207 2.440   2.066   1.00 19.90 ? 44  ASP A CA  1 
ATOM   334  C C   . ASP A 1 44 ? -9.057  1.479   1.815   1.00 19.98 ? 44  ASP A C   1 
ATOM   335  O O   . ASP A 1 44 ? -8.696  1.224   0.674   1.00 18.95 ? 44  ASP A O   1 
ATOM   336  C CB  . ASP A 1 44 ? -11.498 1.644   1.833   1.00 19.77 ? 44  ASP A CB  1 
ATOM   337  C CG  . ASP A 1 44 ? -12.672 2.179   2.625   1.00 22.24 ? 44  ASP A CG  1 
ATOM   338  O OD1 . ASP A 1 44 ? -12.453 2.934   3.572   1.00 24.39 ? 44  ASP A OD1 1 
ATOM   339  O OD2 . ASP A 1 44 ? -13.819 1.827   2.306   1.00 23.74 ? 44  ASP A OD2 1 
ATOM   340  N N   . ILE A 1 45 ? -8.518  0.908   2.880   1.00 19.44 ? 45  ILE A N   1 
ATOM   341  C CA  . ILE A 1 45 ? -7.494  -0.122  2.743   1.00 20.19 ? 45  ILE A CA  1 
ATOM   342  C C   . ILE A 1 45 ? -8.167  -1.468  2.673   1.00 19.97 ? 45  ILE A C   1 
ATOM   343  O O   . ILE A 1 45 ? -8.976  -1.818  3.560   1.00 19.98 ? 45  ILE A O   1 
ATOM   344  C CB  . ILE A 1 45 ? -6.505  -0.138  3.928   1.00 19.96 ? 45  ILE A CB  1 
ATOM   345  C CG1 . ILE A 1 45 ? -5.940  1.269   4.187   1.00 22.32 ? 45  ILE A CG1 1 
ATOM   346  C CG2 . ILE A 1 45 ? -5.407  -1.214  3.675   1.00 21.55 ? 45  ILE A CG2 1 
ATOM   347  C CD1 . ILE A 1 45 ? -5.085  1.804   3.055   1.00 23.65 ? 45  ILE A CD1 1 
ATOM   348  N N   . ILE A 1 46 ? -7.871  -2.202  1.599   1.00 18.97 ? 46  ILE A N   1 
ATOM   349  C CA  . ILE A 1 46 ? -8.398  -3.542  1.427   1.00 20.10 ? 46  ILE A CA  1 
ATOM   350  C C   . ILE A 1 46 ? -7.520  -4.478  2.236   1.00 20.61 ? 46  ILE A C   1 
ATOM   351  O O   . ILE A 1 46 ? -6.297  -4.480  2.071   1.00 22.51 ? 46  ILE A O   1 
ATOM   352  C CB  . ILE A 1 46 ? -8.358  -3.993  -0.072  1.00 19.40 ? 46  ILE A CB  1 
ATOM   353  C CG1 . ILE A 1 46 ? -9.106  -3.002  -0.984  1.00 19.71 ? 46  ILE A CG1 1 
ATOM   354  C CG2 . ILE A 1 46 ? -8.884  -5.429  -0.230  1.00 21.69 ? 46  ILE A CG2 1 
ATOM   355  C CD1 . ILE A 1 46 ? -10.520 -2.756  -0.608  1.00 21.96 ? 46  ILE A CD1 1 
ATOM   356  N N   . LEU A 1 47 ? -8.131  -5.305  3.073   1.00 19.04 ? 47  LEU A N   1 
ATOM   357  C CA  . LEU A 1 47 ? -7.376  -6.307  3.844   1.00 20.03 ? 47  LEU A CA  1 
ATOM   358  C C   . LEU A 1 47 ? -7.397  -7.711  3.249   1.00 19.94 ? 47  LEU A C   1 
ATOM   359  O O   . LEU A 1 47 ? -6.425  -8.469  3.380   1.00 19.82 ? 47  LEU A O   1 
ATOM   360  C CB  . LEU A 1 47 ? -7.896  -6.373  5.293   1.00 19.82 ? 47  LEU A CB  1 
ATOM   361  C CG  . LEU A 1 47 ? -7.759  -5.081  6.096   1.00 20.36 ? 47  LEU A CG  1 
ATOM   362  C CD1 . LEU A 1 47 ? -8.491  -5.217  7.462   1.00 23.12 ? 47  LEU A CD1 1 
ATOM   363  C CD2 . LEU A 1 47 ? -6.268  -4.623  6.245   1.00 22.41 ? 47  LEU A CD2 1 
ATOM   364  N N   . LYS A 1 48 ? -8.524  -8.069  2.633   1.00 19.59 ? 48  LYS A N   1 
ATOM   365  C CA  . LYS A 1 48 ? -8.680  -9.348  1.974   1.00 20.46 ? 48  LYS A CA  1 
ATOM   366  C C   . LYS A 1 48 ? -9.567  -9.241  0.738   1.00 20.39 ? 48  LYS A C   1 
ATOM   367  O O   . LYS A 1 48 ? -10.489 -8.424  0.664   1.00 19.69 ? 48  LYS A O   1 
ATOM   368  C CB  . LYS A 1 48 ? -9.281  -10.405 2.924   1.00 21.03 ? 48  LYS A CB  1 
ATOM   369  C CG  . LYS A 1 48 ? -8.518  -10.626 4.221   1.00 25.39 ? 48  LYS A CG  1 
ATOM   370  C CD  . LYS A 1 48 ? -9.337  -11.408 5.251   1.00 29.66 ? 48  LYS A CD  1 
ATOM   371  C CE  . LYS A 1 48 ? -9.513  -12.854 4.898   1.00 31.32 ? 48  LYS A CE  1 
ATOM   372  N NZ  . LYS A 1 48 ? -10.410 -13.493 5.961   1.00 31.66 ? 48  LYS A NZ  1 
ATOM   373  N N   . ILE A 1 49 ? -9.239  -10.065 -0.241  1.00 20.59 ? 49  ILE A N   1 
ATOM   374  C CA  . ILE A 1 49 ? -10.046 -10.219 -1.441  1.00 22.60 ? 49  ILE A CA  1 
ATOM   375  C C   . ILE A 1 49 ? -10.404 -11.685 -1.558  1.00 23.45 ? 49  ILE A C   1 
ATOM   376  O O   . ILE A 1 49 ? -9.523  -12.544 -1.774  1.00 23.74 ? 49  ILE A O   1 
ATOM   377  C CB  . ILE A 1 49 ? -9.320  -9.752  -2.728  1.00 22.45 ? 49  ILE A CB  1 
ATOM   378  C CG1 . ILE A 1 49 ? -8.952  -8.272  -2.630  1.00 22.89 ? 49  ILE A CG1 1 
ATOM   379  C CG2 . ILE A 1 49 ? -10.210 -10.001 -3.959  1.00 22.76 ? 49  ILE A CG2 1 
ATOM   380  C CD1 . ILE A 1 49 ? -7.989  -7.798  -3.725  1.00 25.57 ? 49  ILE A CD1 1 
ATOM   381  N N   . ASN A 1 50 ? -11.700 -11.971 -1.432  1.00 24.21 ? 50  ASN A N   1 
ATOM   382  C CA  . ASN A 1 50 ? -12.192 -13.355 -1.519  1.00 25.83 ? 50  ASN A CA  1 
ATOM   383  C C   . ASN A 1 50 ? -11.368 -14.347 -0.683  1.00 25.48 ? 50  ASN A C   1 
ATOM   384  O O   . ASN A 1 50 ? -11.004 -15.431 -1.154  1.00 25.63 ? 50  ASN A O   1 
ATOM   385  C CB  . ASN A 1 50 ? -12.297 -13.764 -2.996  1.00 25.68 ? 50  ASN A CB  1 
ATOM   386  C CG  . ASN A 1 50 ? -13.547 -13.185 -3.664  1.00 27.59 ? 50  ASN A CG  1 
ATOM   387  O OD1 . ASN A 1 50 ? -14.491 -12.800 -2.979  1.00 31.17 ? 50  ASN A OD1 1 
ATOM   388  N ND2 . ASN A 1 50 ? -13.560 -13.132 -4.984  1.00 31.86 ? 50  ASN A ND2 1 
ATOM   389  N N   . GLY A 1 51 ? -11.087 -13.953 0.552   1.00 26.42 ? 51  GLY A N   1 
ATOM   390  C CA  . GLY A 1 51 ? -10.408 -14.804 1.525   1.00 26.74 ? 51  GLY A CA  1 
ATOM   391  C C   . GLY A 1 51 ? -8.890  -14.650 1.576   1.00 26.52 ? 51  GLY A C   1 
ATOM   392  O O   . GLY A 1 51 ? -8.263  -15.055 2.567   1.00 27.23 ? 51  GLY A O   1 
ATOM   393  N N   . THR A 1 52 ? -8.305  -14.062 0.533   1.00 25.59 ? 52  THR A N   1 
ATOM   394  C CA  . THR A 1 52 ? -6.827  -13.913 0.436   1.00 24.90 ? 52  THR A CA  1 
ATOM   395  C C   . THR A 1 52 ? -6.344  -12.567 0.973   1.00 24.09 ? 52  THR A C   1 
ATOM   396  O O   . THR A 1 52 ? -6.754  -11.528 0.495   1.00 22.89 ? 52  THR A O   1 
ATOM   397  C CB  . THR A 1 52 ? -6.355  -14.076 -0.998  1.00 24.81 ? 52  THR A CB  1 
ATOM   398  O OG1 . THR A 1 52 ? -6.715  -15.379 -1.439  1.00 26.66 ? 52  THR A OG1 1 
ATOM   399  C CG2 . THR A 1 52 ? -4.843  -13.940 -1.107  1.00 26.09 ? 52  THR A CG2 1 
ATOM   400  N N   . VAL A 1 53 ? -5.443  -12.620 1.945   1.00 23.44 ? 53  VAL A N   1 
ATOM   401  C CA  . VAL A 1 53 ? -4.903  -11.430 2.608   1.00 23.65 ? 53  VAL A CA  1 
ATOM   402  C C   . VAL A 1 53 ? -4.054  -10.651 1.610   1.00 23.44 ? 53  VAL A C   1 
ATOM   403  O O   . VAL A 1 53 ? -3.268  -11.256 0.865   1.00 24.15 ? 53  VAL A O   1 
ATOM   404  C CB  . VAL A 1 53 ? -4.049  -11.869 3.814   1.00 24.54 ? 53  VAL A CB  1 
ATOM   405  C CG1 . VAL A 1 53 ? -3.081  -10.762 4.277   1.00 27.33 ? 53  VAL A CG1 1 
ATOM   406  C CG2 . VAL A 1 53 ? -4.952  -12.406 4.942   1.00 25.29 ? 53  VAL A CG2 1 
ATOM   407  N N   . THR A 1 54 ? -4.179  -9.329  1.638   1.00 21.80 ? 54  THR A N   1 
ATOM   408  C CA  . THR A 1 54 ? -3.536  -8.472  0.638   1.00 21.92 ? 54  THR A CA  1 
ATOM   409  C C   . THR A 1 54 ? -2.300  -7.704  1.121   1.00 21.29 ? 54  THR A C   1 
ATOM   410  O O   . THR A 1 54 ? -1.594  -7.108  0.289   1.00 20.41 ? 54  THR A O   1 
ATOM   411  C CB  . THR A 1 54 ? -4.521  -7.522  -0.052  1.00 22.41 ? 54  THR A CB  1 
ATOM   412  O OG1 . THR A 1 54 ? -5.202  -6.740  0.925   1.00 24.05 ? 54  THR A OG1 1 
ATOM   413  C CG2 . THR A 1 54 ? -5.536  -8.337  -0.911  1.00 21.00 ? 54  THR A CG2 1 
ATOM   414  N N   . GLU A 1 55 ? -2.035  -7.698  2.431   1.00 20.63 ? 55  GLU A N   1 
ATOM   415  C CA  . GLU A 1 55 ? -0.797  -7.016  2.911   1.00 21.91 ? 55  GLU A CA  1 
ATOM   416  C C   . GLU A 1 55 ? 0.411   -7.581  2.167   1.00 21.17 ? 55  GLU A C   1 
ATOM   417  O O   . GLU A 1 55 ? 0.540   -8.779  2.028   1.00 20.46 ? 55  GLU A O   1 
ATOM   418  C CB  . GLU A 1 55 ? -0.613  -7.166  4.417   1.00 21.69 ? 55  GLU A CB  1 
ATOM   419  C CG  . GLU A 1 55 ? 0.326   -6.092  4.997   1.00 26.13 ? 55  GLU A CG  1 
ATOM   420  C CD  . GLU A 1 55 ? 0.547   -6.232  6.501   1.00 30.42 ? 55  GLU A CD  1 
ATOM   421  O OE1 . GLU A 1 55 ? -0.091  -7.116  7.137   1.00 31.28 ? 55  GLU A OE1 1 
ATOM   422  O OE2 . GLU A 1 55 ? 1.371   -5.467  7.043   1.00 28.09 ? 55  GLU A OE2 1 
ATOM   423  N N   . ASN A 1 56 ? 1.270   -6.682  1.671   1.00 21.43 ? 56  ASN A N   1 
ATOM   424  C CA  . ASN A 1 56 ? 2.453   -7.006  0.912   1.00 21.22 ? 56  ASN A CA  1 
ATOM   425  C C   . ASN A 1 56 ? 2.224   -7.657  -0.446  1.00 20.72 ? 56  ASN A C   1 
ATOM   426  O O   . ASN A 1 56 ? 3.176   -8.067  -1.079  1.00 21.44 ? 56  ASN A O   1 
ATOM   427  C CB  . ASN A 1 56 ? 3.458   -7.823  1.741   1.00 21.43 ? 56  ASN A CB  1 
ATOM   428  C CG  . ASN A 1 56 ? 3.905   -7.095  2.992   1.00 22.13 ? 56  ASN A CG  1 
ATOM   429  O OD1 . ASN A 1 56 ? 3.674   -5.888  3.154   1.00 21.53 ? 56  ASN A OD1 1 
ATOM   430  N ND2 . ASN A 1 56 ? 4.574   -7.821  3.877   1.00 25.88 ? 56  ASN A ND2 1 
ATOM   431  N N   . MET A 1 57 ? 0.967   -7.770  -0.884  1.00 20.23 ? 57  MET A N   1 
ATOM   432  C CA  . MET A 1 57 ? 0.682   -8.274  -2.224  1.00 20.35 ? 57  MET A CA  1 
ATOM   433  C C   . MET A 1 57 ? 0.842   -7.168  -3.278  1.00 20.04 ? 57  MET A C   1 
ATOM   434  O O   . MET A 1 57 ? 0.409   -6.027  -3.074  1.00 20.00 ? 57  MET A O   1 
ATOM   435  C CB  . MET A 1 57 ? -0.735  -8.875  -2.287  1.00 20.50 ? 57  MET A CB  1 
ATOM   436  C CG  . MET A 1 57 ? -1.117  -9.324  -3.658  1.00 22.44 ? 57  MET A CG  1 
ATOM   437  S SD  . MET A 1 57 ? -2.710  -10.157 -3.710  1.00 26.30 ? 57  MET A SD  1 
ATOM   438  C CE  . MET A 1 57 ? -2.432  -11.527 -2.576  1.00 26.94 ? 57  MET A CE  1 
ATOM   439  N N   . SER A 1 58 ? 1.427   -7.517  -4.422  1.00 20.06 ? 58  SER A N   1 
ATOM   440  C CA  . SER A 1 58 ? 1.555   -6.539  -5.503  1.00 20.11 ? 58  SER A CA  1 
ATOM   441  C C   . SER A 1 58 ? 0.175   -6.171  -6.060  1.00 20.67 ? 58  SER A C   1 
ATOM   442  O O   . SER A 1 58 ? -0.754  -6.996  -6.049  1.00 20.82 ? 58  SER A O   1 
ATOM   443  C CB  . SER A 1 58 ? 2.458   -7.079  -6.612  1.00 21.13 ? 58  SER A CB  1 
ATOM   444  O OG  . SER A 1 58 ? 1.799   -8.089  -7.372  1.00 21.62 ? 58  SER A OG  1 
ATOM   445  N N   . LEU A 1 59 ? 0.052   -4.941  -6.537  1.00 20.43 ? 59  LEU A N   1 
ATOM   446  C CA  . LEU A 1 59 ? -1.137  -4.477  -7.247  1.00 20.25 ? 59  LEU A CA  1 
ATOM   447  C C   . LEU A 1 59 ? -1.524  -5.425  -8.387  1.00 20.60 ? 59  LEU A C   1 
ATOM   448  O O   . LEU A 1 59 ? -2.698  -5.734  -8.554  1.00 19.81 ? 59  LEU A O   1 
ATOM   449  C CB  . LEU A 1 59 ? -0.882  -3.098  -7.844  1.00 20.69 ? 59  LEU A CB  1 
ATOM   450  C CG  . LEU A 1 59 ? -2.115  -2.398  -8.443  1.00 20.29 ? 59  LEU A CG  1 
ATOM   451  C CD1 . LEU A 1 59 ? -3.367  -2.543  -7.557  1.00 22.11 ? 59  LEU A CD1 1 
ATOM   452  C CD2 . LEU A 1 59 ? -1.831  -0.920  -8.781  1.00 22.50 ? 59  LEU A CD2 1 
ATOM   453  N N   . THR A 1 60 ? -0.540  -5.840  -9.200  1.00 21.42 ? 60  THR A N   1 
ATOM   454  C CA  . THR A 1 60 ? -0.781  -6.818  -10.262 1.00 22.30 ? 60  THR A CA  1 
ATOM   455  C C   . THR A 1 60 ? -1.428  -8.102  -9.728  1.00 22.47 ? 60  THR A C   1 
ATOM   456  O O   . THR A 1 60 ? -2.433  -8.576  -10.275 1.00 22.99 ? 60  THR A O   1 
ATOM   457  C CB  . THR A 1 60 ? 0.535   -7.138  -11.036 1.00 22.45 ? 60  THR A CB  1 
ATOM   458  O OG1 . THR A 1 60 ? 1.047   -5.919  -11.583 1.00 26.19 ? 60  THR A OG1 1 
ATOM   459  C CG2 . THR A 1 60 ? 0.291   -8.121  -12.174 1.00 23.26 ? 60  THR A CG2 1 
ATOM   460  N N   . ASP A 1 61 ? -0.863  -8.681  -8.672  1.00 22.17 ? 61  ASP A N   1 
ATOM   461  C CA  . ASP A 1 61 ? -1.481  -9.858  -8.084  1.00 22.48 ? 61  ASP A CA  1 
ATOM   462  C C   . ASP A 1 61 ? -2.884  -9.601  -7.510  1.00 22.20 ? 61  ASP A C   1 
ATOM   463  O O   . ASP A 1 61 ? -3.799  -10.413 -7.734  1.00 22.72 ? 61  ASP A O   1 
ATOM   464  C CB  . ASP A 1 61 ? -0.559  -10.486 -7.053  1.00 22.92 ? 61  ASP A CB  1 
ATOM   465  C CG  . ASP A 1 61 ? 0.633   -11.203 -7.700  1.00 25.43 ? 61  ASP A CG  1 
ATOM   466  O OD1 . ASP A 1 61 ? 0.690   -11.291 -8.952  1.00 28.18 ? 61  ASP A OD1 1 
ATOM   467  O OD2 . ASP A 1 61 ? 1.500   -11.688 -6.950  1.00 26.59 ? 61  ASP A OD2 1 
ATOM   468  N N   . ALA A 1 62 ? -3.062  -8.477  -6.796  1.00 21.07 ? 62  ALA A N   1 
ATOM   469  C CA  . ALA A 1 62 ? -4.388  -8.128  -6.265  1.00 20.99 ? 62  ALA A CA  1 
ATOM   470  C C   . ALA A 1 62 ? -5.419  -8.018  -7.408  1.00 21.38 ? 62  ALA A C   1 
ATOM   471  O O   . ALA A 1 62 ? -6.547  -8.519  -7.285  1.00 21.88 ? 62  ALA A O   1 
ATOM   472  C CB  . ALA A 1 62 ? -4.344  -6.844  -5.459  1.00 20.64 ? 62  ALA A CB  1 
ATOM   473  N N   . ARG A 1 63 ? -5.023  -7.390  -8.518  1.00 21.18 ? 63  ARG A N   1 
ATOM   474  C CA  . ARG A 1 63 ? -5.915  -7.235  -9.684  1.00 22.44 ? 63  ARG A CA  1 
ATOM   475  C C   . ARG A 1 63 ? -6.291  -8.602  -10.283 1.00 23.49 ? 63  ARG A C   1 
ATOM   476  O O   . ARG A 1 63 ? -7.424  -8.814  -10.737 1.00 23.16 ? 63  ARG A O   1 
ATOM   477  C CB  . ARG A 1 63 ? -5.298  -6.314  -10.729 1.00 22.28 ? 63  ARG A CB  1 
ATOM   478  C CG  . ARG A 1 63 ? -5.258  -4.883  -10.249 1.00 24.50 ? 63  ARG A CG  1 
ATOM   479  C CD  . ARG A 1 63 ? -4.608  -3.984  -11.262 1.00 25.74 ? 63  ARG A CD  1 
ATOM   480  N NE  . ARG A 1 63 ? -4.970  -2.603  -10.988 1.00 28.24 ? 63  ARG A NE  1 
ATOM   481  C CZ  . ARG A 1 63 ? -4.272  -1.556  -11.396 1.00 29.19 ? 63  ARG A CZ  1 
ATOM   482  N NH1 . ARG A 1 63 ? -3.143  -1.739  -12.086 1.00 30.71 ? 63  ARG A NH1 1 
ATOM   483  N NH2 . ARG A 1 63 ? -4.690  -0.335  -11.100 1.00 28.83 ? 63  ARG A NH2 1 
ATOM   484  N N   . LYS A 1 64 ? -5.344  -9.535  -10.264 1.00 23.79 ? 64  LYS A N   1 
ATOM   485  C CA  . LYS A 1 64 ? -5.633  -10.883 -10.744 1.00 24.97 ? 64  LYS A CA  1 
ATOM   486  C C   . LYS A 1 64 ? -6.718  -11.533 -9.891  1.00 25.36 ? 64  LYS A C   1 
ATOM   487  O O   . LYS A 1 64 ? -7.568  -12.241 -10.417 1.00 25.45 ? 64  LYS A O   1 
ATOM   488  C CB  . LYS A 1 64 ? -4.365  -11.736 -10.806 1.00 24.81 ? 64  LYS A CB  1 
ATOM   489  C CG  . LYS A 1 64 ? -3.393  -11.301 -11.920 1.00 27.60 ? 64  LYS A CG  1 
ATOM   490  C CD  . LYS A 1 64 ? -2.072  -12.078 -11.843 1.00 29.78 ? 64  LYS A CD  1 
ATOM   491  C CE  . LYS A 1 64 ? -1.022  -11.399 -12.696 1.00 30.87 ? 64  LYS A CE  1 
ATOM   492  N NZ  . LYS A 1 64 ? 0.336   -12.042 -12.647 1.00 29.03 ? 64  LYS A NZ  1 
ATOM   493  N N   . LEU A 1 65 ? -6.701  -11.267 -8.588  1.00 26.01 ? 65  LEU A N   1 
ATOM   494  C CA  . LEU A 1 65 ? -7.688  -11.859 -7.661  1.00 27.07 ? 65  LEU A CA  1 
ATOM   495  C C   . LEU A 1 65 ? -9.091  -11.318 -7.909  1.00 27.84 ? 65  LEU A C   1 
ATOM   496  O O   . LEU A 1 65 ? -10.068 -12.055 -7.733  1.00 27.26 ? 65  LEU A O   1 
ATOM   497  C CB  . LEU A 1 65 ? -7.314  -11.622 -6.206  1.00 27.23 ? 65  LEU A CB  1 
ATOM   498  C CG  . LEU A 1 65 ? -6.148  -12.311 -5.497  1.00 29.84 ? 65  LEU A CG  1 
ATOM   499  C CD1 . LEU A 1 65 ? -6.008  -11.761 -4.098  1.00 31.10 ? 65  LEU A CD1 1 
ATOM   500  C CD2 . LEU A 1 65 ? -6.352  -13.819 -5.473  1.00 33.95 ? 65  LEU A CD2 1 
ATOM   501  N N   . ILE A 1 66 ? -9.187  -10.037 -8.290  1.00 27.66 ? 66  ILE A N   1 
ATOM   502  C CA  . ILE A 1 66 ? -10.473 -9.425  -8.685  1.00 28.33 ? 66  ILE A CA  1 
ATOM   503  C C   . ILE A 1 66 ? -10.993 -10.036 -10.011 1.00 29.46 ? 66  ILE A C   1 
ATOM   504  O O   . ILE A 1 66 ? -12.180 -10.347 -10.149 1.00 28.79 ? 66  ILE A O   1 
ATOM   505  C CB  . ILE A 1 66 ? -10.367 -7.880  -8.802  1.00 28.16 ? 66  ILE A CB  1 
ATOM   506  C CG1 . ILE A 1 66 ? -9.950  -7.289  -7.436  1.00 27.50 ? 66  ILE A CG1 1 
ATOM   507  C CG2 . ILE A 1 66 ? -11.682 -7.274  -9.358  1.00 27.71 ? 66  ILE A CG2 1 
ATOM   508  C CD1 . ILE A 1 66 ? -10.336 -5.853  -7.198  1.00 30.17 ? 66  ILE A CD1 1 
ATOM   509  N N   . GLU A 1 67 ? -10.100 -10.229 -10.976 1.00 30.20 ? 67  GLU A N   1 
ATOM   510  C CA  . GLU A 1 67 ? -10.487 -10.952 -12.194 1.00 32.73 ? 67  GLU A CA  1 
ATOM   511  C C   . GLU A 1 67 ? -10.928 -12.411 -11.949 1.00 33.18 ? 67  GLU A C   1 
ATOM   512  O O   . GLU A 1 67 ? -11.751 -12.926 -12.705 1.00 34.33 ? 67  GLU A O   1 
ATOM   513  C CB  . GLU A 1 67 ? -9.403  -10.864 -13.273 1.00 33.13 ? 67  GLU A CB  1 
ATOM   514  C CG  . GLU A 1 67 ? -9.017  -9.432  -13.675 1.00 35.27 ? 67  GLU A CG  1 
ATOM   515  C CD  . GLU A 1 67 ? -10.120 -8.657  -14.424 1.00 39.32 ? 67  GLU A CD  1 
ATOM   516  O OE1 . GLU A 1 67 ? -11.251 -9.164  -14.582 1.00 41.18 ? 67  GLU A OE1 1 
ATOM   517  O OE2 . GLU A 1 67 ? -9.853  -7.516  -14.857 1.00 41.39 ? 67  GLU A OE2 1 
ATOM   518  N N   . LYS A 1 68 ? -10.427 -13.059 -10.891 1.00 33.78 ? 68  LYS A N   1 
ATOM   519  C CA  . LYS A 1 68 ? -10.778 -14.474 -10.583 1.00 34.32 ? 68  LYS A CA  1 
ATOM   520  C C   . LYS A 1 68 ? -12.075 -14.668 -9.778  1.00 34.74 ? 68  LYS A C   1 
ATOM   521  O O   . LYS A 1 68 ? -12.579 -15.803 -9.641  1.00 34.68 ? 68  LYS A O   1 
ATOM   522  C CB  . LYS A 1 68 ? -9.644  -15.168 -9.822  1.00 34.53 ? 68  LYS A CB  1 
ATOM   523  C CG  . LYS A 1 68 ? -8.333  -15.369 -10.585 1.00 35.17 ? 68  LYS A CG  1 
ATOM   524  N N   . SER A 1 69 ? -12.590 -13.567 -9.228  1.00 34.37 ? 69  SER A N   1 
ATOM   525  C CA  . SER A 1 69 ? -13.808 -13.547 -8.396  1.00 33.83 ? 69  SER A CA  1 
ATOM   526  C C   . SER A 1 69 ? -15.067 -14.037 -9.135  1.00 33.99 ? 69  SER A C   1 
ATOM   527  O O   . SER A 1 69 ? -16.047 -14.426 -8.497  1.00 34.19 ? 69  SER A O   1 
ATOM   528  C CB  . SER A 1 69 ? -14.060 -12.117 -7.904  1.00 32.74 ? 69  SER A CB  1 
ATOM   529  O OG  . SER A 1 69 ? -14.322 -11.278 -9.011  1.00 31.91 ? 69  SER A OG  1 
ATOM   530  N N   . ARG A 1 70 ? -15.042 -13.966 -10.466 1.00 34.33 ? 70  ARG A N   1 
ATOM   531  C CA  . ARG A 1 70 ? -16.154 -14.390 -11.324 1.00 35.29 ? 70  ARG A CA  1 
ATOM   532  C C   . ARG A 1 70 ? -17.532 -13.857 -10.865 1.00 34.65 ? 70  ARG A C   1 
ATOM   533  O O   . ARG A 1 70 ? -18.483 -14.627 -10.650 1.00 35.29 ? 70  ARG A O   1 
ATOM   534  C CB  . ARG A 1 70 ? -16.170 -15.912 -11.498 1.00 35.95 ? 70  ARG A CB  1 
ATOM   535  C CG  . ARG A 1 70 ? -15.038 -16.460 -12.394 1.00 38.71 ? 70  ARG A CG  1 
ATOM   536  C CD  . ARG A 1 70 ? -14.876 -17.986 -12.250 1.00 43.90 ? 70  ARG A CD  1 
ATOM   537  N NE  . ARG A 1 70 ? -14.863 -18.416 -10.845 1.00 46.34 ? 70  ARG A NE  1 
ATOM   538  C CZ  . ARG A 1 70 ? -15.879 -19.018 -10.227 1.00 48.01 ? 70  ARG A CZ  1 
ATOM   539  N NH1 . ARG A 1 70 ? -17.008 -19.277 -10.887 1.00 48.23 ? 70  ARG A NH1 1 
ATOM   540  N NH2 . ARG A 1 70 ? -15.771 -19.357 -8.945  1.00 48.84 ? 70  ARG A NH2 1 
ATOM   541  N N   . GLY A 1 71 ? -17.596 -12.534 -10.699 1.00 33.58 ? 71  GLY A N   1 
ATOM   542  C CA  . GLY A 1 71 ? -18.845 -11.821 -10.409 1.00 31.91 ? 71  GLY A CA  1 
ATOM   543  C C   . GLY A 1 71 ? -19.300 -11.815 -8.962  1.00 30.40 ? 71  GLY A C   1 
ATOM   544  O O   . GLY A 1 71 ? -20.363 -11.270 -8.651  1.00 30.86 ? 71  GLY A O   1 
ATOM   545  N N   . LYS A 1 72 ? -18.525 -12.438 -8.076  1.00 28.13 ? 72  LYS A N   1 
ATOM   546  C CA  . LYS A 1 72 ? -18.784 -12.352 -6.649  1.00 27.39 ? 72  LYS A CA  1 
ATOM   547  C C   . LYS A 1 72 ? -17.502 -11.882 -5.967  1.00 26.62 ? 72  LYS A C   1 
ATOM   548  O O   . LYS A 1 72 ? -16.516 -12.634 -5.910  1.00 26.95 ? 72  LYS A O   1 
ATOM   549  C CB  . LYS A 1 72 ? -19.215 -13.701 -6.064  1.00 27.62 ? 72  LYS A CB  1 
ATOM   550  C CG  . LYS A 1 72 ? -19.546 -13.639 -4.579  1.00 29.57 ? 72  LYS A CG  1 
ATOM   551  C CD  . LYS A 1 72 ? -20.062 -14.979 -4.040  1.00 33.53 ? 72  LYS A CD  1 
ATOM   552  C CE  . LYS A 1 72 ? -20.022 -14.987 -2.524  1.00 34.79 ? 72  LYS A CE  1 
ATOM   553  N NZ  . LYS A 1 72 ? -20.622 -16.234 -1.935  1.00 37.47 ? 72  LYS A NZ  1 
ATOM   554  N N   . LEU A 1 73 ? -17.532 -10.654 -5.458  1.00 23.68 ? 73  LEU A N   1 
ATOM   555  C CA  . LEU A 1 73 ? -16.354 -10.062 -4.820  1.00 22.27 ? 73  LEU A CA  1 
ATOM   556  C C   . LEU A 1 73 ? -16.591 -9.767  -3.364  1.00 21.57 ? 73  LEU A C   1 
ATOM   557  O O   . LEU A 1 73 ? -17.267 -8.801  -3.014  1.00 22.31 ? 73  LEU A O   1 
ATOM   558  C CB  . LEU A 1 73 ? -15.959 -8.766  -5.540  1.00 21.69 ? 73  LEU A CB  1 
ATOM   559  C CG  . LEU A 1 73 ? -14.644 -8.100  -5.117  1.00 19.42 ? 73  LEU A CG  1 
ATOM   560  C CD1 . LEU A 1 73 ? -13.496 -9.074  -5.366  1.00 21.00 ? 73  LEU A CD1 1 
ATOM   561  C CD2 . LEU A 1 73 ? -14.488 -6.822  -5.958  1.00 18.61 ? 73  LEU A CD2 1 
ATOM   562  N N   . GLN A 1 74 ? -16.018 -10.593 -2.508  1.00 21.45 ? 74  GLN A N   1 
ATOM   563  C CA  . GLN A 1 74 ? -16.072 -10.348 -1.095  1.00 21.88 ? 74  GLN A CA  1 
ATOM   564  C C   . GLN A 1 74 ? -14.785 -9.680  -0.619  1.00 21.72 ? 74  GLN A C   1 
ATOM   565  O O   . GLN A 1 74 ? -13.721 -10.297 -0.658  1.00 21.73 ? 74  GLN A O   1 
ATOM   566  C CB  . GLN A 1 74 ? -16.261 -11.650 -0.330  1.00 22.61 ? 74  GLN A CB  1 
ATOM   567  C CG  . GLN A 1 74 ? -16.289 -11.443 1.175   1.00 24.57 ? 74  GLN A CG  1 
ATOM   568  C CD  . GLN A 1 74 ? -17.546 -10.744 1.660   1.00 29.47 ? 74  GLN A CD  1 
ATOM   569  O OE1 . GLN A 1 74 ? -17.502 -9.619  2.172   1.00 30.07 ? 74  GLN A OE1 1 
ATOM   570  N NE2 . GLN A 1 74 ? -18.670 -11.412 1.516   1.00 29.05 ? 74  GLN A NE2 1 
ATOM   571  N N   . LEU A 1 75 ? -14.918 -8.441  -0.163  1.00 21.25 ? 75  LEU A N   1 
ATOM   572  C CA  . LEU A 1 75 ? -13.830 -7.656  0.379   1.00 21.02 ? 75  LEU A CA  1 
ATOM   573  C C   . LEU A 1 75 ? -13.916 -7.580  1.890   1.00 21.21 ? 75  LEU A C   1 
ATOM   574  O O   . LEU A 1 75 ? -15.016 -7.548  2.485   1.00 21.22 ? 75  LEU A O   1 
ATOM   575  C CB  . LEU A 1 75 ? -13.898 -6.227  -0.164  1.00 19.58 ? 75  LEU A CB  1 
ATOM   576  C CG  . LEU A 1 75 ? -13.841 -6.090  -1.678  1.00 20.33 ? 75  LEU A CG  1 
ATOM   577  C CD1 . LEU A 1 75 ? -14.012 -4.615  -2.089  1.00 23.06 ? 75  LEU A CD1 1 
ATOM   578  C CD2 . LEU A 1 75 ? -12.526 -6.669  -2.251  1.00 21.60 ? 75  LEU A CD2 1 
ATOM   579  N N   . VAL A 1 76 ? -12.756 -7.531  2.521   1.00 20.67 ? 76  VAL A N   1 
ATOM   580  C CA  . VAL A 1 76 ? -12.692 -7.094  3.894   1.00 21.71 ? 76  VAL A CA  1 
ATOM   581  C C   . VAL A 1 76 ? -11.832 -5.837  3.910   1.00 22.25 ? 76  VAL A C   1 
ATOM   582  O O   . VAL A 1 76 ? -10.755 -5.805  3.309   1.00 21.51 ? 76  VAL A O   1 
ATOM   583  C CB  . VAL A 1 76 ? -12.132 -8.173  4.841   1.00 21.49 ? 76  VAL A CB  1 
ATOM   584  C CG1 . VAL A 1 76 ? -12.088 -7.624  6.269   1.00 22.01 ? 76  VAL A CG1 1 
ATOM   585  C CG2 . VAL A 1 76 ? -12.984 -9.452  4.746   1.00 22.76 ? 76  VAL A CG2 1 
ATOM   586  N N   . VAL A 1 77 ? -12.310 -4.815  4.618   1.00 23.16 ? 77  VAL A N   1 
ATOM   587  C CA  . VAL A 1 77 ? -11.814 -3.459  4.470   1.00 25.05 ? 77  VAL A CA  1 
ATOM   588  C C   . VAL A 1 77 ? -11.487 -2.927  5.867   1.00 25.34 ? 77  VAL A C   1 
ATOM   589  O O   . VAL A 1 77 ? -12.196 -3.232  6.822   1.00 26.01 ? 77  VAL A O   1 
ATOM   590  C CB  . VAL A 1 77 ? -12.889 -2.626  3.728   1.00 25.55 ? 77  VAL A CB  1 
ATOM   591  C CG1 . VAL A 1 77 ? -12.768 -1.136  3.966   1.00 27.40 ? 77  VAL A CG1 1 
ATOM   592  C CG2 . VAL A 1 77 ? -12.826 -2.944  2.216   1.00 26.99 ? 77  VAL A CG2 1 
ATOM   593  N N   . LEU A 1 78 ? -10.409 -2.163  5.997   1.00 26.58 ? 78  LEU A N   1 
ATOM   594  C CA  . LEU A 1 78 ? -10.050 -1.608  7.305   1.00 28.62 ? 78  LEU A CA  1 
ATOM   595  C C   . LEU A 1 78 ? -11.019 -0.492  7.757   1.00 29.96 ? 78  LEU A C   1 
ATOM   596  O O   . LEU A 1 78 ? -11.252 0.484   7.038   1.00 30.89 ? 78  LEU A O   1 
ATOM   597  C CB  . LEU A 1 78 ? -8.576  -1.159  7.323   1.00 28.21 ? 78  LEU A CB  1 
ATOM   598  C CG  . LEU A 1 78 ? -7.890  -0.389  8.468   1.00 29.48 ? 78  LEU A CG  1 
ATOM   599  C CD1 . LEU A 1 78 ? -8.456  -0.714  9.817   1.00 33.28 ? 78  LEU A CD1 1 
ATOM   600  C CD2 . LEU A 1 78 ? -6.391  -0.685  8.450   1.00 29.30 ? 78  LEU A CD2 1 
ATOM   601  N N   . ARG A 1 79 ? -11.611 -0.670  8.941   1.00 31.66 ? 79  ARG A N   1 
ATOM   602  C CA  . ARG A 1 79 ? -12.363 0.398   9.625   1.00 32.74 ? 79  ARG A CA  1 
ATOM   603  C C   . ARG A 1 79 ? -12.032 0.292   11.125  1.00 33.53 ? 79  ARG A C   1 
ATOM   604  O O   . ARG A 1 79 ? -12.701 -0.457  11.875  1.00 34.81 ? 79  ARG A O   1 
ATOM   605  C CB  . ARG A 1 79 ? -13.876 0.278   9.369   1.00 33.40 ? 79  ARG A CB  1 
ATOM   606  C CG  . ARG A 1 79 ? -14.338 0.432   7.909   1.00 34.26 ? 79  ARG A CG  1 
ATOM   607  C CD  . ARG A 1 79 ? -14.214 1.876   7.365   1.00 34.24 ? 79  ARG A CD  1 
ATOM   608  N NE  . ARG A 1 79 ? -14.512 1.951   5.924   1.00 34.57 ? 79  ARG A NE  1 
ATOM   609  C CZ  . ARG A 1 79 ? -15.732 2.119   5.399   1.00 35.26 ? 79  ARG A CZ  1 
ATOM   610  N NH1 . ARG A 1 79 ? -16.797 2.246   6.192   1.00 33.45 ? 79  ARG A NH1 1 
ATOM   611  N NH2 . ARG A 1 79 ? -15.899 2.162   4.076   1.00 31.00 ? 79  ARG A NH2 1 
ATOM   612  N N   . ASP A 1 80 ? -10.996 1.040   11.536  1.00 33.62 ? 80  ASP A N   1 
ATOM   613  C CA  . ASP A 1 80 ? -10.214 0.817   12.777  1.00 33.20 ? 80  ASP A CA  1 
ATOM   614  C C   . ASP A 1 80 ? -8.845  1.484   12.603  1.00 33.46 ? 80  ASP A C   1 
ATOM   615  O O   . ASP A 1 80 ? -7.781  0.849   12.768  1.00 33.71 ? 80  ASP A O   1 
ATOM   616  C CB  . ASP A 1 80 ? -10.020 -0.678  13.087  1.00 33.80 ? 80  ASP A CB  1 
ATOM   617  N N   . MET B 1 1  ? -13.005 -3.690  11.135  1.00 33.68 ? 1   MET B N   1 
ATOM   618  C CA  . MET B 1 1  ? -13.108 -4.307  9.784   1.00 33.11 ? 1   MET B CA  1 
ATOM   619  C C   . MET B 1 1  ? -14.554 -4.353  9.357   1.00 32.58 ? 1   MET B C   1 
ATOM   620  O O   . MET B 1 1  ? -15.444 -4.569  10.169  1.00 33.19 ? 1   MET B O   1 
ATOM   621  C CB  . MET B 1 1  ? -12.582 -5.733  9.782   1.00 33.18 ? 1   MET B CB  1 
ATOM   622  C CG  . MET B 1 1  ? -11.134 -5.874  10.184  1.00 34.91 ? 1   MET B CG  1 
ATOM   623  S SD  . MET B 1 1  ? -10.597 -7.547  9.934   1.00 37.25 ? 1   MET B SD  1 
ATOM   624  C CE  . MET B 1 1  ? -11.475 -8.485  11.202  1.00 34.95 ? 1   MET B CE  1 
ATOM   625  N N   . ILE B 1 2  ? -14.803 -4.125  8.083   1.00 31.18 ? 2   ILE B N   1 
ATOM   626  C CA  . ILE B 1 2  ? -16.138 -4.350  7.564   1.00 30.01 ? 2   ILE B CA  1 
ATOM   627  C C   . ILE B 1 2  ? -16.023 -5.148  6.295   1.00 28.81 ? 2   ILE B C   1 
ATOM   628  O O   . ILE B 1 2  ? -15.010 -5.050  5.574   1.00 28.21 ? 2   ILE B O   1 
ATOM   629  C CB  . ILE B 1 2  ? -16.913 -3.038  7.293   1.00 30.83 ? 2   ILE B CB  1 
ATOM   630  C CG1 . ILE B 1 2  ? -16.251 -2.226  6.170   1.00 30.64 ? 2   ILE B CG1 1 
ATOM   631  C CG2 . ILE B 1 2  ? -17.102 -2.218  8.587   1.00 31.75 ? 2   ILE B CG2 1 
ATOM   632  C CD1 . ILE B 1 2  ? -17.210 -1.319  5.447   1.00 34.38 ? 2   ILE B CD1 1 
ATOM   633  N N   . GLY B 1 3  ? -17.063 -5.936  6.026   1.00 26.97 ? 3   GLY B N   1 
ATOM   634  C CA  . GLY B 1 3  ? -17.148 -6.730  4.815   1.00 25.08 ? 3   GLY B CA  1 
ATOM   635  C C   . GLY B 1 3  ? -17.992 -6.025  3.770   1.00 24.49 ? 3   GLY B C   1 
ATOM   636  O O   . GLY B 1 3  ? -18.989 -5.370  4.095   1.00 24.34 ? 3   GLY B O   1 
ATOM   637  N N   . VAL B 1 4  ? -17.575 -6.124  2.514   1.00 22.81 ? 4   VAL B N   1 
ATOM   638  C CA  . VAL B 1 4  ? -18.308 -5.523  1.420   1.00 21.87 ? 4   VAL B CA  1 
ATOM   639  C C   . VAL B 1 4  ? -18.419 -6.587  0.344   1.00 22.13 ? 4   VAL B C   1 
ATOM   640  O O   . VAL B 1 4  ? -17.425 -7.192  -0.052  1.00 21.99 ? 4   VAL B O   1 
ATOM   641  C CB  . VAL B 1 4  ? -17.581 -4.250  0.862   1.00 21.76 ? 4   VAL B CB  1 
ATOM   642  C CG1 . VAL B 1 4  ? -18.288 -3.727  -0.430  1.00 21.88 ? 4   VAL B CG1 1 
ATOM   643  C CG2 . VAL B 1 4  ? -17.497 -3.158  1.931   1.00 20.63 ? 4   VAL B CG2 1 
ATOM   644  N N   . LEU B 1 5  ? -19.631 -6.824  -0.140  1.00 21.87 ? 5   LEU B N   1 
ATOM   645  C CA  . LEU B 1 5  ? -19.855 -7.846  -1.154  1.00 22.24 ? 5   LEU B CA  1 
ATOM   646  C C   . LEU B 1 5  ? -20.454 -7.214  -2.404  1.00 22.68 ? 5   LEU B C   1 
ATOM   647  O O   . LEU B 1 5  ? -21.534 -6.617  -2.362  1.00 23.12 ? 5   LEU B O   1 
ATOM   648  C CB  . LEU B 1 5  ? -20.765 -8.956  -0.608  1.00 23.32 ? 5   LEU B CB  1 
ATOM   649  C CG  . LEU B 1 5  ? -21.226 -10.033 -1.587  1.00 24.01 ? 5   LEU B CG  1 
ATOM   650  C CD1 . LEU B 1 5  ? -20.095 -10.971 -2.011  1.00 23.78 ? 5   LEU B CD1 1 
ATOM   651  C CD2 . LEU B 1 5  ? -22.396 -10.835 -0.960  1.00 29.24 ? 5   LEU B CD2 1 
ATOM   652  N N   . LEU B 1 6  ? -19.749 -7.351  -3.514  1.00 22.26 ? 6   LEU B N   1 
ATOM   653  C CA  . LEU B 1 6  ? -20.204 -6.847  -4.804  1.00 22.30 ? 6   LEU B CA  1 
ATOM   654  C C   . LEU B 1 6  ? -20.568 -8.010  -5.719  1.00 23.21 ? 6   LEU B C   1 
ATOM   655  O O   . LEU B 1 6  ? -19.785 -8.933  -5.908  1.00 23.00 ? 6   LEU B O   1 
ATOM   656  C CB  . LEU B 1 6  ? -19.111 -5.968  -5.446  1.00 21.62 ? 6   LEU B CB  1 
ATOM   657  C CG  . LEU B 1 6  ? -18.561 -4.842  -4.550  1.00 19.57 ? 6   LEU B CG  1 
ATOM   658  C CD1 . LEU B 1 6  ? -17.626 -3.959  -5.378  1.00 19.72 ? 6   LEU B CD1 1 
ATOM   659  C CD2 . LEU B 1 6  ? -19.669 -3.998  -3.941  1.00 19.72 ? 6   LEU B CD2 1 
ATOM   660  N N   . MET B 1 7  ? -21.737 -7.920  -6.340  1.00 23.97 ? 7   MET B N   1 
ATOM   661  C CA  . MET B 1 7  ? -22.273 -9.033  -7.110  1.00 25.48 ? 7   MET B CA  1 
ATOM   662  C C   . MET B 1 7  ? -22.707 -8.575  -8.508  1.00 24.96 ? 7   MET B C   1 
ATOM   663  O O   . MET B 1 7  ? -23.557 -7.685  -8.635  1.00 24.89 ? 7   MET B O   1 
ATOM   664  C CB  . MET B 1 7  ? -23.480 -9.608  -6.355  1.00 27.03 ? 7   MET B CB  1 
ATOM   665  C CG  . MET B 1 7  ? -23.862 -11.003 -6.763  1.00 31.12 ? 7   MET B CG  1 
ATOM   666  S SD  . MET B 1 7  ? -22.929 -12.235 -5.847  1.00 40.55 ? 7   MET B SD  1 
ATOM   667  C CE  . MET B 1 7  ? -23.440 -11.912 -4.169  1.00 37.39 ? 7   MET B CE  1 
ATOM   668  N N   . LYS B 1 8  ? -22.151 -9.190  -9.540  1.00 24.78 ? 8   LYS B N   1 
ATOM   669  C CA  . LYS B 1 8  ? -22.487 -8.806  -10.917 1.00 26.17 ? 8   LYS B CA  1 
ATOM   670  C C   . LYS B 1 8  ? -23.815 -9.448  -11.304 1.00 27.99 ? 8   LYS B C   1 
ATOM   671  O O   . LYS B 1 8  ? -24.229 -10.429 -10.693 1.00 28.21 ? 8   LYS B O   1 
ATOM   672  C CB  . LYS B 1 8  ? -21.402 -9.188  -11.905 1.00 27.08 ? 8   LYS B CB  1 
ATOM   673  C CG  . LYS B 1 8  ? -20.134 -8.364  -11.733 1.00 26.98 ? 8   LYS B CG  1 
ATOM   674  C CD  . LYS B 1 8  ? -19.099 -8.717  -12.770 1.00 24.58 ? 8   LYS B CD  1 
ATOM   675  C CE  . LYS B 1 8  ? -17.905 -7.787  -12.589 1.00 25.19 ? 8   LYS B CE  1 
ATOM   676  N NZ  . LYS B 1 8  ? -16.881 -7.897  -13.649 1.00 26.46 ? 8   LYS B NZ  1 
ATOM   677  N N   . SER B 1 9  ? -24.486 -8.810  -12.258 1.00 29.28 ? 9   SER B N   1 
ATOM   678  C CA  . SER B 1 9  ? -25.669 -9.356  -12.942 1.00 31.00 ? 9   SER B CA  1 
ATOM   679  C C   . SER B 1 9  ? -25.842 -8.528  -14.204 1.00 32.05 ? 9   SER B C   1 
ATOM   680  O O   . SER B 1 9  ? -25.146 -7.526  -14.393 1.00 31.77 ? 9   SER B O   1 
ATOM   681  C CB  . SER B 1 9  ? -26.898 -9.186  -12.072 1.00 30.69 ? 9   SER B CB  1 
ATOM   682  O OG  . SER B 1 9  ? -27.156 -7.809  -11.917 1.00 33.89 ? 9   SER B OG  1 
ATOM   683  N N   . ARG B 1 10 ? -26.798 -8.901  -15.057 1.00 32.99 ? 10  ARG B N   1 
ATOM   684  C CA  . ARG B 1 10 ? -27.030 -8.141  -16.290 1.00 33.54 ? 10  ARG B CA  1 
ATOM   685  C C   . ARG B 1 10 ? -27.462 -6.666  -16.067 1.00 33.47 ? 10  ARG B C   1 
ATOM   686  O O   . ARG B 1 10 ? -27.408 -5.859  -17.006 1.00 34.35 ? 10  ARG B O   1 
ATOM   687  C CB  . ARG B 1 10 ? -28.028 -8.902  -17.187 1.00 33.79 ? 10  ARG B CB  1 
ATOM   688  C CG  . ARG B 1 10 ? -27.497 -10.281 -17.602 1.00 35.89 ? 10  ARG B CG  1 
ATOM   689  C CD  . ARG B 1 10 ? -28.412 -11.001 -18.579 1.00 38.45 ? 10  ARG B CD  1 
ATOM   690  N NE  . ARG B 1 10 ? -28.840 -10.132 -19.676 1.00 41.42 ? 10  ARG B NE  1 
ATOM   691  C CZ  . ARG B 1 10 ? -29.729 -10.476 -20.603 1.00 42.60 ? 10  ARG B CZ  1 
ATOM   692  N NH1 . ARG B 1 10 ? -30.300 -11.680 -20.574 1.00 42.56 ? 10  ARG B NH1 1 
ATOM   693  N NH2 . ARG B 1 10 ? -30.060 -9.606  -21.551 1.00 42.46 ? 10  ARG B NH2 1 
ATOM   694  N N   . ALA B 1 11 ? -27.891 -6.306  -14.867 1.00 33.17 ? 11  ALA B N   1 
ATOM   695  C CA  . ALA B 1 11 ? -28.139 -4.895  -14.502 1.00 33.28 ? 11  ALA B CA  1 
ATOM   696  C C   . ALA B 1 11 ? -26.859 -4.056  -14.431 1.00 33.51 ? 11  ALA B C   1 
ATOM   697  O O   . ALA B 1 11 ? -26.862 -2.883  -14.675 1.00 33.99 ? 11  ALA B O   1 
ATOM   698  C CB  . ALA B 1 11 ? -28.859 -4.803  -13.197 1.00 33.32 ? 11  ALA B CB  1 
ATOM   699  N N   . ASN B 1 12 ? -25.768 -4.710  -14.079 1.00 33.10 ? 12  ASN B N   1 
ATOM   700  C CA  . ASN B 1 12 ? -24.480 -4.059  -13.922 1.00 31.63 ? 12  ASN B CA  1 
ATOM   701  C C   . ASN B 1 12 ? -23.346 -5.066  -13.847 1.00 31.31 ? 12  ASN B C   1 
ATOM   702  O O   . ASN B 1 12 ? -23.266 -5.811  -12.939 1.00 31.66 ? 12  ASN B O   1 
ATOM   703  C CB  . ASN B 1 12 ? -24.491 -3.139  -12.715 1.00 31.44 ? 12  ASN B CB  1 
ATOM   704  C CG  . ASN B 1 12 ? -23.414 -2.066  -12.775 1.00 29.93 ? 12  ASN B CG  1 
ATOM   705  O OD1 . ASN B 1 12 ? -22.476 -2.139  -13.549 1.00 30.88 ? 12  ASN B OD1 1 
ATOM   706  N ND2 . ASN B 1 12 ? -23.575 -1.068  -11.966 1.00 27.62 ? 12  ASN B ND2 1 
ATOM   707  N N   . GLU B 1 13 ? -22.506 -5.055  -14.857 1.00 30.05 ? 13  GLU B N   1 
ATOM   708  C CA  . GLU B 1 13 ? -21.384 -5.943  -14.983 1.00 30.29 ? 13  GLU B CA  1 
ATOM   709  C C   . GLU B 1 13 ? -20.056 -5.280  -14.565 1.00 28.41 ? 13  GLU B C   1 
ATOM   710  O O   . GLU B 1 13 ? -19.013 -5.843  -14.700 1.00 30.12 ? 13  GLU B O   1 
ATOM   711  C CB  . GLU B 1 13 ? -21.291 -6.401  -16.422 1.00 30.10 ? 13  GLU B CB  1 
ATOM   712  C CG  . GLU B 1 13 ? -22.380 -7.339  -16.799 1.00 34.58 ? 13  GLU B CG  1 
ATOM   713  C CD  . GLU B 1 13 ? -21.996 -8.739  -16.505 1.00 38.98 ? 13  GLU B CD  1 
ATOM   714  O OE1 . GLU B 1 13 ? -22.345 -9.190  -15.458 1.00 39.98 ? 13  GLU B OE1 1 
ATOM   715  O OE2 . GLU B 1 13 ? -21.277 -9.357  -17.289 1.00 41.89 ? 13  GLU B OE2 1 
ATOM   716  N N   . GLU B 1 14 ? -20.121 -4.059  -14.104 1.00 25.93 ? 14  GLU B N   1 
ATOM   717  C CA  . GLU B 1 14 ? -18.922 -3.265  -13.801 1.00 24.42 ? 14  GLU B CA  1 
ATOM   718  C C   . GLU B 1 14 ? -18.702 -3.125  -12.291 1.00 21.85 ? 14  GLU B C   1 
ATOM   719  O O   . GLU B 1 14 ? -19.494 -2.477  -11.639 1.00 20.46 ? 14  GLU B O   1 
ATOM   720  C CB  . GLU B 1 14 ? -19.134 -1.863  -14.404 1.00 25.17 ? 14  GLU B CB  1 
ATOM   721  C CG  . GLU B 1 14 ? -18.021 -0.827  -14.133 1.00 27.40 ? 14  GLU B CG  1 
ATOM   722  C CD  . GLU B 1 14 ? -18.493 0.629   -14.220 1.00 29.44 ? 14  GLU B CD  1 
ATOM   723  O OE1 . GLU B 1 14 ? -19.681 0.899   -14.522 1.00 27.87 ? 14  GLU B OE1 1 
ATOM   724  O OE2 . GLU B 1 14 ? -17.651 1.526   -13.972 1.00 29.32 ? 14  GLU B OE2 1 
ATOM   725  N N   . TYR B 1 15 ? -17.650 -3.720  -11.723 1.00 20.67 ? 15  TYR B N   1 
ATOM   726  C CA  . TYR B 1 15 ? -17.322 -3.372  -10.306 1.00 21.25 ? 15  TYR B CA  1 
ATOM   727  C C   . TYR B 1 15 ? -17.056 -1.873  -10.168 1.00 21.16 ? 15  TYR B C   1 
ATOM   728  O O   . TYR B 1 15 ? -17.464 -1.252  -9.198  1.00 21.30 ? 15  TYR B O   1 
ATOM   729  C CB  . TYR B 1 15 ? -16.138 -4.162  -9.738  1.00 21.19 ? 15  TYR B CB  1 
ATOM   730  C CG  . TYR B 1 15 ? -16.328 -5.646  -9.532  1.00 21.46 ? 15  TYR B CG  1 
ATOM   731  C CD1 . TYR B 1 15 ? -17.476 -6.163  -8.877  1.00 23.54 ? 15  TYR B CD1 1 
ATOM   732  C CD2 . TYR B 1 15 ? -15.344 -6.545  -9.948  1.00 24.21 ? 15  TYR B CD2 1 
ATOM   733  C CE1 . TYR B 1 15 ? -17.643 -7.564  -8.689  1.00 20.84 ? 15  TYR B CE1 1 
ATOM   734  C CE2 . TYR B 1 15 ? -15.497 -7.955  -9.765  1.00 24.35 ? 15  TYR B CE2 1 
ATOM   735  C CZ  . TYR B 1 15 ? -16.643 -8.445  -9.147  1.00 24.34 ? 15  TYR B CZ  1 
ATOM   736  O OH  . TYR B 1 15 ? -16.766 -9.822  -8.940  1.00 25.31 ? 15  TYR B OH  1 
ATOM   737  N N   . GLY B 1 16 ? -16.336 -1.275  -11.123 1.00 21.55 ? 16  GLY B N   1 
ATOM   738  C CA  . GLY B 1 16 ? -16.151 0.172   -11.041 1.00 21.04 ? 16  GLY B CA  1 
ATOM   739  C C   . GLY B 1 16 ? -15.234 0.487   -9.858  1.00 20.41 ? 16  GLY B C   1 
ATOM   740  O O   . GLY B 1 16 ? -15.506 1.395   -9.087  1.00 19.80 ? 16  GLY B O   1 
ATOM   741  N N   . LEU B 1 17 ? -14.206 -0.348  -9.706  1.00 20.51 ? 17  LEU B N   1 
ATOM   742  C CA  . LEU B 1 17 ? -13.267 -0.292  -8.564  1.00 21.44 ? 17  LEU B CA  1 
ATOM   743  C C   . LEU B 1 17 ? -11.849 -0.288  -9.137  1.00 22.19 ? 17  LEU B C   1 
ATOM   744  O O   . LEU B 1 17 ? -11.452 -1.258  -9.797  1.00 22.84 ? 17  LEU B O   1 
ATOM   745  C CB  . LEU B 1 17 ? -13.495 -1.513  -7.644  1.00 21.81 ? 17  LEU B CB  1 
ATOM   746  C CG  . LEU B 1 17 ? -12.645 -1.779  -6.397  1.00 23.38 ? 17  LEU B CG  1 
ATOM   747  C CD1 . LEU B 1 17 ? -12.755 -0.595  -5.453  1.00 22.57 ? 17  LEU B CD1 1 
ATOM   748  C CD2 . LEU B 1 17 ? -13.095 -3.055  -5.657  1.00 24.48 ? 17  LEU B CD2 1 
ATOM   749  N N   . ARG B 1 18 ? -11.129 0.822   -8.939  1.00 20.50 ? 18  ARG B N   1 
ATOM   750  C CA  . ARG B 1 18 ? -9.734  0.920   -9.341  1.00 21.16 ? 18  ARG B CA  1 
ATOM   751  C C   . ARG B 1 18 ? -8.879  0.810   -8.072  1.00 19.56 ? 18  ARG B C   1 
ATOM   752  O O   . ARG B 1 18 ? -9.105  1.538   -7.114  1.00 19.27 ? 18  ARG B O   1 
ATOM   753  C CB  . ARG B 1 18 ? -9.474  2.261   -10.049 1.00 21.85 ? 18  ARG B CB  1 
ATOM   754  C CG  . ARG B 1 18 ? -8.089  2.361   -10.670 1.00 27.83 ? 18  ARG B CG  1 
ATOM   755  C CD  . ARG B 1 18 ? -7.880  3.730   -11.334 1.00 33.71 ? 18  ARG B CD  1 
ATOM   756  N NE  . ARG B 1 18 ? -6.470  4.153   -11.377 1.00 38.07 ? 18  ARG B NE  1 
ATOM   757  C CZ  . ARG B 1 18 ? -5.505  3.516   -12.044 1.00 41.59 ? 18  ARG B CZ  1 
ATOM   758  N NH1 . ARG B 1 18 ? -5.777  2.397   -12.720 1.00 43.30 ? 18  ARG B NH1 1 
ATOM   759  N NH2 . ARG B 1 18 ? -4.257  3.988   -12.024 1.00 42.55 ? 18  ARG B NH2 1 
ATOM   760  N N   . LEU B 1 19 ? -7.967  -0.147  -8.065  1.00 19.90 ? 19  LEU B N   1 
ATOM   761  C CA  . LEU B 1 19 ? -7.094  -0.339  -6.923  1.00 19.79 ? 19  LEU B CA  1 
ATOM   762  C C   . LEU B 1 19 ? -5.751  0.316   -7.153  1.00 19.23 ? 19  LEU B C   1 
ATOM   763  O O   . LEU B 1 19 ? -5.320  0.466   -8.290  1.00 18.66 ? 19  LEU B O   1 
ATOM   764  C CB  . LEU B 1 19 ? -6.856  -1.816  -6.662  1.00 20.35 ? 19  LEU B CB  1 
ATOM   765  C CG  . LEU B 1 19 ? -8.066  -2.713  -6.358  1.00 21.35 ? 19  LEU B CG  1 
ATOM   766  C CD1 . LEU B 1 19 ? -7.536  -4.094  -6.048  1.00 25.35 ? 19  LEU B CD1 1 
ATOM   767  C CD2 . LEU B 1 19 ? -8.906  -2.144  -5.242  1.00 22.29 ? 19  LEU B CD2 1 
ATOM   768  N N   . GLY B 1 20 ? -5.105  0.700   -6.054  1.00 18.33 ? 20  GLY B N   1 
ATOM   769  C CA  . GLY B 1 20 ? -3.673  1.051   -6.082  1.00 17.55 ? 20  GLY B CA  1 
ATOM   770  C C   . GLY B 1 20 ? -2.916  0.327   -4.992  1.00 17.95 ? 20  GLY B C   1 
ATOM   771  O O   . GLY B 1 20 ? -3.516  -0.371  -4.177  1.00 17.36 ? 20  GLY B O   1 
ATOM   772  N N   . SER B 1 21 ? -1.574  0.461   -4.983  1.00 17.90 ? 21  SER B N   1 
ATOM   773  C CA  . SER B 1 21 ? -0.822  0.052   -3.797  1.00 17.33 ? 21  SER B CA  1 
ATOM   774  C C   . SER B 1 21 ? 0.014   1.219   -3.281  1.00 17.07 ? 21  SER B C   1 
ATOM   775  O O   . SER B 1 21 ? 0.383   2.127   -4.039  1.00 15.63 ? 21  SER B O   1 
ATOM   776  C CB  . SER B 1 21 ? 0.097   -1.164  -4.026  1.00 17.36 ? 21  SER B CB  1 
ATOM   777  O OG  . SER B 1 21 ? 1.176   -0.902  -4.927  1.00 17.92 ? 21  SER B OG  1 
ATOM   778  N N   . GLN B 1 22 ? 0.268   1.177   -1.983  1.00 16.94 ? 22  GLN B N   1 
ATOM   779  C CA  . GLN B 1 22 ? 1.205   2.139   -1.382  1.00 16.41 ? 22  GLN B CA  1 
ATOM   780  C C   . GLN B 1 22 ? 2.188   1.406   -0.505  1.00 16.97 ? 22  GLN B C   1 
ATOM   781  O O   . GLN B 1 22 ? 1.886   0.380   0.092   1.00 16.23 ? 22  GLN B O   1 
ATOM   782  C CB  . GLN B 1 22 ? 0.483   3.253   -0.623  1.00 17.73 ? 22  GLN B CB  1 
ATOM   783  C CG  . GLN B 1 22 ? -0.310  2.785   0.581   1.00 20.42 ? 22  GLN B CG  1 
ATOM   784  C CD  . GLN B 1 22 ? -1.397  3.793   0.998   1.00 23.80 ? 22  GLN B CD  1 
ATOM   785  O OE1 . GLN B 1 22 ? -1.607  4.814   0.354   1.00 28.43 ? 22  GLN B OE1 1 
ATOM   786  N NE2 . GLN B 1 22 ? -2.071  3.495   2.088   1.00 27.29 ? 22  GLN B NE2 1 
ATOM   787  N N   . ILE B 1 23 ? 3.388   1.966   -0.448  1.00 15.92 ? 23  ILE B N   1 
ATOM   788  C CA  . ILE B 1 23 ? 4.452   1.463   0.406   1.00 16.32 ? 23  ILE B CA  1 
ATOM   789  C C   . ILE B 1 23 ? 4.395   2.244   1.714   1.00 16.39 ? 23  ILE B C   1 
ATOM   790  O O   . ILE B 1 23 ? 4.245   3.468   1.687   1.00 16.18 ? 23  ILE B O   1 
ATOM   791  C CB  . ILE B 1 23 ? 5.843   1.724   -0.258  1.00 16.31 ? 23  ILE B CB  1 
ATOM   792  C CG1 . ILE B 1 23 ? 5.978   1.046   -1.645  1.00 18.43 ? 23  ILE B CG1 1 
ATOM   793  C CG2 . ILE B 1 23 ? 6.955   1.336   0.722   1.00 17.00 ? 23  ILE B CG2 1 
ATOM   794  C CD1 . ILE B 1 23 ? 5.791   -0.476  -1.645  1.00 20.52 ? 23  ILE B CD1 1 
ATOM   795  N N   . PHE B 1 24 ? 4.503   1.539   2.838   1.00 16.20 ? 24  PHE B N   1 
ATOM   796  C CA  . PHE B 1 24 ? 4.435   2.195   4.138   1.00 17.03 ? 24  PHE B CA  1 
ATOM   797  C C   . PHE B 1 24 ? 5.488   1.681   5.119   1.00 16.80 ? 24  PHE B C   1 
ATOM   798  O O   . PHE B 1 24 ? 6.082   0.631   4.910   1.00 16.93 ? 24  PHE B O   1 
ATOM   799  C CB  . PHE B 1 24 ? 3.020   2.093   4.711   1.00 16.43 ? 24  PHE B CB  1 
ATOM   800  C CG  . PHE B 1 24 ? 2.666   0.724   5.225   1.00 16.75 ? 24  PHE B CG  1 
ATOM   801  C CD1 . PHE B 1 24 ? 2.220   -0.291  4.350   1.00 19.10 ? 24  PHE B CD1 1 
ATOM   802  C CD2 . PHE B 1 24 ? 2.775   0.446   6.583   1.00 17.78 ? 24  PHE B CD2 1 
ATOM   803  C CE1 . PHE B 1 24 ? 1.888   -1.570  4.850   1.00 19.61 ? 24  PHE B CE1 1 
ATOM   804  C CE2 . PHE B 1 24 ? 2.449   -0.828  7.092   1.00 18.85 ? 24  PHE B CE2 1 
ATOM   805  C CZ  . PHE B 1 24 ? 2.029   -1.828  6.220   1.00 17.70 ? 24  PHE B CZ  1 
ATOM   806  N N   . VAL B 1 25 ? 5.706   2.446   6.180   1.00 16.60 ? 25  VAL B N   1 
ATOM   807  C CA  . VAL B 1 25 ? 6.672   2.090   7.219   1.00 17.47 ? 25  VAL B CA  1 
ATOM   808  C C   . VAL B 1 25 ? 6.026   1.066   8.157   1.00 17.61 ? 25  VAL B C   1 
ATOM   809  O O   . VAL B 1 25 ? 5.177   1.421   8.971   1.00 18.19 ? 25  VAL B O   1 
ATOM   810  C CB  . VAL B 1 25 ? 7.141   3.341   8.005   1.00 18.04 ? 25  VAL B CB  1 
ATOM   811  C CG1 . VAL B 1 25 ? 8.069   2.938   9.125   1.00 18.71 ? 25  VAL B CG1 1 
ATOM   812  C CG2 . VAL B 1 25 ? 7.846   4.321   7.057   1.00 17.45 ? 25  VAL B CG2 1 
ATOM   813  N N   . LYS B 1 26 ? 6.436   -0.187  8.012   1.00 18.10 ? 26  LYS B N   1 
ATOM   814  C CA  . LYS B 1 26 ? 5.888   -1.263  8.860   1.00 19.35 ? 26  LYS B CA  1 
ATOM   815  C C   . LYS B 1 26 ? 6.499   -1.179  10.245  1.00 20.81 ? 26  LYS B C   1 
ATOM   816  O O   . LYS B 1 26 ? 5.779   -1.163  11.245  1.00 20.87 ? 26  LYS B O   1 
ATOM   817  C CB  . LYS B 1 26 ? 6.129   -2.622  8.222   1.00 19.83 ? 26  LYS B CB  1 
ATOM   818  C CG  . LYS B 1 26 ? 5.561   -3.805  8.995   1.00 20.51 ? 26  LYS B CG  1 
ATOM   819  C CD  . LYS B 1 26 ? 4.060   -3.896  8.869   1.00 23.49 ? 26  LYS B CD  1 
ATOM   820  C CE  . LYS B 1 26 ? 3.525   -5.173  9.599   1.00 22.91 ? 26  LYS B CE  1 
ATOM   821  N NZ  . LYS B 1 26 ? 2.045   -5.076  9.634   1.00 25.49 ? 26  LYS B NZ  1 
ATOM   822  N N   . GLU B 1 27 ? 7.826   -1.090  10.314  1.00 21.09 ? 27  GLU B N   1 
ATOM   823  C CA  . GLU B 1 27 ? 8.498   -1.065  11.613  1.00 22.18 ? 27  GLU B CA  1 
ATOM   824  C C   . GLU B 1 27 ? 9.804   -0.301  11.481  1.00 22.21 ? 27  GLU B C   1 
ATOM   825  O O   . GLU B 1 27 ? 10.438  -0.333  10.418  1.00 21.60 ? 27  GLU B O   1 
ATOM   826  C CB  . GLU B 1 27 ? 8.836   -2.488  12.081  1.00 22.27 ? 27  GLU B CB  1 
ATOM   827  C CG  . GLU B 1 27 ? 9.573   -2.495  13.425  1.00 25.94 ? 27  GLU B CG  1 
ATOM   828  C CD  . GLU B 1 27 ? 10.245  -3.819  13.767  1.00 28.72 ? 27  GLU B CD  1 
ATOM   829  O OE1 . GLU B 1 27 ? 10.188  -4.781  12.954  1.00 29.55 ? 27  GLU B OE1 1 
ATOM   830  O OE2 . GLU B 1 27 ? 10.836  -3.863  14.870  1.00 31.91 ? 27  GLU B OE2 1 
ATOM   831  N N   . MET B 1 28 ? 10.184  0.362   12.573  1.00 22.89 ? 28  MET B N   1 
ATOM   832  C CA  . MET B 1 28 ? 11.535  0.923   12.700  1.00 24.27 ? 28  MET B CA  1 
ATOM   833  C C   . MET B 1 28 ? 12.185  0.256   13.906  1.00 24.43 ? 28  MET B C   1 
ATOM   834  O O   . MET B 1 28 ? 11.600  0.238   15.016  1.00 25.42 ? 28  MET B O   1 
ATOM   835  C CB  . MET B 1 28 ? 11.452  2.432   12.903  1.00 24.23 ? 28  MET B CB  1 
ATOM   836  C CG  . MET B 1 28 ? 10.882  3.191   11.697  1.00 26.28 ? 28  MET B CG  1 
ATOM   837  S SD  . MET B 1 28 ? 10.659  4.947   12.017  1.00 28.74 ? 28  MET B SD  1 
ATOM   838  C CE  . MET B 1 28 ? 9.674   4.944   13.526  1.00 29.27 ? 28  MET B CE  1 
ATOM   839  N N   . THR B 1 29 ? 13.370  -0.316  13.719  1.00 23.81 ? 29  THR B N   1 
ATOM   840  C CA  . THR B 1 29 ? 14.019  -1.016  14.825  1.00 24.58 ? 29  THR B CA  1 
ATOM   841  C C   . THR B 1 29 ? 14.541  -0.004  15.853  1.00 24.29 ? 29  THR B C   1 
ATOM   842  O O   . THR B 1 29 ? 14.766  1.183   15.543  1.00 22.00 ? 29  THR B O   1 
ATOM   843  C CB  . THR B 1 29 ? 15.174  -1.922  14.345  1.00 24.95 ? 29  THR B CB  1 
ATOM   844  O OG1 . THR B 1 29 ? 16.230  -1.089  13.820  1.00 24.21 ? 29  THR B OG1 1 
ATOM   845  C CG2 . THR B 1 29 ? 14.715  -2.907  13.282  1.00 27.54 ? 29  THR B CG2 1 
ATOM   846  N N   . ARG B 1 30 ? 14.692  -0.449  17.095  1.00 23.53 ? 30  ARG B N   1 
ATOM   847  C CA  . ARG B 1 30 ? 15.151  0.437   18.156  1.00 24.51 ? 30  ARG B CA  1 
ATOM   848  C C   . ARG B 1 30 ? 16.562  0.975   17.873  1.00 23.98 ? 30  ARG B C   1 
ATOM   849  O O   . ARG B 1 30 ? 16.875  2.091   18.263  1.00 23.73 ? 30  ARG B O   1 
ATOM   850  C CB  . ARG B 1 30 ? 15.131  -0.276  19.505  1.00 24.97 ? 30  ARG B CB  1 
ATOM   851  C CG  . ARG B 1 30 ? 13.724  -0.421  20.101  1.00 27.95 ? 30  ARG B CG  1 
ATOM   852  C CD  . ARG B 1 30 ? 13.825  -0.402  21.628  1.00 35.99 ? 30  ARG B CD  1 
ATOM   853  N NE  . ARG B 1 30 ? 12.557  -0.617  22.331  1.00 35.85 ? 30  ARG B NE  1 
ATOM   854  C CZ  . ARG B 1 30 ? 11.829  -1.724  22.260  1.00 37.73 ? 30  ARG B CZ  1 
ATOM   855  N NH1 . ARG B 1 30 ? 12.214  -2.738  21.489  1.00 35.93 ? 30  ARG B NH1 1 
ATOM   856  N NH2 . ARG B 1 30 ? 10.705  -1.819  22.964  1.00 38.78 ? 30  ARG B NH2 1 
ATOM   857  N N   . THR B 1 31 ? 17.357  0.181   17.156  1.00 23.44 ? 31  THR B N   1 
ATOM   858  C CA  . THR B 1 31 ? 18.809  0.431   16.986  1.00 23.97 ? 31  THR B CA  1 
ATOM   859  C C   . THR B 1 31 ? 19.175  1.112   15.644  1.00 23.29 ? 31  THR B C   1 
ATOM   860  O O   . THR B 1 31 ? 20.331  1.524   15.427  1.00 22.46 ? 31  THR B O   1 
ATOM   861  C CB  . THR B 1 31 ? 19.616  -0.884  17.092  1.00 24.48 ? 31  THR B CB  1 
ATOM   862  O OG1 . THR B 1 31 ? 19.077  -1.859  16.188  1.00 24.39 ? 31  THR B OG1 1 
ATOM   863  C CG2 . THR B 1 31 ? 19.582  -1.434  18.532  1.00 24.97 ? 31  THR B CG2 1 
ATOM   864  N N   . GLY B 1 32 ? 18.201  1.194   14.739  1.00 21.08 ? 32  GLY B N   1 
ATOM   865  C CA  . GLY B 1 32 ? 18.452  1.665   13.391  1.00 21.17 ? 32  GLY B CA  1 
ATOM   866  C C   . GLY B 1 32 ? 18.526  3.161   13.206  1.00 19.98 ? 32  GLY B C   1 
ATOM   867  O O   . GLY B 1 32 ? 18.138  3.942   14.069  1.00 19.98 ? 32  GLY B O   1 
ATOM   868  N N   . LEU B 1 33 ? 19.029  3.569   12.049  1.00 21.03 ? 33  LEU B N   1 
ATOM   869  C CA  . LEU B 1 33 ? 19.107  5.003   11.713  1.00 20.03 ? 33  LEU B CA  1 
ATOM   870  C C   . LEU B 1 33 ? 17.752  5.677   11.600  1.00 20.36 ? 33  LEU B C   1 
ATOM   871  O O   . LEU B 1 33 ? 17.614  6.849   11.902  1.00 20.51 ? 33  LEU B O   1 
ATOM   872  C CB  . LEU B 1 33 ? 19.881  5.192   10.404  1.00 21.24 ? 33  LEU B CB  1 
ATOM   873  C CG  . LEU B 1 33 ? 21.358  4.797   10.420  1.00 22.98 ? 33  LEU B CG  1 
ATOM   874  C CD1 . LEU B 1 33 ? 21.877  4.755   9.023   1.00 23.04 ? 33  LEU B CD1 1 
ATOM   875  C CD2 . LEU B 1 33 ? 22.156  5.811   11.269  1.00 23.90 ? 33  LEU B CD2 1 
ATOM   876  N N   . ALA B 1 34 ? 16.736  4.948   11.133  1.00 19.88 ? 34  ALA B N   1 
ATOM   877  C CA  . ALA B 1 34 ? 15.387  5.515   11.077  1.00 19.56 ? 34  ALA B CA  1 
ATOM   878  C C   . ALA B 1 34 ? 14.936  6.021   12.444  1.00 19.95 ? 34  ALA B C   1 
ATOM   879  O O   . ALA B 1 34 ? 14.479  7.143   12.588  1.00 20.60 ? 34  ALA B O   1 
ATOM   880  C CB  . ALA B 1 34 ? 14.384  4.471   10.530  1.00 18.20 ? 34  ALA B CB  1 
ATOM   881  N N   . THR B 1 35 ? 15.068  5.184   13.465  1.00 20.08 ? 35  THR B N   1 
ATOM   882  C CA  . THR B 1 35 ? 14.711  5.598   14.809  1.00 21.49 ? 35  THR B CA  1 
ATOM   883  C C   . THR B 1 35 ? 15.605  6.758   15.305  1.00 21.65 ? 35  THR B C   1 
ATOM   884  O O   . THR B 1 35 ? 15.107  7.756   15.805  1.00 22.07 ? 35  THR B O   1 
ATOM   885  C CB  . THR B 1 35 ? 14.767  4.403   15.801  1.00 21.70 ? 35  THR B CB  1 
ATOM   886  O OG1 . THR B 1 35 ? 13.696  3.485   15.511  1.00 23.20 ? 35  THR B OG1 1 
ATOM   887  C CG2 . THR B 1 35 ? 14.653  4.908   17.236  1.00 23.34 ? 35  THR B CG2 1 
ATOM   888  N N   . LYS B 1 36 ? 16.918  6.612   15.162  1.00 22.16 ? 36  LYS B N   1 
ATOM   889  C CA  . LYS B 1 36 ? 17.886  7.635   15.640  1.00 22.81 ? 36  LYS B CA  1 
ATOM   890  C C   . LYS B 1 36 ? 17.597  9.000   14.980  1.00 23.54 ? 36  LYS B C   1 
ATOM   891  O O   . LYS B 1 36 ? 17.630  10.040  15.651  1.00 23.83 ? 36  LYS B O   1 
ATOM   892  C CB  . LYS B 1 36 ? 19.318  7.144   15.373  1.00 22.84 ? 36  LYS B CB  1 
ATOM   893  C CG  . LYS B 1 36 ? 20.487  8.136   15.667  1.00 23.10 ? 36  LYS B CG  1 
ATOM   894  C CD  . LYS B 1 36 ? 21.744  7.585   14.971  1.00 27.50 ? 36  LYS B CD  1 
ATOM   895  C CE  . LYS B 1 36 ? 22.888  8.588   14.816  1.00 31.46 ? 36  LYS B CE  1 
ATOM   896  N NZ  . LYS B 1 36 ? 24.040  8.020   13.978  1.00 33.92 ? 36  LYS B NZ  1 
ATOM   897  N N   . ASP B 1 37 ? 17.246  8.998   13.690  1.00 22.95 ? 37  ASP B N   1 
ATOM   898  C CA  . ASP B 1 37 ? 16.948  10.265  12.997  1.00 22.88 ? 37  ASP B CA  1 
ATOM   899  C C   . ASP B 1 37 ? 15.675  10.959  13.532  1.00 23.08 ? 37  ASP B C   1 
ATOM   900  O O   . ASP B 1 37 ? 15.593  12.197  13.594  1.00 23.51 ? 37  ASP B O   1 
ATOM   901  C CB  . ASP B 1 37 ? 16.851  10.044  11.491  1.00 22.42 ? 37  ASP B CB  1 
ATOM   902  C CG  . ASP B 1 37 ? 16.291  11.249  10.763  1.00 23.70 ? 37  ASP B CG  1 
ATOM   903  O OD1 . ASP B 1 37 ? 17.070  12.170  10.481  1.00 21.92 ? 37  ASP B OD1 1 
ATOM   904  O OD2 . ASP B 1 37 ? 15.081  11.290  10.495  1.00 23.52 ? 37  ASP B OD2 1 
ATOM   905  N N   . GLY B 1 38 ? 14.676  10.147  13.873  1.00 22.74 ? 38  GLY B N   1 
ATOM   906  C CA  . GLY B 1 38 ? 13.543  10.599  14.650  1.00 23.58 ? 38  GLY B CA  1 
ATOM   907  C C   . GLY B 1 38 ? 12.420  11.250  13.879  1.00 24.60 ? 38  GLY B C   1 
ATOM   908  O O   . GLY B 1 38 ? 11.399  11.636  14.479  1.00 25.19 ? 38  GLY B O   1 
ATOM   909  N N   . ASN B 1 39 ? 12.586  11.371  12.557  1.00 24.08 ? 39  ASN B N   1 
ATOM   910  C CA  . ASN B 1 39 ? 11.586  12.054  11.739  1.00 25.22 ? 39  ASN B CA  1 
ATOM   911  C C   . ASN B 1 39 ? 10.487  11.136  11.223  1.00 25.41 ? 39  ASN B C   1 
ATOM   912  O O   . ASN B 1 39 ? 9.312   11.529  11.207  1.00 25.28 ? 39  ASN B O   1 
ATOM   913  C CB  . ASN B 1 39 ? 12.225  12.848  10.601  1.00 24.78 ? 39  ASN B CB  1 
ATOM   914  C CG  . ASN B 1 39 ? 13.084  14.004  11.110  1.00 26.50 ? 39  ASN B CG  1 
ATOM   915  O OD1 . ASN B 1 39 ? 14.320  13.982  11.007  1.00 27.91 ? 39  ASN B OD1 1 
ATOM   916  N ND2 . ASN B 1 39 ? 12.433  15.013  11.687  1.00 25.70 ? 39  ASN B ND2 1 
ATOM   917  N N   . LEU B 1 40 ? 10.876  9.925   10.827  1.00 24.59 ? 40  LEU B N   1 
ATOM   918  C CA  . LEU B 1 40 ? 9.925   8.897   10.344  1.00 25.24 ? 40  LEU B CA  1 
ATOM   919  C C   . LEU B 1 40 ? 9.027   8.343   11.438  1.00 25.03 ? 40  LEU B C   1 
ATOM   920  O O   . LEU B 1 40 ? 9.472   8.187   12.574  1.00 25.22 ? 40  LEU B O   1 
ATOM   921  C CB  . LEU B 1 40 ? 10.710  7.731   9.753   1.00 25.51 ? 40  LEU B CB  1 
ATOM   922  C CG  . LEU B 1 40 ? 10.975  7.669   8.269   1.00 27.61 ? 40  LEU B CG  1 
ATOM   923  C CD1 . LEU B 1 40 ? 11.572  6.242   7.964   1.00 28.50 ? 40  LEU B CD1 1 
ATOM   924  C CD2 . LEU B 1 40 ? 9.711   7.907   7.472   1.00 21.42 ? 40  LEU B CD2 1 
ATOM   925  N N   . HIS B 1 41 ? 7.769   8.041   11.100  1.00 24.56 ? 41  HIS B N   1 
ATOM   926  C CA  . HIS B 1 41 ? 6.846   7.369   12.014  1.00 25.45 ? 41  HIS B CA  1 
ATOM   927  C C   . HIS B 1 41 ? 6.368   6.028   11.461  1.00 24.97 ? 41  HIS B C   1 
ATOM   928  O O   . HIS B 1 41 ? 6.171   5.892   10.238  1.00 23.60 ? 41  HIS B O   1 
ATOM   929  C CB  . HIS B 1 41 ? 5.602   8.227   12.258  1.00 26.80 ? 41  HIS B CB  1 
ATOM   930  C CG  . HIS B 1 41 ? 5.894   9.611   12.742  1.00 30.99 ? 41  HIS B CG  1 
ATOM   931  N ND1 . HIS B 1 41 ? 5.052   10.675  12.492  1.00 34.99 ? 41  HIS B ND1 1 
ATOM   932  C CD2 . HIS B 1 41 ? 6.926   10.108  13.467  1.00 34.18 ? 41  HIS B CD2 1 
ATOM   933  C CE1 . HIS B 1 41 ? 5.548   11.766  13.049  1.00 36.14 ? 41  HIS B CE1 1 
ATOM   934  N NE2 . HIS B 1 41 ? 6.684   11.449  13.647  1.00 36.62 ? 41  HIS B NE2 1 
ATOM   935  N N   . GLU B 1 42 ? 6.151   5.053   12.345  1.00 23.72 ? 42  GLU B N   1 
ATOM   936  C CA  . GLU B 1 42 ? 5.551   3.807   11.898  1.00 25.26 ? 42  GLU B CA  1 
ATOM   937  C C   . GLU B 1 42 ? 4.186   4.166   11.282  1.00 23.74 ? 42  GLU B C   1 
ATOM   938  O O   . GLU B 1 42 ? 3.485   5.065   11.774  1.00 23.50 ? 42  GLU B O   1 
ATOM   939  C CB  . GLU B 1 42 ? 5.489   2.737   13.029  1.00 26.06 ? 42  GLU B CB  1 
ATOM   940  C CG  . GLU B 1 42 ? 6.914   2.142   13.352  1.00 29.66 ? 42  GLU B CG  1 
ATOM   941  C CD  . GLU B 1 42 ? 6.960   0.978   14.379  1.00 33.43 ? 42  GLU B CD  1 
ATOM   942  O OE1 . GLU B 1 42 ? 5.879   0.480   14.804  1.00 33.35 ? 42  GLU B OE1 1 
ATOM   943  O OE2 . GLU B 1 42 ? 8.103   0.548   14.738  1.00 29.23 ? 42  GLU B OE2 1 
ATOM   944  N N   . GLY B 1 43 ? 3.854   3.507   10.173  1.00 23.06 ? 43  GLY B N   1 
ATOM   945  C CA  . GLY B 1 43 ? 2.621   3.784   9.453   1.00 22.20 ? 43  GLY B CA  1 
ATOM   946  C C   . GLY B 1 43 ? 2.733   4.905   8.425   1.00 22.30 ? 43  GLY B C   1 
ATOM   947  O O   . GLY B 1 43 ? 1.807   5.104   7.639   1.00 22.46 ? 43  GLY B O   1 
ATOM   948  N N   . ASP B 1 44 ? 3.848   5.638   8.413   1.00 21.29 ? 44  ASP B N   1 
ATOM   949  C CA  . ASP B 1 44 ? 4.057   6.675   7.364   1.00 20.64 ? 44  ASP B CA  1 
ATOM   950  C C   . ASP B 1 44 ? 3.983   6.057   5.977   1.00 19.96 ? 44  ASP B C   1 
ATOM   951  O O   . ASP B 1 44 ? 4.503   4.978   5.761   1.00 19.31 ? 44  ASP B O   1 
ATOM   952  C CB  . ASP B 1 44 ? 5.406   7.378   7.504   1.00 20.63 ? 44  ASP B CB  1 
ATOM   953  C CG  . ASP B 1 44 ? 5.371   8.543   8.488   1.00 21.25 ? 44  ASP B CG  1 
ATOM   954  O OD1 . ASP B 1 44 ? 4.286   9.019   8.833   1.00 23.76 ? 44  ASP B OD1 1 
ATOM   955  O OD2 . ASP B 1 44 ? 6.454   8.991   8.888   1.00 22.82 ? 44  ASP B OD2 1 
ATOM   956  N N   . ILE B 1 45 ? 3.351   6.763   5.046   1.00 19.92 ? 45  ILE B N   1 
ATOM   957  C CA  . ILE B 1 45 ? 3.323   6.356   3.647   1.00 20.21 ? 45  ILE B CA  1 
ATOM   958  C C   . ILE B 1 45 ? 4.488   6.961   2.918   1.00 20.19 ? 45  ILE B C   1 
ATOM   959  O O   . ILE B 1 45 ? 4.671   8.198   2.949   1.00 20.32 ? 45  ILE B O   1 
ATOM   960  C CB  . ILE B 1 45 ? 2.028   6.808   2.907   1.00 19.82 ? 45  ILE B CB  1 
ATOM   961  C CG1 . ILE B 1 45 ? 0.780   6.368   3.677   1.00 21.78 ? 45  ILE B CG1 1 
ATOM   962  C CG2 . ILE B 1 45 ? 2.040   6.284   1.457   1.00 20.42 ? 45  ILE B CG2 1 
ATOM   963  C CD1 . ILE B 1 45 ? 0.619   4.865   3.756   1.00 22.39 ? 45  ILE B CD1 1 
ATOM   964  N N   . ILE B 1 46 ? 5.303   6.090   2.317   1.00 19.19 ? 46  ILE B N   1 
ATOM   965  C CA  . ILE B 1 46 ? 6.476   6.512   1.588   1.00 19.73 ? 46  ILE B CA  1 
ATOM   966  C C   . ILE B 1 46 ? 5.985   6.899   0.197   1.00 20.70 ? 46  ILE B C   1 
ATOM   967  O O   . ILE B 1 46 ? 5.378   6.082   -0.508  1.00 22.43 ? 46  ILE B O   1 
ATOM   968  C CB  . ILE B 1 46 ? 7.540   5.374   1.463   1.00 19.39 ? 46  ILE B CB  1 
ATOM   969  C CG1 . ILE B 1 46 ? 8.007   4.822   2.837   1.00 19.53 ? 46  ILE B CG1 1 
ATOM   970  C CG2 . ILE B 1 46 ? 8.720   5.818   0.554   1.00 21.29 ? 46  ILE B CG2 1 
ATOM   971  C CD1 . ILE B 1 46 ? 8.575   5.825   3.781   1.00 22.67 ? 46  ILE B CD1 1 
ATOM   972  N N   . LEU B 1 47 ? 6.283   8.124   -0.210  1.00 19.06 ? 47  LEU B N   1 
ATOM   973  C CA  . LEU B 1 47 ? 5.914   8.605   -1.550  1.00 20.25 ? 47  LEU B CA  1 
ATOM   974  C C   . LEU B 1 47 ? 6.994   8.418   -2.600  1.00 20.06 ? 47  LEU B C   1 
ATOM   975  O O   . LEU B 1 47 ? 6.694   8.146   -3.771  1.00 20.35 ? 47  LEU B O   1 
ATOM   976  C CB  . LEU B 1 47 ? 5.487   10.077  -1.477  1.00 19.92 ? 47  LEU B CB  1 
ATOM   977  C CG  . LEU B 1 47 ? 4.222   10.313  -0.657  1.00 22.25 ? 47  LEU B CG  1 
ATOM   978  C CD1 . LEU B 1 47 ? 3.988   11.819  -0.508  1.00 24.16 ? 47  LEU B CD1 1 
ATOM   979  C CD2 . LEU B 1 47 ? 2.985   9.583   -1.297  1.00 23.18 ? 47  LEU B CD2 1 
ATOM   980  N N   . LYS B 1 48 ? 8.250   8.604   -2.191  1.00 19.71 ? 48  LYS B N   1 
ATOM   981  C CA  . LYS B 1 48 ? 9.403   8.445   -3.061  1.00 20.25 ? 48  LYS B CA  1 
ATOM   982  C C   . LYS B 1 48 ? 10.602  7.874   -2.321  1.00 20.81 ? 48  LYS B C   1 
ATOM   983  O O   . LYS B 1 48 ? 10.804  8.135   -1.136  1.00 19.47 ? 48  LYS B O   1 
ATOM   984  C CB  . LYS B 1 48 ? 9.822   9.796   -3.691  1.00 21.67 ? 48  LYS B CB  1 
ATOM   985  C CG  . LYS B 1 48 ? 8.726   10.513  -4.446  1.00 24.75 ? 48  LYS B CG  1 
ATOM   986  C CD  . LYS B 1 48 ? 9.149   11.943  -4.867  1.00 28.16 ? 48  LYS B CD  1 
ATOM   987  C CE  . LYS B 1 48 ? 10.290  11.934  -5.835  1.00 30.73 ? 48  LYS B CE  1 
ATOM   988  N NZ  . LYS B 1 48 ? 10.580  13.348  -6.300  1.00 33.37 ? 48  LYS B NZ  1 
ATOM   989  N N   . ILE B 1 49 ? 11.386  7.082   -3.033  1.00 20.81 ? 49  ILE B N   1 
ATOM   990  C CA  . ILE B 1 49 ? 12.645  6.584   -2.508  1.00 22.26 ? 49  ILE B CA  1 
ATOM   991  C C   . ILE B 1 49 ? 13.726  6.982   -3.487  1.00 23.31 ? 49  ILE B C   1 
ATOM   992  O O   . ILE B 1 49 ? 13.768  6.468   -4.612  1.00 23.00 ? 49  ILE B O   1 
ATOM   993  C CB  . ILE B 1 49 ? 12.662  5.044   -2.337  1.00 22.29 ? 49  ILE B CB  1 
ATOM   994  C CG1 . ILE B 1 49 ? 11.579  4.591   -1.364  1.00 22.36 ? 49  ILE B CG1 1 
ATOM   995  C CG2 . ILE B 1 49 ? 14.061  4.592   -1.877  1.00 22.36 ? 49  ILE B CG2 1 
ATOM   996  C CD1 . ILE B 1 49 ? 11.313  3.087   -1.348  1.00 24.56 ? 49  ILE B CD1 1 
ATOM   997  N N   . ASN B 1 50 ? 14.601  7.889   -3.050  1.00 23.79 ? 50  ASN B N   1 
ATOM   998  C CA  . ASN B 1 50 ? 15.736  8.333   -3.872  1.00 25.88 ? 50  ASN B CA  1 
ATOM   999  C C   . ASN B 1 50 ? 15.312  8.804   -5.262  1.00 25.99 ? 50  ASN B C   1 
ATOM   1000 O O   . ASN B 1 50 ? 15.959  8.501   -6.258  1.00 26.40 ? 50  ASN B O   1 
ATOM   1001 C CB  . ASN B 1 50 ? 16.811  7.239   -3.934  1.00 26.14 ? 50  ASN B CB  1 
ATOM   1002 C CG  . ASN B 1 50 ? 17.692  7.223   -2.692  1.00 26.93 ? 50  ASN B CG  1 
ATOM   1003 O OD1 . ASN B 1 50 ? 18.395  6.258   -2.418  1.00 33.36 ? 50  ASN B OD1 1 
ATOM   1004 N ND2 . ASN B 1 50 ? 17.670  8.311   -1.955  1.00 27.93 ? 50  ASN B ND2 1 
ATOM   1005 N N   . GLY B 1 51 ? 14.207  9.532   -5.302  1.00 26.85 ? 51  GLY B N   1 
ATOM   1006 C CA  . GLY B 1 51 ? 13.744  10.183  -6.510  1.00 27.09 ? 51  GLY B CA  1 
ATOM   1007 C C   . GLY B 1 51 ? 12.635  9.436   -7.234  1.00 26.70 ? 51  GLY B C   1 
ATOM   1008 O O   . GLY B 1 51 ? 11.899  10.048  -8.032  1.00 27.69 ? 51  GLY B O   1 
ATOM   1009 N N   . THR B 1 52 ? 12.491  8.147   -6.927  1.00 25.63 ? 52  THR B N   1 
ATOM   1010 C CA  . THR B 1 52 ? 11.548  7.246   -7.644  1.00 24.31 ? 52  THR B CA  1 
ATOM   1011 C C   . THR B 1 52 ? 10.221  7.149   -6.894  1.00 24.00 ? 52  THR B C   1 
ATOM   1012 O O   . THR B 1 52 ? 10.198  6.791   -5.738  1.00 22.77 ? 52  THR B O   1 
ATOM   1013 C CB  . THR B 1 52 ? 12.101  5.814   -7.790  1.00 24.52 ? 52  THR B CB  1 
ATOM   1014 O OG1 . THR B 1 52 ? 13.299  5.830   -8.563  1.00 24.97 ? 52  THR B OG1 1 
ATOM   1015 C CG2 . THR B 1 52 ? 11.086  4.916   -8.510  1.00 23.80 ? 52  THR B CG2 1 
ATOM   1016 N N   . VAL B 1 53 ? 9.132   7.438   -7.592  1.00 23.57 ? 53  VAL B N   1 
ATOM   1017 C CA  . VAL B 1 53 ? 7.782   7.396   -7.040  1.00 23.96 ? 53  VAL B CA  1 
ATOM   1018 C C   . VAL B 1 53 ? 7.428   5.942   -6.704  1.00 23.55 ? 53  VAL B C   1 
ATOM   1019 O O   . VAL B 1 53 ? 7.672   5.027   -7.520  1.00 23.09 ? 53  VAL B O   1 
ATOM   1020 C CB  . VAL B 1 53 ? 6.791   7.959   -8.108  1.00 24.93 ? 53  VAL B CB  1 
ATOM   1021 C CG1 . VAL B 1 53 ? 5.351   7.560   -7.809  1.00 26.48 ? 53  VAL B CG1 1 
ATOM   1022 C CG2 . VAL B 1 53 ? 6.943   9.480   -8.242  1.00 25.74 ? 53  VAL B CG2 1 
ATOM   1023 N N   . THR B 1 54 ? 6.831   5.730   -5.536  1.00 21.49 ? 54  THR B N   1 
ATOM   1024 C CA  . THR B 1 54 ? 6.508   4.364   -5.097  1.00 22.52 ? 54  THR B CA  1 
ATOM   1025 C C   . THR B 1 54 ? 5.025   3.956   -5.231  1.00 21.84 ? 54  THR B C   1 
ATOM   1026 O O   . THR B 1 54 ? 4.693   2.774   -5.014  1.00 21.43 ? 54  THR B O   1 
ATOM   1027 C CB  . THR B 1 54 ? 7.012   4.074   -3.671  1.00 22.66 ? 54  THR B CB  1 
ATOM   1028 O OG1 . THR B 1 54 ? 6.499   5.058   -2.769  1.00 23.10 ? 54  THR B OG1 1 
ATOM   1029 C CG2 . THR B 1 54 ? 8.556   4.106   -3.646  1.00 22.03 ? 54  THR B CG2 1 
ATOM   1030 N N   . GLU B 1 55 ? 4.137   4.898   -5.572  1.00 21.63 ? 55  GLU B N   1 
ATOM   1031 C CA  . GLU B 1 55 ? 2.736   4.485   -5.777  1.00 22.50 ? 55  GLU B CA  1 
ATOM   1032 C C   . GLU B 1 55 ? 2.679   3.360   -6.802  1.00 22.07 ? 55  GLU B C   1 
ATOM   1033 O O   . GLU B 1 55 ? 3.302   3.432   -7.846  1.00 21.45 ? 55  GLU B O   1 
ATOM   1034 C CB  . GLU B 1 55 ? 1.818   5.630   -6.185  1.00 22.38 ? 55  GLU B CB  1 
ATOM   1035 C CG  . GLU B 1 55 ? 0.322   5.259   -6.044  1.00 26.30 ? 55  GLU B CG  1 
ATOM   1036 C CD  . GLU B 1 55 ? -0.609  6.439   -6.279  1.00 30.11 ? 55  GLU B CD  1 
ATOM   1037 O OE1 . GLU B 1 55 ? -0.133  7.536   -6.668  1.00 32.50 ? 55  GLU B OE1 1 
ATOM   1038 O OE2 . GLU B 1 55 ? -1.828  6.264   -6.126  1.00 28.98 ? 55  GLU B OE2 1 
ATOM   1039 N N   . ASN B 1 56 ? 1.928   2.309   -6.456  1.00 21.56 ? 56  ASN B N   1 
ATOM   1040 C CA  . ASN B 1 56 ? 1.754   1.118   -7.253  1.00 21.94 ? 56  ASN B CA  1 
ATOM   1041 C C   . ASN B 1 56 ? 3.001   0.266   -7.450  1.00 21.38 ? 56  ASN B C   1 
ATOM   1042 O O   . ASN B 1 56 ? 2.954   -0.714  -8.159  1.00 22.47 ? 56  ASN B O   1 
ATOM   1043 C CB  . ASN B 1 56 ? 1.089   1.445   -8.597  1.00 21.54 ? 56  ASN B CB  1 
ATOM   1044 C CG  . ASN B 1 56 ? -0.271  2.065   -8.417  1.00 23.78 ? 56  ASN B CG  1 
ATOM   1045 O OD1 . ASN B 1 56 ? -0.871  1.988   -7.327  1.00 22.67 ? 56  ASN B OD1 1 
ATOM   1046 N ND2 . ASN B 1 56 ? -0.789  2.671   -9.482  1.00 25.66 ? 56  ASN B ND2 1 
ATOM   1047 N N   . MET B 1 57 ? 4.109   0.631   -6.814  1.00 21.25 ? 57  MET B N   1 
ATOM   1048 C CA  . MET B 1 57 ? 5.305   -0.197  -6.874  1.00 20.61 ? 57  MET B CA  1 
ATOM   1049 C C   . MET B 1 57 ? 5.206   -1.389  -5.926  1.00 20.33 ? 57  MET B C   1 
ATOM   1050 O O   . MET B 1 57 ? 4.738   -1.264  -4.794  1.00 20.37 ? 57  MET B O   1 
ATOM   1051 C CB  . MET B 1 57 ? 6.548   0.634   -6.539  1.00 21.06 ? 57  MET B CB  1 
ATOM   1052 C CG  . MET B 1 57 ? 7.793   -0.205  -6.509  1.00 23.00 ? 57  MET B CG  1 
ATOM   1053 S SD  . MET B 1 57 ? 9.271   0.790   -6.255  1.00 26.63 ? 57  MET B SD  1 
ATOM   1054 C CE  . MET B 1 57 ? 9.211   1.844   -7.711  1.00 29.16 ? 57  MET B CE  1 
ATOM   1055 N N   . SER B 1 58 ? 5.672   -2.549  -6.370  1.00 20.40 ? 58  SER B N   1 
ATOM   1056 C CA  . SER B 1 58 ? 5.636   -3.727  -5.488  1.00 20.41 ? 58  SER B CA  1 
ATOM   1057 C C   . SER B 1 58 ? 6.616   -3.553  -4.327  1.00 20.57 ? 58  SER B C   1 
ATOM   1058 O O   . SER B 1 58 ? 7.652   -2.891  -4.483  1.00 20.58 ? 58  SER B O   1 
ATOM   1059 C CB  . SER B 1 58 ? 5.930   -5.008  -6.265  1.00 21.35 ? 58  SER B CB  1 
ATOM   1060 O OG  . SER B 1 58 ? 7.323   -5.127  -6.561  1.00 22.24 ? 58  SER B OG  1 
ATOM   1061 N N   . LEU B 1 59 ? 6.285   -4.137  -3.178  1.00 20.45 ? 59  LEU B N   1 
ATOM   1062 C CA  . LEU B 1 59 ? 7.207   -4.214  -2.033  1.00 20.04 ? 59  LEU B CA  1 
ATOM   1063 C C   . LEU B 1 59 ? 8.601   -4.720  -2.427  1.00 20.61 ? 59  LEU B C   1 
ATOM   1064 O O   . LEU B 1 59 ? 9.616   -4.146  -2.000  1.00 19.78 ? 59  LEU B O   1 
ATOM   1065 C CB  . LEU B 1 59 ? 6.658   -5.154  -0.971  1.00 20.71 ? 59  LEU B CB  1 
ATOM   1066 C CG  . LEU B 1 59 ? 7.401   -5.171  0.371   1.00 20.39 ? 59  LEU B CG  1 
ATOM   1067 C CD1 . LEU B 1 59 ? 7.684   -3.755  0.904   1.00 22.99 ? 59  LEU B CD1 1 
ATOM   1068 C CD2 . LEU B 1 59 ? 6.653   -6.012  1.433   1.00 23.48 ? 59  LEU B CD2 1 
ATOM   1069 N N   . THR B 1 60 ? 8.646   -5.817  -3.206  1.00 21.25 ? 60  THR B N   1 
ATOM   1070 C CA  . THR B 1 60 ? 9.926   -6.336  -3.709  1.00 22.00 ? 60  THR B CA  1 
ATOM   1071 C C   . THR B 1 60 ? 10.741  -5.271  -4.458  1.00 22.01 ? 60  THR B C   1 
ATOM   1072 O O   . THR B 1 60 ? 11.949  -5.103  -4.206  1.00 23.01 ? 60  THR B O   1 
ATOM   1073 C CB  . THR B 1 60 ? 9.716   -7.606  -4.595  1.00 21.87 ? 60  THR B CB  1 
ATOM   1074 O OG1 . THR B 1 60 ? 9.057   -8.623  -3.815  1.00 26.10 ? 60  THR B OG1 1 
ATOM   1075 C CG2 . THR B 1 60 ? 11.039  -8.154  -5.087  1.00 22.39 ? 60  THR B CG2 1 
ATOM   1076 N N   . ASP B 1 61 ? 10.104  -4.562  -5.381  1.00 21.28 ? 61  ASP B N   1 
ATOM   1077 C CA  . ASP B 1 61 ? 10.781  -3.486  -6.112  1.00 21.73 ? 61  ASP B CA  1 
ATOM   1078 C C   . ASP B 1 61 ? 11.189  -2.313  -5.229  1.00 21.51 ? 61  ASP B C   1 
ATOM   1079 O O   . ASP B 1 61 ? 12.287  -1.762  -5.406  1.00 22.38 ? 61  ASP B O   1 
ATOM   1080 C CB  . ASP B 1 61 ? 9.918   -3.001  -7.267  1.00 21.74 ? 61  ASP B CB  1 
ATOM   1081 C CG  . ASP B 1 61 ? 9.871   -4.009  -8.442  1.00 24.99 ? 61  ASP B CG  1 
ATOM   1082 O OD1 . ASP B 1 61 ? 10.582  -5.038  -8.418  1.00 26.91 ? 61  ASP B OD1 1 
ATOM   1083 O OD2 . ASP B 1 61 ? 9.135   -3.722  -9.397  1.00 25.78 ? 61  ASP B OD2 1 
ATOM   1084 N N   . ALA B 1 62 ? 10.333  -1.933  -4.269  1.00 20.37 ? 62  ALA B N   1 
ATOM   1085 C CA  . ALA B 1 62 ? 10.700  -0.869  -3.335  1.00 20.15 ? 62  ALA B CA  1 
ATOM   1086 C C   . ALA B 1 62 ? 11.925  -1.264  -2.490  1.00 20.74 ? 62  ALA B C   1 
ATOM   1087 O O   . ALA B 1 62 ? 12.816  -0.433  -2.259  1.00 21.25 ? 62  ALA B O   1 
ATOM   1088 C CB  . ALA B 1 62 ? 9.514   -0.506  -2.439  1.00 19.54 ? 62  ALA B CB  1 
ATOM   1089 N N   . ARG B 1 63 ? 11.970  -2.526  -2.046  1.00 20.79 ? 63  ARG B N   1 
ATOM   1090 C CA  . ARG B 1 63 ? 13.107  -3.041  -1.248  1.00 22.01 ? 63  ARG B CA  1 
ATOM   1091 C C   . ARG B 1 63 ? 14.415  -3.005  -2.061  1.00 23.39 ? 63  ARG B C   1 
ATOM   1092 O O   . ARG B 1 63 ? 15.483  -2.652  -1.539  1.00 22.95 ? 63  ARG B O   1 
ATOM   1093 C CB  . ARG B 1 63 ? 12.810  -4.428  -0.676  1.00 21.76 ? 63  ARG B CB  1 
ATOM   1094 C CG  . ARG B 1 63 ? 11.776  -4.353  0.448   1.00 22.90 ? 63  ARG B CG  1 
ATOM   1095 C CD  . ARG B 1 63 ? 11.352  -5.721  0.889   1.00 24.97 ? 63  ARG B CD  1 
ATOM   1096 N NE  . ARG B 1 63 ? 10.714  -5.655  2.189   1.00 28.03 ? 63  ARG B NE  1 
ATOM   1097 C CZ  . ARG B 1 63 ? 9.999   -6.641  2.713   1.00 29.91 ? 63  ARG B CZ  1 
ATOM   1098 N NH1 . ARG B 1 63 ? 9.826   -7.772  2.021   1.00 29.35 ? 63  ARG B NH1 1 
ATOM   1099 N NH2 . ARG B 1 63 ? 9.449   -6.491  3.917   1.00 28.53 ? 63  ARG B NH2 1 
ATOM   1100 N N   . LYS B 1 64 ? 14.320  -3.314  -3.357  1.00 23.38 ? 64  LYS B N   1 
ATOM   1101 C CA  . LYS B 1 64 ? 15.492  -3.224  -4.219  1.00 25.18 ? 64  LYS B CA  1 
ATOM   1102 C C   . LYS B 1 64 ? 16.039  -1.799  -4.257  1.00 25.67 ? 64  LYS B C   1 
ATOM   1103 O O   . LYS B 1 64 ? 17.239  -1.624  -4.250  1.00 26.29 ? 64  LYS B O   1 
ATOM   1104 C CB  . LYS B 1 64 ? 15.198  -3.759  -5.624  1.00 23.94 ? 64  LYS B CB  1 
ATOM   1105 C CG  . LYS B 1 64 ? 14.958  -5.269  -5.655  1.00 26.13 ? 64  LYS B CG  1 
ATOM   1106 C CD  . LYS B 1 64 ? 14.465  -5.717  -7.030  1.00 28.90 ? 64  LYS B CD  1 
ATOM   1107 C CE  . LYS B 1 64 ? 13.850  -7.087  -6.931  1.00 29.69 ? 64  LYS B CE  1 
ATOM   1108 N NZ  . LYS B 1 64 ? 13.401  -7.672  -8.242  1.00 29.75 ? 64  LYS B NZ  1 
ATOM   1109 N N   . LEU B 1 65 ? 15.159  -0.797  -4.308  1.00 26.62 ? 65  LEU B N   1 
ATOM   1110 C CA  . LEU B 1 65 ? 15.577  0.623   -4.330  1.00 27.53 ? 65  LEU B CA  1 
ATOM   1111 C C   . LEU B 1 65 ? 16.312  1.002   -3.036  1.00 28.98 ? 65  LEU B C   1 
ATOM   1112 O O   . LEU B 1 65 ? 17.288  1.761   -3.086  1.00 29.81 ? 65  LEU B O   1 
ATOM   1113 C CB  . LEU B 1 65 ? 14.391  1.561   -4.538  1.00 27.29 ? 65  LEU B CB  1 
ATOM   1114 C CG  . LEU B 1 65 ? 13.729  1.765   -5.897  1.00 28.98 ? 65  LEU B CG  1 
ATOM   1115 C CD1 . LEU B 1 65 ? 12.452  2.584   -5.730  1.00 29.49 ? 65  LEU B CD1 1 
ATOM   1116 C CD2 . LEU B 1 65 ? 14.706  2.484   -6.816  1.00 31.52 ? 65  LEU B CD2 1 
ATOM   1117 N N   . ILE B 1 66 ? 15.848  0.488   -1.894  1.00 28.48 ? 66  ILE B N   1 
ATOM   1118 C CA  . ILE B 1 66 ? 16.570  0.662   -0.615  1.00 29.59 ? 66  ILE B CA  1 
ATOM   1119 C C   . ILE B 1 66 ? 17.982  0.016   -0.644  1.00 30.54 ? 66  ILE B C   1 
ATOM   1120 O O   . ILE B 1 66 ? 18.970  0.651   -0.263  1.00 30.56 ? 66  ILE B O   1 
ATOM   1121 C CB  . ILE B 1 66 ? 15.742  0.190   0.588   1.00 29.27 ? 66  ILE B CB  1 
ATOM   1122 C CG1 . ILE B 1 66 ? 14.496  1.095   0.717   1.00 29.20 ? 66  ILE B CG1 1 
ATOM   1123 C CG2 . ILE B 1 66 ? 16.591  0.184   1.889   1.00 28.15 ? 66  ILE B CG2 1 
ATOM   1124 C CD1 . ILE B 1 66 ? 13.841  1.098   2.038   1.00 31.71 ? 66  ILE B CD1 1 
ATOM   1125 N N   . GLU B 1 67 ? 18.093  -1.218  -1.128  1.00 31.44 ? 67  GLU B N   1 
ATOM   1126 C CA  . GLU B 1 67 ? 19.424  -1.825  -1.302  1.00 33.58 ? 67  GLU B CA  1 
ATOM   1127 C C   . GLU B 1 67 ? 20.315  -1.006  -2.256  1.00 34.22 ? 67  GLU B C   1 
ATOM   1128 O O   . GLU B 1 67 ? 21.527  -0.925  -2.057  1.00 35.61 ? 67  GLU B O   1 
ATOM   1129 C CB  . GLU B 1 67 ? 19.328  -3.290  -1.733  1.00 33.98 ? 67  GLU B CB  1 
ATOM   1130 C CG  . GLU B 1 67 ? 18.487  -4.202  -0.804  1.00 35.38 ? 67  GLU B CG  1 
ATOM   1131 C CD  . GLU B 1 67 ? 19.066  -4.388  0.615   1.00 39.30 ? 67  GLU B CD  1 
ATOM   1132 O OE1 . GLU B 1 67 ? 20.038  -3.698  0.987   1.00 40.94 ? 67  GLU B OE1 1 
ATOM   1133 O OE2 . GLU B 1 67 ? 18.537  -5.236  1.375   1.00 41.58 ? 67  GLU B OE2 1 
ATOM   1134 N N   . LYS B 1 68 ? 19.707  -0.361  -3.251  1.00 34.56 ? 68  LYS B N   1 
ATOM   1135 C CA  . LYS B 1 68 ? 20.426  0.435   -4.277  1.00 35.46 ? 68  LYS B CA  1 
ATOM   1136 C C   . LYS B 1 68 ? 20.981  1.790   -3.777  1.00 35.35 ? 68  LYS B C   1 
ATOM   1137 O O   . LYS B 1 68 ? 21.910  2.361   -4.386  1.00 35.58 ? 68  LYS B O   1 
ATOM   1138 C CB  . LYS B 1 68 ? 19.489  0.638   -5.482  1.00 36.08 ? 68  LYS B CB  1 
ATOM   1139 C CG  . LYS B 1 68 ? 20.037  1.432   -6.675  1.00 38.57 ? 68  LYS B CG  1 
ATOM   1140 C CD  . LYS B 1 68 ? 19.036  1.438   -7.843  1.00 42.05 ? 68  LYS B CD  1 
ATOM   1141 C CE  . LYS B 1 68 ? 19.313  2.576   -8.844  1.00 43.96 ? 68  LYS B CE  1 
ATOM   1142 N NZ  . LYS B 1 68 ? 20.616  2.460   -9.576  1.00 45.32 ? 68  LYS B NZ  1 
ATOM   1143 N N   . SER B 1 69 ? 20.406  2.289   -2.674  1.00 34.16 ? 69  SER B N   1 
ATOM   1144 C CA  . SER B 1 69 ? 20.701  3.621   -2.094  1.00 33.12 ? 69  SER B CA  1 
ATOM   1145 C C   . SER B 1 69 ? 22.181  3.877   -1.745  1.00 32.53 ? 69  SER B C   1 
ATOM   1146 O O   . SER B 1 69 ? 22.601  5.028   -1.640  1.00 32.94 ? 69  SER B O   1 
ATOM   1147 C CB  . SER B 1 69 ? 19.863  3.804   -0.829  1.00 31.95 ? 69  SER B CB  1 
ATOM   1148 O OG  . SER B 1 69 ? 20.264  2.871   0.159   1.00 32.07 ? 69  SER B OG  1 
ATOM   1149 N N   . ARG B 1 70 ? 22.941  2.804   -1.534  1.00 31.75 ? 70  ARG B N   1 
ATOM   1150 C CA  . ARG B 1 70 ? 24.366  2.882   -1.170  1.00 32.43 ? 70  ARG B CA  1 
ATOM   1151 C C   . ARG B 1 70 ? 24.635  3.835   0.014   1.00 31.93 ? 70  ARG B C   1 
ATOM   1152 O O   . ARG B 1 70 ? 25.450  4.775   -0.082  1.00 32.80 ? 70  ARG B O   1 
ATOM   1153 C CB  . ARG B 1 70 ? 25.233  3.231   -2.386  1.00 32.40 ? 70  ARG B CB  1 
ATOM   1154 N N   . GLY B 1 71 ? 23.909  3.580   1.107   1.00 31.56 ? 71  GLY B N   1 
ATOM   1155 C CA  . GLY B 1 71 ? 24.095  4.284   2.368   1.00 30.39 ? 71  GLY B CA  1 
ATOM   1156 C C   . GLY B 1 71 ? 23.596  5.708   2.415   1.00 29.03 ? 71  GLY B C   1 
ATOM   1157 O O   . GLY B 1 71 ? 23.827  6.397   3.401   1.00 30.77 ? 71  GLY B O   1 
ATOM   1158 N N   . LYS B 1 72 ? 22.952  6.170   1.346   1.00 27.50 ? 72  LYS B N   1 
ATOM   1159 C CA  . LYS B 1 72 ? 22.260  7.443   1.348   1.00 27.17 ? 72  LYS B CA  1 
ATOM   1160 C C   . LYS B 1 72 ? 20.805  7.231   0.919   1.00 26.41 ? 72  LYS B C   1 
ATOM   1161 O O   . LYS B 1 72 ? 20.533  6.930   -0.251  1.00 26.61 ? 72  LYS B O   1 
ATOM   1162 C CB  . LYS B 1 72 ? 22.913  8.437   0.388   1.00 27.40 ? 72  LYS B CB  1 
ATOM   1163 C CG  . LYS B 1 72 ? 22.230  9.792   0.373   1.00 29.87 ? 72  LYS B CG  1 
ATOM   1164 C CD  . LYS B 1 72 ? 23.002  10.795  -0.481  1.00 35.13 ? 72  LYS B CD  1 
ATOM   1165 C CE  . LYS B 1 72 ? 22.177  12.042  -0.687  1.00 34.52 ? 72  LYS B CE  1 
ATOM   1166 N NZ  . LYS B 1 72 ? 22.977  13.147  -1.276  1.00 36.17 ? 72  LYS B NZ  1 
ATOM   1167 N N   . LEU B 1 73 ? 19.889  7.424   1.864   1.00 24.13 ? 73  LEU B N   1 
ATOM   1168 C CA  . LEU B 1 73 ? 18.468  7.146   1.631   1.00 22.23 ? 73  LEU B CA  1 
ATOM   1169 C C   . LEU B 1 73 ? 17.628  8.379   1.810   1.00 22.05 ? 73  LEU B C   1 
ATOM   1170 O O   . LEU B 1 73 ? 17.341  8.831   2.927   1.00 22.68 ? 73  LEU B O   1 
ATOM   1171 C CB  . LEU B 1 73 ? 17.983  5.999   2.528   1.00 22.12 ? 73  LEU B CB  1 
ATOM   1172 C CG  . LEU B 1 73 ? 16.541  5.525   2.281   1.00 20.01 ? 73  LEU B CG  1 
ATOM   1173 C CD1 . LEU B 1 73 ? 16.450  4.909   0.907   1.00 20.27 ? 73  LEU B CD1 1 
ATOM   1174 C CD2 . LEU B 1 73 ? 16.192  4.500   3.346   1.00 19.90 ? 73  LEU B CD2 1 
ATOM   1175 N N   . GLN B 1 74 ? 17.255  8.959   0.683   1.00 22.12 ? 74  GLN B N   1 
ATOM   1176 C CA  . GLN B 1 74 ? 16.373  10.088  0.696   1.00 22.51 ? 74  GLN B CA  1 
ATOM   1177 C C   . GLN B 1 74 ? 14.933  9.643   0.465   1.00 22.35 ? 74  GLN B C   1 
ATOM   1178 O O   . GLN B 1 74 ? 14.610  9.133   -0.613  1.00 22.42 ? 74  GLN B O   1 
ATOM   1179 C CB  . GLN B 1 74 ? 16.775  11.078  -0.385  1.00 22.93 ? 74  GLN B CB  1 
ATOM   1180 C CG  . GLN B 1 74 ? 15.812  12.245  -0.498  1.00 25.74 ? 74  GLN B CG  1 
ATOM   1181 C CD  . GLN B 1 74 ? 15.881  13.200  0.687   1.00 29.96 ? 74  GLN B CD  1 
ATOM   1182 O OE1 . GLN B 1 74 ? 14.915  13.354  1.438   1.00 29.93 ? 74  GLN B OE1 1 
ATOM   1183 N NE2 . GLN B 1 74 ? 17.026  13.838  0.861   1.00 30.64 ? 74  GLN B NE2 1 
ATOM   1184 N N   . LEU B 1 75 ? 14.089  9.875   1.463   1.00 21.60 ? 75  LEU B N   1 
ATOM   1185 C CA  . LEU B 1 75 ? 12.678  9.554   1.421   1.00 21.02 ? 75  LEU B CA  1 
ATOM   1186 C C   . LEU B 1 75 ? 11.837  10.811  1.340   1.00 22.18 ? 75  LEU B C   1 
ATOM   1187 O O   . LEU B 1 75 ? 12.194  11.888  1.855   1.00 21.59 ? 75  LEU B O   1 
ATOM   1188 C CB  . LEU B 1 75 ? 12.263  8.788   2.686   1.00 19.82 ? 75  LEU B CB  1 
ATOM   1189 C CG  . LEU B 1 75 ? 13.015  7.518   3.023   1.00 19.51 ? 75  LEU B CG  1 
ATOM   1190 C CD1 . LEU B 1 75 ? 12.523  6.998   4.378   1.00 22.91 ? 75  LEU B CD1 1 
ATOM   1191 C CD2 . LEU B 1 75 ? 12.817  6.463   1.905   1.00 21.41 ? 75  LEU B CD2 1 
ATOM   1192 N N   . VAL B 1 76 ? 10.695  10.666  0.687   1.00 21.73 ? 76  VAL B N   1 
ATOM   1193 C CA  . VAL B 1 76 ? 9.656   11.650  0.779   1.00 22.37 ? 76  VAL B CA  1 
ATOM   1194 C C   . VAL B 1 76 ? 8.442   10.908  1.329   1.00 23.22 ? 76  VAL B C   1 
ATOM   1195 O O   . VAL B 1 76 ? 8.104   9.810   0.868   1.00 22.39 ? 76  VAL B O   1 
ATOM   1196 C CB  . VAL B 1 76 ? 9.334   12.305  -0.583  1.00 22.66 ? 76  VAL B CB  1 
ATOM   1197 C CG1 . VAL B 1 76 ? 8.226   13.324  -0.420  1.00 23.63 ? 76  VAL B CG1 1 
ATOM   1198 C CG2 . VAL B 1 76 ? 10.599  12.939  -1.194  1.00 22.58 ? 76  VAL B CG2 1 
ATOM   1199 N N   . VAL B 1 77 ? 7.795   11.528  2.306   1.00 23.69 ? 77  VAL B N   1 
ATOM   1200 C CA  . VAL B 1 77 ? 6.845   10.863  3.164   1.00 25.34 ? 77  VAL B CA  1 
ATOM   1201 C C   . VAL B 1 77 ? 5.574   11.707  3.197   1.00 26.01 ? 77  VAL B C   1 
ATOM   1202 O O   . VAL B 1 77 ? 5.650   12.926  3.231   1.00 25.75 ? 77  VAL B O   1 
ATOM   1203 C CB  . VAL B 1 77 ? 7.511   10.669  4.572   1.00 25.67 ? 77  VAL B CB  1 
ATOM   1204 C CG1 . VAL B 1 77 ? 6.510   10.360  5.645   1.00 27.68 ? 77  VAL B CG1 1 
ATOM   1205 C CG2 . VAL B 1 77 ? 8.575   9.536   4.485   1.00 27.46 ? 77  VAL B CG2 1 
ATOM   1206 N N   . LEU B 1 78 ? 4.411   11.068  3.167   1.00 27.55 ? 78  LEU B N   1 
ATOM   1207 C CA  . LEU B 1 78 ? 3.145   11.804  3.197   1.00 29.98 ? 78  LEU B CA  1 
ATOM   1208 C C   . LEU B 1 78 ? 2.856   12.459  4.559   1.00 31.86 ? 78  LEU B C   1 
ATOM   1209 O O   . LEU B 1 78 ? 2.887   11.794  5.603   1.00 31.83 ? 78  LEU B O   1 
ATOM   1210 C CB  . LEU B 1 78 ? 1.981   10.905  2.756   1.00 29.33 ? 78  LEU B CB  1 
ATOM   1211 C CG  . LEU B 1 78 ? 0.558   11.479  2.709   1.00 30.95 ? 78  LEU B CG  1 
ATOM   1212 C CD1 . LEU B 1 78 ? -0.282  10.646  1.761   1.00 31.49 ? 78  LEU B CD1 1 
ATOM   1213 C CD2 . LEU B 1 78 ? -0.086  11.508  4.095   1.00 35.19 ? 78  LEU B CD2 1 
ATOM   1214 N N   . ARG B 1 79 ? 2.666   13.761  4.601   1.00 34.45 ? 79  ARG B N   1 
ATOM   1215 C CA  . ARG B 1 79 ? 2.229   14.389  5.834   1.00 37.13 ? 79  ARG B CA  1 
ATOM   1216 C C   . ARG B 1 79 ? 1.257   15.505  5.530   1.00 38.56 ? 79  ARG B C   1 
ATOM   1217 O O   . ARG B 1 79 ? 1.667   16.524  5.011   1.00 39.31 ? 79  ARG B O   1 
ATOM   1218 C CB  . ARG B 1 79 ? 3.408   14.946  6.632   1.00 37.14 ? 79  ARG B CB  1 
ATOM   1219 C CG  . ARG B 1 79 ? 4.379   13.946  7.202   1.00 37.82 ? 79  ARG B CG  1 
ATOM   1220 C CD  . ARG B 1 79 ? 3.967   13.328  8.509   1.00 37.20 ? 79  ARG B CD  1 
ATOM   1221 N NE  . ARG B 1 79 ? 4.864   12.255  8.933   1.00 36.97 ? 79  ARG B NE  1 
ATOM   1222 C CZ  . ARG B 1 79 ? 5.894   12.395  9.772   1.00 37.17 ? 79  ARG B CZ  1 
ATOM   1223 N NH1 . ARG B 1 79 ? 6.160   13.578  10.310  1.00 34.77 ? 79  ARG B NH1 1 
ATOM   1224 N NH2 . ARG B 1 79 ? 6.661   11.358  10.067  1.00 31.69 ? 79  ARG B NH2 1 
HETATM 1225 O O   . HOH C 2 .  ? -0.096  -4.631  -0.860  1.00 19.04 ? 89  HOH A O   1 
HETATM 1226 O O   . HOH C 2 .  ? -18.239 2.021   -8.617  1.00 18.80 ? 90  HOH A O   1 
HETATM 1227 O O   . HOH C 2 .  ? -19.289 -0.433  -1.937  1.00 20.36 ? 91  HOH A O   1 
HETATM 1228 O O   . HOH C 2 .  ? 26.548  7.574   3.793   1.00 34.05 ? 92  HOH A O   1 
HETATM 1229 O O   . HOH C 2 .  ? 3.757   -5.276  5.809   1.00 25.60 ? 93  HOH A O   1 
HETATM 1230 O O   . HOH C 2 .  ? 3.702   -5.402  -3.028  1.00 18.94 ? 94  HOH A O   1 
HETATM 1231 O O   . HOH C 2 .  ? -3.001  -7.944  -12.870 1.00 32.34 ? 95  HOH A O   1 
HETATM 1232 O O   . HOH C 2 .  ? -12.190 -11.481 1.619   1.00 25.72 ? 96  HOH A O   1 
HETATM 1233 O O   . HOH C 2 .  ? 21.171  9.258   9.326   1.00 26.56 ? 97  HOH A O   1 
HETATM 1234 O O   . HOH C 2 .  ? -4.149  -7.521  4.709   1.00 20.95 ? 98  HOH A O   1 
HETATM 1235 O O   . HOH C 2 .  ? -15.317 7.772   -1.855  1.00 36.27 ? 99  HOH A O   1 
HETATM 1236 O O   . HOH C 2 .  ? 2.069   15.225  1.705   1.00 45.65 ? 100 HOH A O   1 
HETATM 1237 O O   . HOH C 2 .  ? -8.651  6.766   -10.769 1.00 40.97 ? 101 HOH A O   1 
HETATM 1238 O O   . HOH C 2 .  ? 1.509   -10.717 -15.228 1.00 54.89 ? 102 HOH A O   1 
HETATM 1239 O O   . HOH C 2 .  ? 18.215  -2.371  8.510   1.00 34.22 ? 103 HOH A O   1 
HETATM 1240 O O   . HOH C 2 .  ? -9.913  1.410   5.247   1.00 28.57 ? 104 HOH A O   1 
HETATM 1241 O O   . HOH C 2 .  ? -2.274  -2.853  5.827   1.00 33.48 ? 105 HOH A O   1 
HETATM 1242 O O   . HOH C 2 .  ? -2.961  -4.897  4.245   1.00 22.10 ? 106 HOH A O   1 
HETATM 1243 O O   . HOH C 2 .  ? 2.274   -4.680  -9.167  1.00 32.22 ? 107 HOH A O   1 
HETATM 1244 O O   . HOH C 2 .  ? -3.752  -4.389  1.500   1.00 19.73 ? 108 HOH A O   1 
HETATM 1245 O O   . HOH C 2 .  ? -16.588 -14.378 -3.477  1.00 46.00 ? 109 HOH A O   1 
HETATM 1246 O O   . HOH C 2 .  ? -19.512 2.996   -2.071  1.00 28.69 ? 110 HOH A O   1 
HETATM 1247 O O   . HOH C 2 .  ? -22.933 7.854   -9.191  1.00 33.59 ? 111 HOH A O   1 
HETATM 1248 O O   . HOH C 2 .  ? 6.520   -5.877  5.803   1.00 23.12 ? 112 HOH A O   1 
HETATM 1249 O O   . HOH C 2 .  ? -23.251 3.092   -9.609  1.00 26.66 ? 113 HOH A O   1 
HETATM 1250 O O   . HOH C 2 .  ? 20.210  -1.324  6.684   1.00 25.76 ? 114 HOH A O   1 
HETATM 1251 O O   . HOH C 2 .  ? 22.547  -0.703  14.535  1.00 35.81 ? 115 HOH A O   1 
HETATM 1252 O O   . HOH C 2 .  ? 5.695   -9.099  -1.215  1.00 32.63 ? 116 HOH A O   1 
HETATM 1253 O O   . HOH C 2 .  ? -18.500 6.860   -5.423  1.00 31.09 ? 117 HOH A O   1 
HETATM 1254 O O   . HOH C 2 .  ? -13.743 7.643   -6.286  1.00 26.55 ? 118 HOH A O   1 
HETATM 1255 O O   . HOH C 2 .  ? -3.045  -13.179 -7.889  1.00 29.50 ? 119 HOH A O   1 
HETATM 1256 O O   . HOH C 2 .  ? -7.642  -2.023  -10.303 1.00 26.83 ? 120 HOH A O   1 
HETATM 1257 O O   . HOH C 2 .  ? -25.920 -3.100  -1.257  1.00 44.30 ? 121 HOH A O   1 
HETATM 1258 O O   . HOH C 2 .  ? -2.286  1.193   -12.419 1.00 45.02 ? 122 HOH A O   1 
HETATM 1259 O O   . HOH C 2 .  ? -5.642  -8.541  -13.548 1.00 31.68 ? 123 HOH A O   1 
HETATM 1260 O O   . HOH C 2 .  ? -18.322 5.458   -15.078 1.00 37.50 ? 124 HOH A O   1 
HETATM 1261 O O   . HOH C 2 .  ? -16.180 7.771   -5.113  1.00 37.55 ? 125 HOH A O   1 
HETATM 1262 O O   . HOH C 2 .  ? -8.346  -0.530  -12.735 1.00 34.55 ? 126 HOH A O   1 
HETATM 1263 O O   . HOH C 2 .  ? 14.951  15.728  3.732   1.00 39.91 ? 127 HOH A O   1 
HETATM 1264 O O   . HOH C 2 .  ? 2.603   -10.133 -4.794  1.00 23.98 ? 128 HOH A O   1 
HETATM 1265 O O   . HOH C 2 .  ? -7.962  8.262   -4.332  1.00 34.13 ? 129 HOH A O   1 
HETATM 1266 O O   . HOH C 2 .  ? -20.504 4.157   3.656   1.00 31.58 ? 130 HOH A O   1 
HETATM 1267 O O   . HOH C 2 .  ? -23.621 -2.797  -5.941  1.00 31.34 ? 131 HOH A O   1 
HETATM 1268 O O   . HOH C 2 .  ? -5.909  5.647   2.261   1.00 44.44 ? 132 HOH A O   1 
HETATM 1269 O O   . HOH C 2 .  ? -11.177 -13.860 -6.189  1.00 37.04 ? 133 HOH A O   1 
HETATM 1270 O O   . HOH C 2 .  ? -13.577 9.701   -8.908  1.00 47.29 ? 134 HOH A O   1 
HETATM 1271 O O   . HOH C 2 .  ? -17.575 7.556   -13.455 1.00 35.03 ? 135 HOH A O   1 
HETATM 1272 O O   . HOH C 2 .  ? -4.319  -15.299 2.657   1.00 29.75 ? 136 HOH A O   1 
HETATM 1273 O O   . HOH C 2 .  ? -8.860  -6.325  -12.117 1.00 31.81 ? 137 HOH A O   1 
HETATM 1274 O O   . HOH C 2 .  ? 2.778   -13.459 -8.365  1.00 41.51 ? 138 HOH A O   1 
HETATM 1275 O O   . HOH C 2 .  ? 17.616  -3.989  10.586  1.00 43.78 ? 139 HOH A O   1 
HETATM 1276 O O   . HOH C 2 .  ? -10.621 -12.602 8.757   1.00 39.18 ? 140 HOH A O   1 
HETATM 1277 O O   . HOH C 2 .  ? 25.278  6.439   10.874  1.00 45.49 ? 141 HOH A O   1 
HETATM 1278 O O   . HOH C 2 .  ? -15.919 -11.646 4.723   1.00 42.98 ? 142 HOH A O   1 
HETATM 1279 O O   . HOH C 2 .  ? -14.046 -12.845 3.436   1.00 32.47 ? 143 HOH A O   1 
HETATM 1280 O O   . HOH C 2 .  ? 4.282   -9.147  -8.635  1.00 41.81 ? 144 HOH A O   1 
HETATM 1281 O O   . HOH C 2 .  ? -5.160  -17.223 0.958   1.00 51.90 ? 145 HOH A O   1 
HETATM 1282 O O   . HOH C 2 .  ? -8.168  -14.274 7.371   1.00 39.01 ? 146 HOH A O   1 
HETATM 1283 O O   . HOH C 2 .  ? -2.536  -14.148 -5.765  1.00 44.31 ? 147 HOH A O   1 
HETATM 1284 O O   . HOH C 2 .  ? -20.153 8.737   -7.112  1.00 41.00 ? 148 HOH A O   1 
HETATM 1285 O O   . HOH C 2 .  ? -21.381 1.468   5.314   1.00 41.46 ? 149 HOH A O   1 
HETATM 1286 O O   . HOH C 2 .  ? -13.038 8.739   1.313   1.00 43.92 ? 150 HOH A O   1 
HETATM 1287 O O   . HOH C 2 .  ? -8.661  8.973   -1.170  1.00 47.14 ? 151 HOH A O   1 
HETATM 1288 O O   . HOH C 2 .  ? 0.658   -10.729 3.998   1.00 33.89 ? 152 HOH A O   1 
HETATM 1289 O O   . HOH C 2 .  ? -27.580 -0.633  -2.832  1.00 49.96 ? 153 HOH A O   1 
HETATM 1290 O O   . HOH C 2 .  ? -26.091 -2.562  -4.600  1.00 47.06 ? 154 HOH A O   1 
HETATM 1291 O O   . HOH C 2 .  ? 14.786  -3.826  9.687   1.00 38.44 ? 155 HOH A O   1 
HETATM 1292 O O   . HOH C 2 .  ? -0.108  -13.360 3.028   1.00 35.83 ? 156 HOH A O   1 
HETATM 1293 O O   . HOH C 2 .  ? -1.391  -13.111 0.650   1.00 34.99 ? 157 HOH A O   1 
HETATM 1294 O O   . HOH C 2 .  ? -11.058 5.794   3.357   1.00 41.87 ? 158 HOH A O   1 
HETATM 1295 O O   . HOH C 2 .  ? -18.821 -14.074 0.821   1.00 39.36 ? 159 HOH A O   1 
HETATM 1296 O O   . HOH C 2 .  ? 16.361  -1.793  6.779   1.00 37.02 ? 160 HOH A O   1 
HETATM 1297 O O   . HOH C 2 .  ? -5.884  -17.154 -6.470  1.00 50.52 ? 161 HOH A O   1 
HETATM 1298 O O   . HOH C 2 .  ? 21.180  12.540  7.732   1.00 55.80 ? 162 HOH A O   1 
HETATM 1299 O O   . HOH C 2 .  ? -16.635 -15.107 -1.000  1.00 50.24 ? 163 HOH A O   1 
HETATM 1300 O O   . HOH C 2 .  ? 32.444  6.188   8.768   1.00 33.26 ? 164 HOH A O   1 
HETATM 1301 O O   . HOH C 2 .  ? 33.513  -0.103  12.296  1.00 39.04 ? 165 HOH A O   1 
HETATM 1302 O O   . HOH C 2 .  ? -2.661  3.571   5.894   1.00 40.11 ? 166 HOH A O   1 
HETATM 1303 O O   . HOH C 2 .  ? -15.064 8.120   -13.224 1.00 44.63 ? 167 HOH A O   1 
HETATM 1304 O O   . HOH C 2 .  ? -4.766  3.044   8.112   1.00 42.48 ? 168 HOH A O   1 
HETATM 1305 O O   . HOH C 2 .  ? -21.187 -10.792 3.034   1.00 44.52 ? 169 HOH A O   1 
HETATM 1306 O O   . HOH C 2 .  ? -19.249 2.179   5.076   1.00 35.33 ? 170 HOH A O   1 
HETATM 1307 O O   . HOH C 2 .  ? -8.523  6.165   4.439   1.00 51.31 ? 171 HOH A O   1 
HETATM 1308 O O   . HOH C 2 .  ? -13.412 -12.658 6.339   1.00 41.31 ? 172 HOH A O   1 
HETATM 1309 O O   . HOH C 2 .  ? -5.022  -16.616 -4.001  1.00 51.92 ? 173 HOH A O   1 
HETATM 1310 O O   . HOH C 2 .  ? -7.558  6.854   -2.581  1.00 43.74 ? 174 HOH A O   1 
HETATM 1311 O O   . HOH C 2 .  ? -20.564 5.629   -2.837  1.00 41.46 ? 175 HOH A O   1 
HETATM 1312 O O   . HOH C 2 .  ? -7.168  7.867   2.908   1.00 53.16 ? 176 HOH A O   1 
HETATM 1313 O O   . HOH C 2 .  ? -8.741  3.873   5.772   1.00 46.42 ? 177 HOH A O   1 
HETATM 1314 O O   . HOH C 2 .  ? -10.351 3.663   9.802   1.00 49.74 ? 178 HOH A O   1 
HETATM 1315 O O   . HOH C 2 .  ? -23.988 -5.224  -3.050  1.00 47.16 ? 179 HOH A O   1 
HETATM 1316 O O   . HOH C 2 .  ? -1.387  -9.557  7.105   1.00 43.41 ? 180 HOH A O   1 
HETATM 1317 O O   . HOH C 2 .  ? 5.122   -10.815 2.815   1.00 50.35 ? 181 HOH A O   1 
HETATM 1318 O O   . HOH C 2 .  ? -15.892 -15.817 -6.030  1.00 41.20 ? 182 HOH A O   1 
HETATM 1319 O O   . HOH C 2 .  ? -12.308 2.827   13.968  1.00 48.44 ? 183 HOH A O   1 
HETATM 1320 O O   . HOH C 2 .  ? -13.162 5.153   4.928   1.00 43.89 ? 184 HOH A O   1 
HETATM 1321 O O   . HOH C 2 .  ? -5.429  8.845   -4.629  1.00 43.62 ? 185 HOH A O   1 
HETATM 1322 O O   . HOH C 2 .  ? -16.583 3.511   9.138   1.00 40.25 ? 186 HOH A O   1 
HETATM 1323 O O   . HOH C 2 .  ? -9.158  -4.178  -10.204 1.00 32.22 ? 187 HOH A O   1 
HETATM 1324 O O   . HOH C 2 .  ? 4.726   -5.201  -9.862  1.00 38.18 ? 188 HOH A O   1 
HETATM 1325 O O   . HOH C 2 .  ? -7.770  4.064   9.659   1.00 60.43 ? 189 HOH A O   1 
HETATM 1326 O O   . HOH C 2 .  ? -23.567 -5.716  -5.695  1.00 25.96 ? 190 HOH A O   1 
HETATM 1327 O O   . HOH C 2 .  ? -13.381 -17.230 -2.251  1.00 47.82 ? 191 HOH A O   1 
HETATM 1328 O O   . HOH D 2 .  ? 3.051   0.522   -3.721  1.00 17.80 ? 89  HOH B O   1 
HETATM 1329 O O   . HOH D 2 .  ? -2.792  4.024   -7.374  1.00 22.80 ? 90  HOH B O   1 
HETATM 1330 O O   . HOH D 2 .  ? 15.356  2.369   13.068  1.00 18.56 ? 91  HOH B O   1 
HETATM 1331 O O   . HOH D 2 .  ? 4.133   7.811   -4.559  1.00 21.35 ? 92  HOH B O   1 
HETATM 1332 O O   . HOH D 2 .  ? 3.905   4.298   -1.772  1.00 18.92 ? 93  HOH B O   1 
HETATM 1333 O O   . HOH D 2 .  ? 13.043  10.530  -2.855  1.00 25.96 ? 94  HOH B O   1 
HETATM 1334 O O   . HOH D 2 .  ? -4.192  2.637   -9.293  1.00 25.36 ? 96  HOH B O   1 
HETATM 1335 O O   . HOH D 2 .  ? 2.185   6.211   -2.913  1.00 23.37 ? 97  HOH B O   1 
HETATM 1336 O O   . HOH D 2 .  ? 2.281   -3.180  -6.039  1.00 21.51 ? 98  HOH B O   1 
HETATM 1337 O O   . HOH D 2 .  ? 13.569  8.922   10.712  1.00 21.22 ? 99  HOH B O   1 
HETATM 1338 O O   . HOH D 2 .  ? -0.261  6.626   -1.883  1.00 33.33 ? 100 HOH B O   1 
HETATM 1339 O O   . HOH D 2 .  ? 13.344  -7.217  -2.796  1.00 35.69 ? 101 HOH B O   1 
HETATM 1340 O O   . HOH D 2 .  ? 11.928  8.144   13.745  1.00 25.90 ? 102 HOH B O   1 
HETATM 1341 O O   . HOH D 2 .  ? 6.308   -7.584  -3.827  1.00 29.87 ? 103 HOH B O   1 
HETATM 1342 O O   . HOH D 2 .  ? 13.947  -10.524 -6.974  1.00 44.59 ? 104 HOH B O   1 
HETATM 1343 O O   . HOH D 2 .  ? -1.342  17.534  6.926   1.00 46.22 ? 105 HOH B O   1 
HETATM 1344 O O   . HOH D 2 .  ? 16.318  13.467  8.002   1.00 28.26 ? 106 HOH B O   1 
HETATM 1345 O O   . HOH D 2 .  ? 15.618  3.144   20.502  1.00 40.96 ? 107 HOH B O   1 
HETATM 1346 O O   . HOH D 2 .  ? 2.988   -0.863  11.379  1.00 33.44 ? 108 HOH B O   1 
HETATM 1347 O O   . HOH D 2 .  ? 1.970   -1.812  -10.458 1.00 34.27 ? 109 HOH B O   1 
HETATM 1348 O O   . HOH D 2 .  ? 18.045  4.053   -4.158  1.00 35.25 ? 110 HOH B O   1 
HETATM 1349 O O   . HOH D 2 .  ? 9.025   2.942   16.191  1.00 39.45 ? 111 HOH B O   1 
HETATM 1350 O O   . HOH D 2 .  ? -10.467 -2.836  10.920  1.00 37.63 ? 112 HOH B O   1 
HETATM 1351 O O   . HOH D 2 .  ? 10.540  -7.527  -7.867  1.00 42.81 ? 113 HOH B O   1 
HETATM 1352 O O   . HOH D 2 .  ? 13.425  -1.735  -7.978  1.00 30.08 ? 114 HOH B O   1 
HETATM 1353 O O   . HOH D 2 .  ? -21.893 -5.144  0.737   1.00 25.94 ? 115 HOH B O   1 
HETATM 1354 O O   . HOH D 2 .  ? -15.742 -5.074  -13.294 1.00 28.64 ? 116 HOH B O   1 
HETATM 1355 O O   . HOH D 2 .  ? 18.483  4.037   16.875  1.00 26.10 ? 117 HOH B O   1 
HETATM 1356 O O   . HOH D 2 .  ? 11.731  -3.800  4.043   1.00 23.90 ? 118 HOH B O   1 
HETATM 1357 O O   . HOH D 2 .  ? 6.535   -2.818  -9.117  1.00 26.68 ? 119 HOH B O   1 
HETATM 1358 O O   . HOH D 2 .  ? 13.779  13.286  -3.094  1.00 31.34 ? 120 HOH B O   1 
HETATM 1359 O O   . HOH D 2 .  ? 15.753  -6.149  -1.874  1.00 31.67 ? 121 HOH B O   1 
HETATM 1360 O O   . HOH D 2 .  ? -19.923 -8.339  3.827   1.00 37.21 ? 122 HOH B O   1 
HETATM 1361 O O   . HOH D 2 .  ? 2.022   7.211   10.488  1.00 40.77 ? 123 HOH B O   1 
HETATM 1362 O O   . HOH D 2 .  ? 17.336  -3.757  16.810  1.00 35.34 ? 124 HOH B O   1 
HETATM 1363 O O   . HOH D 2 .  ? 8.381   -1.849  16.794  1.00 48.76 ? 125 HOH B O   1 
HETATM 1364 O O   . HOH D 2 .  ? 12.940  14.000  -6.519  1.00 44.61 ? 126 HOH B O   1 
HETATM 1365 O O   . HOH D 2 .  ? -14.865 -2.316  -13.301 1.00 35.20 ? 127 HOH B O   1 
HETATM 1366 O O   . HOH D 2 .  ? -13.024 -2.848  -11.559 1.00 44.28 ? 128 HOH B O   1 
HETATM 1367 O O   . HOH D 2 .  ? -3.583  5.464   3.771   1.00 41.45 ? 129 HOH B O   1 
HETATM 1368 O O   . HOH D 2 .  ? 7.655   4.245   -10.003 1.00 37.16 ? 130 HOH B O   1 
HETATM 1369 O O   . HOH D 2 .  ? 22.405  1.277   17.139  1.00 42.02 ? 131 HOH B O   1 
HETATM 1370 O O   . HOH D 2 .  ? 19.858  8.470   11.692  1.00 32.12 ? 132 HOH B O   1 
HETATM 1371 O O   . HOH D 2 .  ? 15.802  -3.670  1.394   1.00 30.75 ? 133 HOH B O   1 
HETATM 1372 O O   . HOH D 2 .  ? 14.610  -3.084  17.872  1.00 29.89 ? 134 HOH B O   1 
HETATM 1373 O O   . HOH D 2 .  ? 7.912   -9.101  4.200   1.00 42.43 ? 135 HOH B O   1 
HETATM 1374 O O   . HOH D 2 .  ? 6.694   5.031   15.079  1.00 38.57 ? 136 HOH B O   1 
HETATM 1375 O O   . HOH D 2 .  ? 8.785   13.095  14.224  1.00 31.46 ? 137 HOH B O   1 
HETATM 1376 O O   . HOH D 2 .  ? 19.875  10.134  -2.436  1.00 50.03 ? 138 HOH B O   1 
HETATM 1377 O O   . HOH D 2 .  ? 0.174   8.226   7.477   1.00 49.14 ? 139 HOH B O   1 
HETATM 1378 O O   . HOH D 2 .  ? -16.172 -10.501 -12.758 1.00 47.96 ? 140 HOH B O   1 
HETATM 1379 O O   . HOH D 2 .  ? 21.811  7.669   -3.186  1.00 42.99 ? 141 HOH B O   1 
HETATM 1380 O O   . HOH D 2 .  ? 12.725  -4.480  16.664  1.00 52.71 ? 142 HOH B O   1 
HETATM 1381 O O   . HOH D 2 .  ? 5.303   -9.260  -5.742  1.00 39.11 ? 143 HOH B O   1 
HETATM 1382 O O   . HOH D 2 .  ? 17.600  -5.431  4.524   1.00 53.74 ? 144 HOH B O   1 
HETATM 1383 O O   . HOH D 2 .  ? -19.781 -8.714  6.390   1.00 49.94 ? 145 HOH B O   1 
HETATM 1384 O O   . HOH D 2 .  ? 8.460   14.230  11.881  1.00 36.12 ? 146 HOH B O   1 
HETATM 1385 O O   . HOH D 2 .  ? 12.824  -5.525  5.882   1.00 42.12 ? 147 HOH B O   1 
HETATM 1386 O O   . HOH D 2 .  ? 18.217  6.050   18.785  1.00 33.86 ? 148 HOH B O   1 
HETATM 1387 O O   . HOH D 2 .  ? 12.289  -0.276  -9.414  1.00 41.28 ? 149 HOH B O   1 
HETATM 1388 O O   . HOH D 2 .  ? 20.682  10.867  13.085  1.00 50.53 ? 150 HOH B O   1 
HETATM 1389 O O   . HOH D 2 .  ? 13.832  -2.450  3.238   1.00 32.97 ? 151 HOH B O   1 
HETATM 1390 O O   . HOH D 2 .  ? 2.621   9.369   5.823   1.00 29.56 ? 152 HOH B O   1 
HETATM 1391 O O   . HOH D 2 .  ? 11.205  3.856   16.677  1.00 34.36 ? 153 HOH B O   1 
HETATM 1392 O O   . HOH D 2 .  ? 11.357  7.329   16.470  1.00 45.02 ? 154 HOH B O   1 
HETATM 1393 O O   . HOH D 2 .  ? -28.140 -7.640  -20.748 1.00 44.93 ? 155 HOH B O   1 
HETATM 1394 O O   . HOH D 2 .  ? 13.777  15.076  -1.488  1.00 46.10 ? 156 HOH B O   1 
HETATM 1395 O O   . HOH D 2 .  ? 9.423   7.985   -10.490 1.00 32.52 ? 157 HOH B O   1 
HETATM 1396 O O   . HOH D 2 .  ? 17.650  4.186   -6.572  1.00 39.60 ? 158 HOH B O   1 
HETATM 1397 O O   . HOH D 2 .  ? 7.431   -7.018  -8.709  1.00 45.45 ? 159 HOH B O   1 
HETATM 1398 O O   . HOH D 2 .  ? 3.114   5.320   -9.761  1.00 38.26 ? 160 HOH B O   1 
HETATM 1399 O O   . HOH D 2 .  ? 11.624  15.140  -3.892  1.00 41.31 ? 161 HOH B O   1 
HETATM 1400 O O   . HOH D 2 .  ? 19.616  11.419  9.622   1.00 50.14 ? 162 HOH B O   1 
HETATM 1401 O O   . HOH D 2 .  ? 21.127  -6.416  0.335   1.00 45.78 ? 163 HOH B O   1 
HETATM 1402 O O   . HOH D 2 .  ? 1.973   9.004   -6.572  1.00 43.19 ? 164 HOH B O   1 
HETATM 1403 O O   . HOH D 2 .  ? -0.860  4.457   7.610   1.00 41.30 ? 165 HOH B O   1 
HETATM 1404 O O   . HOH D 2 .  ? 5.583   5.723   -11.460 1.00 39.51 ? 166 HOH B O   1 
HETATM 1405 O O   . HOH D 2 .  ? 11.968  16.380  0.395   1.00 44.79 ? 168 HOH B O   1 
HETATM 1406 O O   . HOH D 2 .  ? 0.333   1.800   -12.130 1.00 54.52 ? 169 HOH B O   1 
HETATM 1407 O O   . HOH D 2 .  ? 2.978   2.297   -11.852 1.00 43.12 ? 170 HOH B O   1 
HETATM 1408 O O   . HOH D 2 .  ? -4.328  2.949   -14.970 1.00 50.60 ? 171 HOH B O   1 
HETATM 1409 O O   . HOH D 2 .  ? 17.933  16.129  2.631   1.00 50.01 ? 172 HOH B O   1 
HETATM 1410 O O   . HOH D 2 .  ? -0.358  1.251   8.658   1.00 39.63 ? 173 HOH B O   1 
HETATM 1411 O O   . HOH D 2 .  ? -13.972 -7.990  -13.112 1.00 47.08 ? 174 HOH B O   1 
HETATM 1412 O O   . HOH D 2 .  ? -3.062  8.305   3.858   1.00 47.32 ? 175 HOH B O   1 
HETATM 1413 O O   . HOH D 2 .  ? 13.710  17.441  12.365  1.00 37.93 ? 176 HOH B O   1 
HETATM 1414 O O   . HOH D 2 .  ? 18.506  14.158  -1.346  1.00 40.54 ? 177 HOH B O   1 
HETATM 1415 O O   . HOH D 2 .  ? 21.351  15.325  -0.776  1.00 51.44 ? 178 HOH B O   1 
HETATM 1416 O O   . HOH D 2 .  ? 17.012  10.040  18.665  1.00 45.87 ? 179 HOH B O   1 
HETATM 1417 O O   . HOH D 2 .  ? 2.365   8.235   -8.778  1.00 46.15 ? 180 HOH B O   1 
HETATM 1418 O O   . HOH D 2 .  ? 11.328  0.103   17.961  1.00 53.32 ? 181 HOH B O   1 
HETATM 1419 O O   . HOH D 2 .  ? 9.129   0.143   22.552  1.00 49.00 ? 182 HOH B O   1 
HETATM 1420 O O   . HOH D 2 .  ? 17.365  11.266  -4.475  1.00 48.94 ? 183 HOH B O   1 
HETATM 1421 O O   . HOH D 2 .  ? -19.116 -6.183  7.815   1.00 38.67 ? 184 HOH B O   1 
HETATM 1422 O O   . HOH D 2 .  ? -12.977 -5.725  -13.024 1.00 39.84 ? 185 HOH B O   1 
HETATM 1423 O O   . HOH D 2 .  ? 3.996   15.853  10.773  1.00 39.37 ? 186 HOH B O   1 
HETATM 1424 O O   . HOH D 2 .  ? 12.625  -6.217  12.651  1.00 38.39 ? 187 HOH B O   1 
HETATM 1425 O O   . HOH D 2 .  ? -12.649 0.869   -13.228 1.00 36.36 ? 188 HOH B O   1 
HETATM 1426 O O   . HOH D 2 .  ? 1.273   -2.752  10.874  1.00 34.66 ? 189 HOH B O   1 
HETATM 1427 O O   . HOH D 2 .  ? -14.535 0.085   -14.608 1.00 30.00 ? 190 HOH B O   1 
# 
loop_
_pdbx_poly_seq_scheme.asym_id 
_pdbx_poly_seq_scheme.entity_id 
_pdbx_poly_seq_scheme.seq_id 
_pdbx_poly_seq_scheme.mon_id 
_pdbx_poly_seq_scheme.ndb_seq_num 
_pdbx_poly_seq_scheme.pdb_seq_num 
_pdbx_poly_seq_scheme.auth_seq_num 
_pdbx_poly_seq_scheme.pdb_mon_id 
_pdbx_poly_seq_scheme.auth_mon_id 
_pdbx_poly_seq_scheme.pdb_strand_id 
_pdbx_poly_seq_scheme.pdb_ins_code 
_pdbx_poly_seq_scheme.hetero 
A 1 1  MET 1  1  1  MET MET A . n 
A 1 2  ILE 2  2  2  ILE ILE A . n 
A 1 3  GLY 3  3  3  GLY GLY A . n 
A 1 4  VAL 4  4  4  VAL VAL A . n 
A 1 5  LEU 5  5  5  LEU LEU A . n 
A 1 6  LEU 6  6  6  LEU LEU A . n 
A 1 7  MET 7  7  7  MET MET A . n 
A 1 8  LYS 8  8  8  LYS LYS A . n 
A 1 9  SER 9  9  9  SER SER A . n 
A 1 10 ARG 10 10 10 ARG ARG A . n 
A 1 11 ALA 11 11 11 ALA ALA A . n 
A 1 12 ASN 12 12 12 ASN ASN A . n 
A 1 13 GLU 13 13 13 GLU GLU A . n 
A 1 14 GLU 14 14 14 GLU GLU A . n 
A 1 15 TYR 15 15 15 TYR TYR A . n 
A 1 16 GLY 16 16 16 GLY GLY A . n 
A 1 17 LEU 17 17 17 LEU LEU A . n 
A 1 18 ARG 18 18 18 ARG ARG A . n 
A 1 19 LEU 19 19 19 LEU LEU A . n 
A 1 20 GLY 20 20 20 GLY GLY A . n 
A 1 21 SER 21 21 21 SER SER A . n 
A 1 22 GLN 22 22 22 GLN GLN A . n 
A 1 23 ILE 23 23 23 ILE ILE A . n 
A 1 24 PHE 24 24 24 PHE PHE A . n 
A 1 25 VAL 25 25 25 VAL VAL A . n 
A 1 26 LYS 26 26 26 LYS LYS A . n 
A 1 27 GLU 27 27 27 GLU GLU A . n 
A 1 28 MET 28 28 28 MET MET A . n 
A 1 29 THR 29 29 29 THR THR A . n 
A 1 30 ARG 30 30 30 ARG ARG A . n 
A 1 31 THR 31 31 31 THR THR A . n 
A 1 32 GLY 32 32 32 GLY GLY A . n 
A 1 33 LEU 33 33 33 LEU LEU A . n 
A 1 34 ALA 34 34 34 ALA ALA A . n 
A 1 35 THR 35 35 35 THR THR A . n 
A 1 36 LYS 36 36 36 LYS LYS A . n 
A 1 37 ASP 37 37 37 ASP ASP A . n 
A 1 38 GLY 38 38 38 GLY GLY A . n 
A 1 39 ASN 39 39 39 ASN ASN A . n 
A 1 40 LEU 40 40 40 LEU LEU A . n 
A 1 41 HIS 41 41 41 HIS HIS A . n 
A 1 42 GLU 42 42 42 GLU GLU A . n 
A 1 43 GLY 43 43 43 GLY GLY A . n 
A 1 44 ASP 44 44 44 ASP ASP A . n 
A 1 45 ILE 45 45 45 ILE ILE A . n 
A 1 46 ILE 46 46 46 ILE ILE A . n 
A 1 47 LEU 47 47 47 LEU LEU A . n 
A 1 48 LYS 48 48 48 LYS LYS A . n 
A 1 49 ILE 49 49 49 ILE ILE A . n 
A 1 50 ASN 50 50 50 ASN ASN A . n 
A 1 51 GLY 51 51 51 GLY GLY A . n 
A 1 52 THR 52 52 52 THR THR A . n 
A 1 53 VAL 53 53 53 VAL VAL A . n 
A 1 54 THR 54 54 54 THR THR A . n 
A 1 55 GLU 55 55 55 GLU GLU A . n 
A 1 56 ASN 56 56 56 ASN ASN A . n 
A 1 57 MET 57 57 57 MET MET A . n 
A 1 58 SER 58 58 58 SER SER A . n 
A 1 59 LEU 59 59 59 LEU LEU A . n 
A 1 60 THR 60 60 60 THR THR A . n 
A 1 61 ASP 61 61 61 ASP ASP A . n 
A 1 62 ALA 62 62 62 ALA ALA A . n 
A 1 63 ARG 63 63 63 ARG ARG A . n 
A 1 64 LYS 64 64 64 LYS LYS A . n 
A 1 65 LEU 65 65 65 LEU LEU A . n 
A 1 66 ILE 66 66 66 ILE ILE A . n 
A 1 67 GLU 67 67 67 GLU GLU A . n 
A 1 68 LYS 68 68 68 LYS LYS A . n 
A 1 69 SER 69 69 69 SER SER A . n 
A 1 70 ARG 70 70 70 ARG ARG A . n 
A 1 71 GLY 71 71 71 GLY GLY A . n 
A 1 72 LYS 72 72 72 LYS LYS A . n 
A 1 73 LEU 73 73 73 LEU LEU A . n 
A 1 74 GLN 74 74 74 GLN GLN A . n 
A 1 75 LEU 75 75 75 LEU LEU A . n 
A 1 76 VAL 76 76 76 VAL VAL A . n 
A 1 77 VAL 77 77 77 VAL VAL A . n 
A 1 78 LEU 78 78 78 LEU LEU A . n 
A 1 79 ARG 79 79 79 ARG ARG A . n 
A 1 80 ASP 80 80 80 ASP ASP A . n 
A 1 81 LEU 81 81 ?  ?   ?   A . n 
A 1 82 GLU 82 82 ?  ?   ?   A . n 
A 1 83 HIS 83 83 ?  ?   ?   A . n 
A 1 84 HIS 84 84 ?  ?   ?   A . n 
A 1 85 HIS 85 85 ?  ?   ?   A . n 
A 1 86 HIS 86 86 ?  ?   ?   A . n 
A 1 87 HIS 87 87 ?  ?   ?   A . n 
A 1 88 HIS 88 88 ?  ?   ?   A . n 
B 1 1  MET 1  1  1  MET MET B . n 
B 1 2  ILE 2  2  2  ILE ILE B . n 
B 1 3  GLY 3  3  3  GLY GLY B . n 
B 1 4  VAL 4  4  4  VAL VAL B . n 
B 1 5  LEU 5  5  5  LEU LEU B . n 
B 1 6  LEU 6  6  6  LEU LEU B . n 
B 1 7  MET 7  7  7  MET MET B . n 
B 1 8  LYS 8  8  8  LYS LYS B . n 
B 1 9  SER 9  9  9  SER SER B . n 
B 1 10 ARG 10 10 10 ARG ARG B . n 
B 1 11 ALA 11 11 11 ALA ALA B . n 
B 1 12 ASN 12 12 12 ASN ASN B . n 
B 1 13 GLU 13 13 13 GLU GLU B . n 
B 1 14 GLU 14 14 14 GLU GLU B . n 
B 1 15 TYR 15 15 15 TYR TYR B . n 
B 1 16 GLY 16 16 16 GLY GLY B . n 
B 1 17 LEU 17 17 17 LEU LEU B . n 
B 1 18 ARG 18 18 18 ARG ARG B . n 
B 1 19 LEU 19 19 19 LEU LEU B . n 
B 1 20 GLY 20 20 20 GLY GLY B . n 
B 1 21 SER 21 21 21 SER SER B . n 
B 1 22 GLN 22 22 22 GLN GLN B . n 
B 1 23 ILE 23 23 23 ILE ILE B . n 
B 1 24 PHE 24 24 24 PHE PHE B . n 
B 1 25 VAL 25 25 25 VAL VAL B . n 
B 1 26 LYS 26 26 26 LYS LYS B . n 
B 1 27 GLU 27 27 27 GLU GLU B . n 
B 1 28 MET 28 28 28 MET MET B . n 
B 1 29 THR 29 29 29 THR THR B . n 
B 1 30 ARG 30 30 30 ARG ARG B . n 
B 1 31 THR 31 31 31 THR THR B . n 
B 1 32 GLY 32 32 32 GLY GLY B . n 
B 1 33 LEU 33 33 33 LEU LEU B . n 
B 1 34 ALA 34 34 34 ALA ALA B . n 
B 1 35 THR 35 35 35 THR THR B . n 
B 1 36 LYS 36 36 36 LYS LYS B . n 
B 1 37 ASP 37 37 37 ASP ASP B . n 
B 1 38 GLY 38 38 38 GLY GLY B . n 
B 1 39 ASN 39 39 39 ASN ASN B . n 
B 1 40 LEU 40 40 40 LEU LEU B . n 
B 1 41 HIS 41 41 41 HIS HIS B . n 
B 1 42 GLU 42 42 42 GLU GLU B . n 
B 1 43 GLY 43 43 43 GLY GLY B . n 
B 1 44 ASP 44 44 44 ASP ASP B . n 
B 1 45 ILE 45 45 45 ILE ILE B . n 
B 1 46 ILE 46 46 46 ILE ILE B . n 
B 1 47 LEU 47 47 47 LEU LEU B . n 
B 1 48 LYS 48 48 48 LYS LYS B . n 
B 1 49 ILE 49 49 49 ILE ILE B . n 
B 1 50 ASN 50 50 50 ASN ASN B . n 
B 1 51 GLY 51 51 51 GLY GLY B . n 
B 1 52 THR 52 52 52 THR THR B . n 
B 1 53 VAL 53 53 53 VAL VAL B . n 
B 1 54 THR 54 54 54 THR THR B . n 
B 1 55 GLU 55 55 55 GLU GLU B . n 
B 1 56 ASN 56 56 56 ASN ASN B . n 
B 1 57 MET 57 57 57 MET MET B . n 
B 1 58 SER 58 58 58 SER SER B . n 
B 1 59 LEU 59 59 59 LEU LEU B . n 
B 1 60 THR 60 60 60 THR THR B . n 
B 1 61 ASP 61 61 61 ASP ASP B . n 
B 1 62 ALA 62 62 62 ALA ALA B . n 
B 1 63 ARG 63 63 63 ARG ARG B . n 
B 1 64 LYS 64 64 64 LYS LYS B . n 
B 1 65 LEU 65 65 65 LEU LEU B . n 
B 1 66 ILE 66 66 66 ILE ILE B . n 
B 1 67 GLU 67 67 67 GLU GLU B . n 
B 1 68 LYS 68 68 68 LYS LYS B . n 
B 1 69 SER 69 69 69 SER SER B . n 
B 1 70 ARG 70 70 70 ARG ARG B . n 
B 1 71 GLY 71 71 71 GLY GLY B . n 
B 1 72 LYS 72 72 72 LYS LYS B . n 
B 1 73 LEU 73 73 73 LEU LEU B . n 
B 1 74 GLN 74 74 74 GLN GLN B . n 
B 1 75 LEU 75 75 75 LEU LEU B . n 
B 1 76 VAL 76 76 76 VAL VAL B . n 
B 1 77 VAL 77 77 77 VAL VAL B . n 
B 1 78 LEU 78 78 78 LEU LEU B . n 
B 1 79 ARG 79 79 79 ARG ARG B . n 
B 1 80 ASP 80 80 ?  ?   ?   B . n 
B 1 81 LEU 81 81 ?  ?   ?   B . n 
B 1 82 GLU 82 82 ?  ?   ?   B . n 
B 1 83 HIS 83 83 ?  ?   ?   B . n 
B 1 84 HIS 84 84 ?  ?   ?   B . n 
B 1 85 HIS 85 85 ?  ?   ?   B . n 
B 1 86 HIS 86 86 ?  ?   ?   B . n 
B 1 87 HIS 87 87 ?  ?   ?   B . n 
B 1 88 HIS 88 88 ?  ?   ?   B . n 
# 
loop_
_pdbx_nonpoly_scheme.asym_id 
_pdbx_nonpoly_scheme.entity_id 
_pdbx_nonpoly_scheme.mon_id 
_pdbx_nonpoly_scheme.ndb_seq_num 
_pdbx_nonpoly_scheme.pdb_seq_num 
_pdbx_nonpoly_scheme.auth_seq_num 
_pdbx_nonpoly_scheme.pdb_mon_id 
_pdbx_nonpoly_scheme.auth_mon_id 
_pdbx_nonpoly_scheme.pdb_strand_id 
_pdbx_nonpoly_scheme.pdb_ins_code 
C 2 HOH 1   89  1   HOH HOH A . 
C 2 HOH 2   90  3   HOH HOH A . 
C 2 HOH 3   91  4   HOH HOH A . 
C 2 HOH 4   92  7   HOH HOH A . 
C 2 HOH 5   93  9   HOH HOH A . 
C 2 HOH 6   94  10  HOH HOH A . 
C 2 HOH 7   95  12  HOH HOH A . 
C 2 HOH 8   96  13  HOH HOH A . 
C 2 HOH 9   97  14  HOH HOH A . 
C 2 HOH 10  98  16  HOH HOH A . 
C 2 HOH 11  99  20  HOH HOH A . 
C 2 HOH 12  100 21  HOH HOH A . 
C 2 HOH 13  101 23  HOH HOH A . 
C 2 HOH 14  102 24  HOH HOH A . 
C 2 HOH 15  103 25  HOH HOH A . 
C 2 HOH 16  104 26  HOH HOH A . 
C 2 HOH 17  105 27  HOH HOH A . 
C 2 HOH 18  106 28  HOH HOH A . 
C 2 HOH 19  107 29  HOH HOH A . 
C 2 HOH 20  108 30  HOH HOH A . 
C 2 HOH 21  109 33  HOH HOH A . 
C 2 HOH 22  110 35  HOH HOH A . 
C 2 HOH 23  111 37  HOH HOH A . 
C 2 HOH 24  112 38  HOH HOH A . 
C 2 HOH 25  113 39  HOH HOH A . 
C 2 HOH 26  114 43  HOH HOH A . 
C 2 HOH 27  115 47  HOH HOH A . 
C 2 HOH 28  116 49  HOH HOH A . 
C 2 HOH 29  117 51  HOH HOH A . 
C 2 HOH 30  118 52  HOH HOH A . 
C 2 HOH 31  119 53  HOH HOH A . 
C 2 HOH 32  120 54  HOH HOH A . 
C 2 HOH 33  121 56  HOH HOH A . 
C 2 HOH 34  122 59  HOH HOH A . 
C 2 HOH 35  123 60  HOH HOH A . 
C 2 HOH 36  124 61  HOH HOH A . 
C 2 HOH 37  125 65  HOH HOH A . 
C 2 HOH 38  126 66  HOH HOH A . 
C 2 HOH 39  127 69  HOH HOH A . 
C 2 HOH 40  128 70  HOH HOH A . 
C 2 HOH 41  129 73  HOH HOH A . 
C 2 HOH 42  130 75  HOH HOH A . 
C 2 HOH 43  131 76  HOH HOH A . 
C 2 HOH 44  132 77  HOH HOH A . 
C 2 HOH 45  133 78  HOH HOH A . 
C 2 HOH 46  134 82  HOH HOH A . 
C 2 HOH 47  135 83  HOH HOH A . 
C 2 HOH 48  136 84  HOH HOH A . 
C 2 HOH 49  137 89  HOH HOH A . 
C 2 HOH 50  138 93  HOH HOH A . 
C 2 HOH 51  139 94  HOH HOH A . 
C 2 HOH 52  140 96  HOH HOH A . 
C 2 HOH 53  141 97  HOH HOH A . 
C 2 HOH 54  142 99  HOH HOH A . 
C 2 HOH 55  143 100 HOH HOH A . 
C 2 HOH 56  144 102 HOH HOH A . 
C 2 HOH 57  145 104 HOH HOH A . 
C 2 HOH 58  146 113 HOH HOH A . 
C 2 HOH 59  147 114 HOH HOH A . 
C 2 HOH 60  148 115 HOH HOH A . 
C 2 HOH 61  149 116 HOH HOH A . 
C 2 HOH 62  150 117 HOH HOH A . 
C 2 HOH 63  151 119 HOH HOH A . 
C 2 HOH 64  152 120 HOH HOH A . 
C 2 HOH 65  153 121 HOH HOH A . 
C 2 HOH 66  154 124 HOH HOH A . 
C 2 HOH 67  155 129 HOH HOH A . 
C 2 HOH 68  156 130 HOH HOH A . 
C 2 HOH 69  157 132 HOH HOH A . 
C 2 HOH 70  158 134 HOH HOH A . 
C 2 HOH 71  159 136 HOH HOH A . 
C 2 HOH 72  160 139 HOH HOH A . 
C 2 HOH 73  161 140 HOH HOH A . 
C 2 HOH 74  162 142 HOH HOH A . 
C 2 HOH 75  163 144 HOH HOH A . 
C 2 HOH 76  164 145 HOH HOH A . 
C 2 HOH 77  165 148 HOH HOH A . 
C 2 HOH 78  166 151 HOH HOH A . 
C 2 HOH 79  167 153 HOH HOH A . 
C 2 HOH 80  168 154 HOH HOH A . 
C 2 HOH 81  169 158 HOH HOH A . 
C 2 HOH 82  170 160 HOH HOH A . 
C 2 HOH 83  171 163 HOH HOH A . 
C 2 HOH 84  172 164 HOH HOH A . 
C 2 HOH 85  173 166 HOH HOH A . 
C 2 HOH 86  174 167 HOH HOH A . 
C 2 HOH 87  175 168 HOH HOH A . 
C 2 HOH 88  176 169 HOH HOH A . 
C 2 HOH 89  177 170 HOH HOH A . 
C 2 HOH 90  178 172 HOH HOH A . 
C 2 HOH 91  179 175 HOH HOH A . 
C 2 HOH 92  180 176 HOH HOH A . 
C 2 HOH 93  181 179 HOH HOH A . 
C 2 HOH 94  182 180 HOH HOH A . 
C 2 HOH 95  183 181 HOH HOH A . 
C 2 HOH 96  184 183 HOH HOH A . 
C 2 HOH 97  185 184 HOH HOH A . 
C 2 HOH 98  186 191 HOH HOH A . 
C 2 HOH 99  187 192 HOH HOH A . 
C 2 HOH 100 188 195 HOH HOH A . 
C 2 HOH 101 189 196 HOH HOH A . 
C 2 HOH 102 190 17  HOH HOH A . 
C 2 HOH 103 191 161 HOH HOH A . 
D 2 HOH 1   89  2   HOH HOH B . 
D 2 HOH 2   90  5   HOH HOH B . 
D 2 HOH 3   91  6   HOH HOH B . 
D 2 HOH 4   92  8   HOH HOH B . 
D 2 HOH 5   93  11  HOH HOH B . 
D 2 HOH 6   94  15  HOH HOH B . 
D 2 HOH 7   96  18  HOH HOH B . 
D 2 HOH 8   97  19  HOH HOH B . 
D 2 HOH 9   98  22  HOH HOH B . 
D 2 HOH 10  99  31  HOH HOH B . 
D 2 HOH 11  100 32  HOH HOH B . 
D 2 HOH 12  101 34  HOH HOH B . 
D 2 HOH 13  102 36  HOH HOH B . 
D 2 HOH 14  103 40  HOH HOH B . 
D 2 HOH 15  104 41  HOH HOH B . 
D 2 HOH 16  105 42  HOH HOH B . 
D 2 HOH 17  106 44  HOH HOH B . 
D 2 HOH 18  107 45  HOH HOH B . 
D 2 HOH 19  108 46  HOH HOH B . 
D 2 HOH 20  109 48  HOH HOH B . 
D 2 HOH 21  110 50  HOH HOH B . 
D 2 HOH 22  111 55  HOH HOH B . 
D 2 HOH 23  112 57  HOH HOH B . 
D 2 HOH 24  113 58  HOH HOH B . 
D 2 HOH 25  114 62  HOH HOH B . 
D 2 HOH 26  115 63  HOH HOH B . 
D 2 HOH 27  116 64  HOH HOH B . 
D 2 HOH 28  117 67  HOH HOH B . 
D 2 HOH 29  118 68  HOH HOH B . 
D 2 HOH 30  119 71  HOH HOH B . 
D 2 HOH 31  120 72  HOH HOH B . 
D 2 HOH 32  121 74  HOH HOH B . 
D 2 HOH 33  122 79  HOH HOH B . 
D 2 HOH 34  123 80  HOH HOH B . 
D 2 HOH 35  124 81  HOH HOH B . 
D 2 HOH 36  125 85  HOH HOH B . 
D 2 HOH 37  126 86  HOH HOH B . 
D 2 HOH 38  127 87  HOH HOH B . 
D 2 HOH 39  128 88  HOH HOH B . 
D 2 HOH 40  129 90  HOH HOH B . 
D 2 HOH 41  130 91  HOH HOH B . 
D 2 HOH 42  131 92  HOH HOH B . 
D 2 HOH 43  132 95  HOH HOH B . 
D 2 HOH 44  133 98  HOH HOH B . 
D 2 HOH 45  134 101 HOH HOH B . 
D 2 HOH 46  135 103 HOH HOH B . 
D 2 HOH 47  136 105 HOH HOH B . 
D 2 HOH 48  137 106 HOH HOH B . 
D 2 HOH 49  138 107 HOH HOH B . 
D 2 HOH 50  139 108 HOH HOH B . 
D 2 HOH 51  140 109 HOH HOH B . 
D 2 HOH 52  141 110 HOH HOH B . 
D 2 HOH 53  142 111 HOH HOH B . 
D 2 HOH 54  143 112 HOH HOH B . 
D 2 HOH 55  144 118 HOH HOH B . 
D 2 HOH 56  145 122 HOH HOH B . 
D 2 HOH 57  146 123 HOH HOH B . 
D 2 HOH 58  147 125 HOH HOH B . 
D 2 HOH 59  148 126 HOH HOH B . 
D 2 HOH 60  149 127 HOH HOH B . 
D 2 HOH 61  150 128 HOH HOH B . 
D 2 HOH 62  151 131 HOH HOH B . 
D 2 HOH 63  152 133 HOH HOH B . 
D 2 HOH 64  153 135 HOH HOH B . 
D 2 HOH 65  154 137 HOH HOH B . 
D 2 HOH 66  155 138 HOH HOH B . 
D 2 HOH 67  156 141 HOH HOH B . 
D 2 HOH 68  157 143 HOH HOH B . 
D 2 HOH 69  158 146 HOH HOH B . 
D 2 HOH 70  159 147 HOH HOH B . 
D 2 HOH 71  160 149 HOH HOH B . 
D 2 HOH 72  161 150 HOH HOH B . 
D 2 HOH 73  162 152 HOH HOH B . 
D 2 HOH 74  163 155 HOH HOH B . 
D 2 HOH 75  164 156 HOH HOH B . 
D 2 HOH 76  165 157 HOH HOH B . 
D 2 HOH 77  166 159 HOH HOH B . 
D 2 HOH 78  168 162 HOH HOH B . 
D 2 HOH 79  169 165 HOH HOH B . 
D 2 HOH 80  170 171 HOH HOH B . 
D 2 HOH 81  171 173 HOH HOH B . 
D 2 HOH 82  172 174 HOH HOH B . 
D 2 HOH 83  173 177 HOH HOH B . 
D 2 HOH 84  174 178 HOH HOH B . 
D 2 HOH 85  175 182 HOH HOH B . 
D 2 HOH 86  176 185 HOH HOH B . 
D 2 HOH 87  177 186 HOH HOH B . 
D 2 HOH 88  178 187 HOH HOH B . 
D 2 HOH 89  179 188 HOH HOH B . 
D 2 HOH 90  180 189 HOH HOH B . 
D 2 HOH 91  181 190 HOH HOH B . 
D 2 HOH 92  182 193 HOH HOH B . 
D 2 HOH 93  183 194 HOH HOH B . 
D 2 HOH 94  184 197 HOH HOH B . 
D 2 HOH 95  185 198 HOH HOH B . 
D 2 HOH 96  186 199 HOH HOH B . 
D 2 HOH 97  187 200 HOH HOH B . 
D 2 HOH 98  188 201 HOH HOH B . 
D 2 HOH 99  189 202 HOH HOH B . 
D 2 HOH 100 190 203 HOH HOH B . 
# 
_pdbx_struct_assembly.id                   1 
_pdbx_struct_assembly.details              author_and_software_defined_assembly 
_pdbx_struct_assembly.method_details       PISA 
_pdbx_struct_assembly.oligomeric_details   dimeric 
_pdbx_struct_assembly.oligomeric_count     2 
# 
_pdbx_struct_assembly_gen.assembly_id       1 
_pdbx_struct_assembly_gen.oper_expression   1 
_pdbx_struct_assembly_gen.asym_id_list      A,B,C,D 
# 
loop_
_pdbx_struct_assembly_prop.biol_id 
_pdbx_struct_assembly_prop.type 
_pdbx_struct_assembly_prop.value 
_pdbx_struct_assembly_prop.details 
1 'ABSA (A^2)' 5480  ? 
1 MORE         -33.2 ? 
1 'SSA (A^2)'  9070  ? 
# 
_pdbx_struct_oper_list.id                   1 
_pdbx_struct_oper_list.type                 'identity operation' 
_pdbx_struct_oper_list.name                 1_555 
_pdbx_struct_oper_list.symmetry_operation   x,y,z 
_pdbx_struct_oper_list.matrix[1][1]         1.0000000000 
_pdbx_struct_oper_list.matrix[1][2]         0.0000000000 
_pdbx_struct_oper_list.matrix[1][3]         0.0000000000 
_pdbx_struct_oper_list.vector[1]            0.0000000000 
_pdbx_struct_oper_list.matrix[2][1]         0.0000000000 
_pdbx_struct_oper_list.matrix[2][2]         1.0000000000 
_pdbx_struct_oper_list.matrix[2][3]         0.0000000000 
_pdbx_struct_oper_list.vector[2]            0.0000000000 
_pdbx_struct_oper_list.matrix[3][1]         0.0000000000 
_pdbx_struct_oper_list.matrix[3][2]         0.0000000000 
_pdbx_struct_oper_list.matrix[3][3]         1.0000000000 
_pdbx_struct_oper_list.vector[3]            0.0000000000 
# 
loop_
_pdbx_audit_revision_history.ordinal 
_pdbx_audit_revision_history.data_content_type 
_pdbx_audit_revision_history.major_revision 
_pdbx_audit_revision_history.minor_revision 
_pdbx_audit_revision_history.revision_date 
1 'Structure model' 1 0 2009-07-21 
2 'Structure model' 1 1 2011-07-13 
3 'Structure model' 1 2 2017-10-25 
4 'Structure model' 1 3 2023-11-01 
# 
_pdbx_audit_revision_details.ordinal             1 
_pdbx_audit_revision_details.revision_ordinal    1 
_pdbx_audit_revision_details.data_content_type   'Structure model' 
_pdbx_audit_revision_details.provider            repository 
_pdbx_audit_revision_details.type                'Initial release' 
_pdbx_audit_revision_details.description         ? 
_pdbx_audit_revision_details.details             ? 
# 
loop_
_pdbx_audit_revision_group.ordinal 
_pdbx_audit_revision_group.revision_ordinal 
_pdbx_audit_revision_group.data_content_type 
_pdbx_audit_revision_group.group 
1 2 'Structure model' 'Version format compliance' 
2 3 'Structure model' 'Refinement description'    
3 4 'Structure model' 'Data collection'           
4 4 'Structure model' 'Database references'       
5 4 'Structure model' 'Refinement description'    
# 
loop_
_pdbx_audit_revision_category.ordinal 
_pdbx_audit_revision_category.revision_ordinal 
_pdbx_audit_revision_category.data_content_type 
_pdbx_audit_revision_category.category 
1 3 'Structure model' software                      
2 4 'Structure model' chem_comp_atom                
3 4 'Structure model' chem_comp_bond                
4 4 'Structure model' database_2                    
5 4 'Structure model' pdbx_initial_refinement_model 
6 4 'Structure model' struct_ref_seq_dif            
# 
loop_
_pdbx_audit_revision_item.ordinal 
_pdbx_audit_revision_item.revision_ordinal 
_pdbx_audit_revision_item.data_content_type 
_pdbx_audit_revision_item.item 
1 4 'Structure model' '_database_2.pdbx_DOI'                
2 4 'Structure model' '_database_2.pdbx_database_accession' 
3 4 'Structure model' '_struct_ref_seq_dif.details'         
# 
_phasing.method   MR 
# 
loop_
_software.name 
_software.version 
_software.date 
_software.type 
_software.contact_author 
_software.contact_author_email 
_software.classification 
_software.location 
_software.language 
_software.citation_id 
_software.pdbx_ordinal 
DENZO       .        ?               package 'Zbyszek Otwinowski' hkl@hkl-xray.com       'data reduction'  
http://www.hkl-xray.com/                     ?          ? 1 
SCALEPACK   .        ?               package 'Zbyszek Otwinowski' hkl@hkl-xray.com       'data scaling'    
http://www.hkl-xray.com/                     ?          ? 2 
MOLREP      .        ?               program 'Alexei Vaguine'     alexei@ysbl.york.ac.uk phasing           
http://www.ccp4.ac.uk/dist/html/molrep.html  Fortran_77 ? 3 
REFMAC      5.4.0067 ?               program 'Garib N. Murshudov' garib@ysbl.york.ac.uk  refinement        
http://www.ccp4.ac.uk/dist/html/refmac5.html Fortran_77 ? 4 
PDB_EXTRACT 3.006    'June 11, 2008' package PDB                  help@deposit.rcsb.org  'data extraction' 
http://sw-tools.pdb.org/apps/PDB_EXTRACT/    C++        ? 5 
MAR345dtb   .        ?               ?       ?                    ?                      'data collection' ? ?          ? 6 
AUTOMAR     .        ?               ?       ?                    ?                      'data reduction'  ? ?          ? 7 
# 
_pdbx_validate_torsion.id              1 
_pdbx_validate_torsion.PDB_model_num   1 
_pdbx_validate_torsion.auth_comp_id    ASN 
_pdbx_validate_torsion.auth_asym_id    B 
_pdbx_validate_torsion.auth_seq_id     12 
_pdbx_validate_torsion.PDB_ins_code    ? 
_pdbx_validate_torsion.label_alt_id    ? 
_pdbx_validate_torsion.phi             -166.12 
_pdbx_validate_torsion.psi             113.02 
# 
loop_
_pdbx_unobs_or_zero_occ_atoms.id 
_pdbx_unobs_or_zero_occ_atoms.PDB_model_num 
_pdbx_unobs_or_zero_occ_atoms.polymer_flag 
_pdbx_unobs_or_zero_occ_atoms.occupancy_flag 
_pdbx_unobs_or_zero_occ_atoms.auth_asym_id 
_pdbx_unobs_or_zero_occ_atoms.auth_comp_id 
_pdbx_unobs_or_zero_occ_atoms.auth_seq_id 
_pdbx_unobs_or_zero_occ_atoms.PDB_ins_code 
_pdbx_unobs_or_zero_occ_atoms.auth_atom_id 
_pdbx_unobs_or_zero_occ_atoms.label_alt_id 
_pdbx_unobs_or_zero_occ_atoms.label_asym_id 
_pdbx_unobs_or_zero_occ_atoms.label_comp_id 
_pdbx_unobs_or_zero_occ_atoms.label_seq_id 
_pdbx_unobs_or_zero_occ_atoms.label_atom_id 
1  1 Y 1 A LYS 68 ? CD  ? A LYS 68 CD  
2  1 Y 1 A LYS 68 ? CE  ? A LYS 68 CE  
3  1 Y 1 A LYS 68 ? NZ  ? A LYS 68 NZ  
4  1 Y 1 A ASP 80 ? CG  ? A ASP 80 CG  
5  1 Y 1 A ASP 80 ? OD1 ? A ASP 80 OD1 
6  1 Y 1 A ASP 80 ? OD2 ? A ASP 80 OD2 
7  1 Y 1 B ARG 70 ? CG  ? B ARG 70 CG  
8  1 Y 1 B ARG 70 ? CD  ? B ARG 70 CD  
9  1 Y 1 B ARG 70 ? NE  ? B ARG 70 NE  
10 1 Y 1 B ARG 70 ? CZ  ? B ARG 70 CZ  
11 1 Y 1 B ARG 70 ? NH1 ? B ARG 70 NH1 
12 1 Y 1 B ARG 70 ? NH2 ? B ARG 70 NH2 
# 
loop_
_pdbx_unobs_or_zero_occ_residues.id 
_pdbx_unobs_or_zero_occ_residues.PDB_model_num 
_pdbx_unobs_or_zero_occ_residues.polymer_flag 
_pdbx_unobs_or_zero_occ_residues.occupancy_flag 
_pdbx_unobs_or_zero_occ_residues.auth_asym_id 
_pdbx_unobs_or_zero_occ_residues.auth_comp_id 
_pdbx_unobs_or_zero_occ_residues.auth_seq_id 
_pdbx_unobs_or_zero_occ_residues.PDB_ins_code 
_pdbx_unobs_or_zero_occ_residues.label_asym_id 
_pdbx_unobs_or_zero_occ_residues.label_comp_id 
_pdbx_unobs_or_zero_occ_residues.label_seq_id 
1  1 Y 1 A LEU 81 ? A LEU 81 
2  1 Y 1 A GLU 82 ? A GLU 82 
3  1 Y 1 A HIS 83 ? A HIS 83 
4  1 Y 1 A HIS 84 ? A HIS 84 
5  1 Y 1 A HIS 85 ? A HIS 85 
6  1 Y 1 A HIS 86 ? A HIS 86 
7  1 Y 1 A HIS 87 ? A HIS 87 
8  1 Y 1 A HIS 88 ? A HIS 88 
9  1 Y 1 B ASP 80 ? B ASP 80 
10 1 Y 1 B LEU 81 ? B LEU 81 
11 1 Y 1 B GLU 82 ? B GLU 82 
12 1 Y 1 B HIS 83 ? B HIS 83 
13 1 Y 1 B HIS 84 ? B HIS 84 
14 1 Y 1 B HIS 85 ? B HIS 85 
15 1 Y 1 B HIS 86 ? B HIS 86 
16 1 Y 1 B HIS 87 ? B HIS 87 
17 1 Y 1 B HIS 88 ? B HIS 88 
# 
loop_
_chem_comp_atom.comp_id 
_chem_comp_atom.atom_id 
_chem_comp_atom.type_symbol 
_chem_comp_atom.pdbx_aromatic_flag 
_chem_comp_atom.pdbx_stereo_config 
_chem_comp_atom.pdbx_ordinal 
ALA N    N N N 1   
ALA CA   C N S 2   
ALA C    C N N 3   
ALA O    O N N 4   
ALA CB   C N N 5   
ALA OXT  O N N 6   
ALA H    H N N 7   
ALA H2   H N N 8   
ALA HA   H N N 9   
ALA HB1  H N N 10  
ALA HB2  H N N 11  
ALA HB3  H N N 12  
ALA HXT  H N N 13  
ARG N    N N N 14  
ARG CA   C N S 15  
ARG C    C N N 16  
ARG O    O N N 17  
ARG CB   C N N 18  
ARG CG   C N N 19  
ARG CD   C N N 20  
ARG NE   N N N 21  
ARG CZ   C N N 22  
ARG NH1  N N N 23  
ARG NH2  N N N 24  
ARG OXT  O N N 25  
ARG H    H N N 26  
ARG H2   H N N 27  
ARG HA   H N N 28  
ARG HB2  H N N 29  
ARG HB3  H N N 30  
ARG HG2  H N N 31  
ARG HG3  H N N 32  
ARG HD2  H N N 33  
ARG HD3  H N N 34  
ARG HE   H N N 35  
ARG HH11 H N N 36  
ARG HH12 H N N 37  
ARG HH21 H N N 38  
ARG HH22 H N N 39  
ARG HXT  H N N 40  
ASN N    N N N 41  
ASN CA   C N S 42  
ASN C    C N N 43  
ASN O    O N N 44  
ASN CB   C N N 45  
ASN CG   C N N 46  
ASN OD1  O N N 47  
ASN ND2  N N N 48  
ASN OXT  O N N 49  
ASN H    H N N 50  
ASN H2   H N N 51  
ASN HA   H N N 52  
ASN HB2  H N N 53  
ASN HB3  H N N 54  
ASN HD21 H N N 55  
ASN HD22 H N N 56  
ASN HXT  H N N 57  
ASP N    N N N 58  
ASP CA   C N S 59  
ASP C    C N N 60  
ASP O    O N N 61  
ASP CB   C N N 62  
ASP CG   C N N 63  
ASP OD1  O N N 64  
ASP OD2  O N N 65  
ASP OXT  O N N 66  
ASP H    H N N 67  
ASP H2   H N N 68  
ASP HA   H N N 69  
ASP HB2  H N N 70  
ASP HB3  H N N 71  
ASP HD2  H N N 72  
ASP HXT  H N N 73  
GLN N    N N N 74  
GLN CA   C N S 75  
GLN C    C N N 76  
GLN O    O N N 77  
GLN CB   C N N 78  
GLN CG   C N N 79  
GLN CD   C N N 80  
GLN OE1  O N N 81  
GLN NE2  N N N 82  
GLN OXT  O N N 83  
GLN H    H N N 84  
GLN H2   H N N 85  
GLN HA   H N N 86  
GLN HB2  H N N 87  
GLN HB3  H N N 88  
GLN HG2  H N N 89  
GLN HG3  H N N 90  
GLN HE21 H N N 91  
GLN HE22 H N N 92  
GLN HXT  H N N 93  
GLU N    N N N 94  
GLU CA   C N S 95  
GLU C    C N N 96  
GLU O    O N N 97  
GLU CB   C N N 98  
GLU CG   C N N 99  
GLU CD   C N N 100 
GLU OE1  O N N 101 
GLU OE2  O N N 102 
GLU OXT  O N N 103 
GLU H    H N N 104 
GLU H2   H N N 105 
GLU HA   H N N 106 
GLU HB2  H N N 107 
GLU HB3  H N N 108 
GLU HG2  H N N 109 
GLU HG3  H N N 110 
GLU HE2  H N N 111 
GLU HXT  H N N 112 
GLY N    N N N 113 
GLY CA   C N N 114 
GLY C    C N N 115 
GLY O    O N N 116 
GLY OXT  O N N 117 
GLY H    H N N 118 
GLY H2   H N N 119 
GLY HA2  H N N 120 
GLY HA3  H N N 121 
GLY HXT  H N N 122 
HIS N    N N N 123 
HIS CA   C N S 124 
HIS C    C N N 125 
HIS O    O N N 126 
HIS CB   C N N 127 
HIS CG   C Y N 128 
HIS ND1  N Y N 129 
HIS CD2  C Y N 130 
HIS CE1  C Y N 131 
HIS NE2  N Y N 132 
HIS OXT  O N N 133 
HIS H    H N N 134 
HIS H2   H N N 135 
HIS HA   H N N 136 
HIS HB2  H N N 137 
HIS HB3  H N N 138 
HIS HD1  H N N 139 
HIS HD2  H N N 140 
HIS HE1  H N N 141 
HIS HE2  H N N 142 
HIS HXT  H N N 143 
HOH O    O N N 144 
HOH H1   H N N 145 
HOH H2   H N N 146 
ILE N    N N N 147 
ILE CA   C N S 148 
ILE C    C N N 149 
ILE O    O N N 150 
ILE CB   C N S 151 
ILE CG1  C N N 152 
ILE CG2  C N N 153 
ILE CD1  C N N 154 
ILE OXT  O N N 155 
ILE H    H N N 156 
ILE H2   H N N 157 
ILE HA   H N N 158 
ILE HB   H N N 159 
ILE HG12 H N N 160 
ILE HG13 H N N 161 
ILE HG21 H N N 162 
ILE HG22 H N N 163 
ILE HG23 H N N 164 
ILE HD11 H N N 165 
ILE HD12 H N N 166 
ILE HD13 H N N 167 
ILE HXT  H N N 168 
LEU N    N N N 169 
LEU CA   C N S 170 
LEU C    C N N 171 
LEU O    O N N 172 
LEU CB   C N N 173 
LEU CG   C N N 174 
LEU CD1  C N N 175 
LEU CD2  C N N 176 
LEU OXT  O N N 177 
LEU H    H N N 178 
LEU H2   H N N 179 
LEU HA   H N N 180 
LEU HB2  H N N 181 
LEU HB3  H N N 182 
LEU HG   H N N 183 
LEU HD11 H N N 184 
LEU HD12 H N N 185 
LEU HD13 H N N 186 
LEU HD21 H N N 187 
LEU HD22 H N N 188 
LEU HD23 H N N 189 
LEU HXT  H N N 190 
LYS N    N N N 191 
LYS CA   C N S 192 
LYS C    C N N 193 
LYS O    O N N 194 
LYS CB   C N N 195 
LYS CG   C N N 196 
LYS CD   C N N 197 
LYS CE   C N N 198 
LYS NZ   N N N 199 
LYS OXT  O N N 200 
LYS H    H N N 201 
LYS H2   H N N 202 
LYS HA   H N N 203 
LYS HB2  H N N 204 
LYS HB3  H N N 205 
LYS HG2  H N N 206 
LYS HG3  H N N 207 
LYS HD2  H N N 208 
LYS HD3  H N N 209 
LYS HE2  H N N 210 
LYS HE3  H N N 211 
LYS HZ1  H N N 212 
LYS HZ2  H N N 213 
LYS HZ3  H N N 214 
LYS HXT  H N N 215 
MET N    N N N 216 
MET CA   C N S 217 
MET C    C N N 218 
MET O    O N N 219 
MET CB   C N N 220 
MET CG   C N N 221 
MET SD   S N N 222 
MET CE   C N N 223 
MET OXT  O N N 224 
MET H    H N N 225 
MET H2   H N N 226 
MET HA   H N N 227 
MET HB2  H N N 228 
MET HB3  H N N 229 
MET HG2  H N N 230 
MET HG3  H N N 231 
MET HE1  H N N 232 
MET HE2  H N N 233 
MET HE3  H N N 234 
MET HXT  H N N 235 
PHE N    N N N 236 
PHE CA   C N S 237 
PHE C    C N N 238 
PHE O    O N N 239 
PHE CB   C N N 240 
PHE CG   C Y N 241 
PHE CD1  C Y N 242 
PHE CD2  C Y N 243 
PHE CE1  C Y N 244 
PHE CE2  C Y N 245 
PHE CZ   C Y N 246 
PHE OXT  O N N 247 
PHE H    H N N 248 
PHE H2   H N N 249 
PHE HA   H N N 250 
PHE HB2  H N N 251 
PHE HB3  H N N 252 
PHE HD1  H N N 253 
PHE HD2  H N N 254 
PHE HE1  H N N 255 
PHE HE2  H N N 256 
PHE HZ   H N N 257 
PHE HXT  H N N 258 
SER N    N N N 259 
SER CA   C N S 260 
SER C    C N N 261 
SER O    O N N 262 
SER CB   C N N 263 
SER OG   O N N 264 
SER OXT  O N N 265 
SER H    H N N 266 
SER H2   H N N 267 
SER HA   H N N 268 
SER HB2  H N N 269 
SER HB3  H N N 270 
SER HG   H N N 271 
SER HXT  H N N 272 
THR N    N N N 273 
THR CA   C N S 274 
THR C    C N N 275 
THR O    O N N 276 
THR CB   C N R 277 
THR OG1  O N N 278 
THR CG2  C N N 279 
THR OXT  O N N 280 
THR H    H N N 281 
THR H2   H N N 282 
THR HA   H N N 283 
THR HB   H N N 284 
THR HG1  H N N 285 
THR HG21 H N N 286 
THR HG22 H N N 287 
THR HG23 H N N 288 
THR HXT  H N N 289 
TYR N    N N N 290 
TYR CA   C N S 291 
TYR C    C N N 292 
TYR O    O N N 293 
TYR CB   C N N 294 
TYR CG   C Y N 295 
TYR CD1  C Y N 296 
TYR CD2  C Y N 297 
TYR CE1  C Y N 298 
TYR CE2  C Y N 299 
TYR CZ   C Y N 300 
TYR OH   O N N 301 
TYR OXT  O N N 302 
TYR H    H N N 303 
TYR H2   H N N 304 
TYR HA   H N N 305 
TYR HB2  H N N 306 
TYR HB3  H N N 307 
TYR HD1  H N N 308 
TYR HD2  H N N 309 
TYR HE1  H N N 310 
TYR HE2  H N N 311 
TYR HH   H N N 312 
TYR HXT  H N N 313 
VAL N    N N N 314 
VAL CA   C N S 315 
VAL C    C N N 316 
VAL O    O N N 317 
VAL CB   C N N 318 
VAL CG1  C N N 319 
VAL CG2  C N N 320 
VAL OXT  O N N 321 
VAL H    H N N 322 
VAL H2   H N N 323 
VAL HA   H N N 324 
VAL HB   H N N 325 
VAL HG11 H N N 326 
VAL HG12 H N N 327 
VAL HG13 H N N 328 
VAL HG21 H N N 329 
VAL HG22 H N N 330 
VAL HG23 H N N 331 
VAL HXT  H N N 332 
# 
loop_
_chem_comp_bond.comp_id 
_chem_comp_bond.atom_id_1 
_chem_comp_bond.atom_id_2 
_chem_comp_bond.value_order 
_chem_comp_bond.pdbx_aromatic_flag 
_chem_comp_bond.pdbx_stereo_config 
_chem_comp_bond.pdbx_ordinal 
ALA N   CA   sing N N 1   
ALA N   H    sing N N 2   
ALA N   H2   sing N N 3   
ALA CA  C    sing N N 4   
ALA CA  CB   sing N N 5   
ALA CA  HA   sing N N 6   
ALA C   O    doub N N 7   
ALA C   OXT  sing N N 8   
ALA CB  HB1  sing N N 9   
ALA CB  HB2  sing N N 10  
ALA CB  HB3  sing N N 11  
ALA OXT HXT  sing N N 12  
ARG N   CA   sing N N 13  
ARG N   H    sing N N 14  
ARG N   H2   sing N N 15  
ARG CA  C    sing N N 16  
ARG CA  CB   sing N N 17  
ARG CA  HA   sing N N 18  
ARG C   O    doub N N 19  
ARG C   OXT  sing N N 20  
ARG CB  CG   sing N N 21  
ARG CB  HB2  sing N N 22  
ARG CB  HB3  sing N N 23  
ARG CG  CD   sing N N 24  
ARG CG  HG2  sing N N 25  
ARG CG  HG3  sing N N 26  
ARG CD  NE   sing N N 27  
ARG CD  HD2  sing N N 28  
ARG CD  HD3  sing N N 29  
ARG NE  CZ   sing N N 30  
ARG NE  HE   sing N N 31  
ARG CZ  NH1  sing N N 32  
ARG CZ  NH2  doub N N 33  
ARG NH1 HH11 sing N N 34  
ARG NH1 HH12 sing N N 35  
ARG NH2 HH21 sing N N 36  
ARG NH2 HH22 sing N N 37  
ARG OXT HXT  sing N N 38  
ASN N   CA   sing N N 39  
ASN N   H    sing N N 40  
ASN N   H2   sing N N 41  
ASN CA  C    sing N N 42  
ASN CA  CB   sing N N 43  
ASN CA  HA   sing N N 44  
ASN C   O    doub N N 45  
ASN C   OXT  sing N N 46  
ASN CB  CG   sing N N 47  
ASN CB  HB2  sing N N 48  
ASN CB  HB3  sing N N 49  
ASN CG  OD1  doub N N 50  
ASN CG  ND2  sing N N 51  
ASN ND2 HD21 sing N N 52  
ASN ND2 HD22 sing N N 53  
ASN OXT HXT  sing N N 54  
ASP N   CA   sing N N 55  
ASP N   H    sing N N 56  
ASP N   H2   sing N N 57  
ASP CA  C    sing N N 58  
ASP CA  CB   sing N N 59  
ASP CA  HA   sing N N 60  
ASP C   O    doub N N 61  
ASP C   OXT  sing N N 62  
ASP CB  CG   sing N N 63  
ASP CB  HB2  sing N N 64  
ASP CB  HB3  sing N N 65  
ASP CG  OD1  doub N N 66  
ASP CG  OD2  sing N N 67  
ASP OD2 HD2  sing N N 68  
ASP OXT HXT  sing N N 69  
GLN N   CA   sing N N 70  
GLN N   H    sing N N 71  
GLN N   H2   sing N N 72  
GLN CA  C    sing N N 73  
GLN CA  CB   sing N N 74  
GLN CA  HA   sing N N 75  
GLN C   O    doub N N 76  
GLN C   OXT  sing N N 77  
GLN CB  CG   sing N N 78  
GLN CB  HB2  sing N N 79  
GLN CB  HB3  sing N N 80  
GLN CG  CD   sing N N 81  
GLN CG  HG2  sing N N 82  
GLN CG  HG3  sing N N 83  
GLN CD  OE1  doub N N 84  
GLN CD  NE2  sing N N 85  
GLN NE2 HE21 sing N N 86  
GLN NE2 HE22 sing N N 87  
GLN OXT HXT  sing N N 88  
GLU N   CA   sing N N 89  
GLU N   H    sing N N 90  
GLU N   H2   sing N N 91  
GLU CA  C    sing N N 92  
GLU CA  CB   sing N N 93  
GLU CA  HA   sing N N 94  
GLU C   O    doub N N 95  
GLU C   OXT  sing N N 96  
GLU CB  CG   sing N N 97  
GLU CB  HB2  sing N N 98  
GLU CB  HB3  sing N N 99  
GLU CG  CD   sing N N 100 
GLU CG  HG2  sing N N 101 
GLU CG  HG3  sing N N 102 
GLU CD  OE1  doub N N 103 
GLU CD  OE2  sing N N 104 
GLU OE2 HE2  sing N N 105 
GLU OXT HXT  sing N N 106 
GLY N   CA   sing N N 107 
GLY N   H    sing N N 108 
GLY N   H2   sing N N 109 
GLY CA  C    sing N N 110 
GLY CA  HA2  sing N N 111 
GLY CA  HA3  sing N N 112 
GLY C   O    doub N N 113 
GLY C   OXT  sing N N 114 
GLY OXT HXT  sing N N 115 
HIS N   CA   sing N N 116 
HIS N   H    sing N N 117 
HIS N   H2   sing N N 118 
HIS CA  C    sing N N 119 
HIS CA  CB   sing N N 120 
HIS CA  HA   sing N N 121 
HIS C   O    doub N N 122 
HIS C   OXT  sing N N 123 
HIS CB  CG   sing N N 124 
HIS CB  HB2  sing N N 125 
HIS CB  HB3  sing N N 126 
HIS CG  ND1  sing Y N 127 
HIS CG  CD2  doub Y N 128 
HIS ND1 CE1  doub Y N 129 
HIS ND1 HD1  sing N N 130 
HIS CD2 NE2  sing Y N 131 
HIS CD2 HD2  sing N N 132 
HIS CE1 NE2  sing Y N 133 
HIS CE1 HE1  sing N N 134 
HIS NE2 HE2  sing N N 135 
HIS OXT HXT  sing N N 136 
HOH O   H1   sing N N 137 
HOH O   H2   sing N N 138 
ILE N   CA   sing N N 139 
ILE N   H    sing N N 140 
ILE N   H2   sing N N 141 
ILE CA  C    sing N N 142 
ILE CA  CB   sing N N 143 
ILE CA  HA   sing N N 144 
ILE C   O    doub N N 145 
ILE C   OXT  sing N N 146 
ILE CB  CG1  sing N N 147 
ILE CB  CG2  sing N N 148 
ILE CB  HB   sing N N 149 
ILE CG1 CD1  sing N N 150 
ILE CG1 HG12 sing N N 151 
ILE CG1 HG13 sing N N 152 
ILE CG2 HG21 sing N N 153 
ILE CG2 HG22 sing N N 154 
ILE CG2 HG23 sing N N 155 
ILE CD1 HD11 sing N N 156 
ILE CD1 HD12 sing N N 157 
ILE CD1 HD13 sing N N 158 
ILE OXT HXT  sing N N 159 
LEU N   CA   sing N N 160 
LEU N   H    sing N N 161 
LEU N   H2   sing N N 162 
LEU CA  C    sing N N 163 
LEU CA  CB   sing N N 164 
LEU CA  HA   sing N N 165 
LEU C   O    doub N N 166 
LEU C   OXT  sing N N 167 
LEU CB  CG   sing N N 168 
LEU CB  HB2  sing N N 169 
LEU CB  HB3  sing N N 170 
LEU CG  CD1  sing N N 171 
LEU CG  CD2  sing N N 172 
LEU CG  HG   sing N N 173 
LEU CD1 HD11 sing N N 174 
LEU CD1 HD12 sing N N 175 
LEU CD1 HD13 sing N N 176 
LEU CD2 HD21 sing N N 177 
LEU CD2 HD22 sing N N 178 
LEU CD2 HD23 sing N N 179 
LEU OXT HXT  sing N N 180 
LYS N   CA   sing N N 181 
LYS N   H    sing N N 182 
LYS N   H2   sing N N 183 
LYS CA  C    sing N N 184 
LYS CA  CB   sing N N 185 
LYS CA  HA   sing N N 186 
LYS C   O    doub N N 187 
LYS C   OXT  sing N N 188 
LYS CB  CG   sing N N 189 
LYS CB  HB2  sing N N 190 
LYS CB  HB3  sing N N 191 
LYS CG  CD   sing N N 192 
LYS CG  HG2  sing N N 193 
LYS CG  HG3  sing N N 194 
LYS CD  CE   sing N N 195 
LYS CD  HD2  sing N N 196 
LYS CD  HD3  sing N N 197 
LYS CE  NZ   sing N N 198 
LYS CE  HE2  sing N N 199 
LYS CE  HE3  sing N N 200 
LYS NZ  HZ1  sing N N 201 
LYS NZ  HZ2  sing N N 202 
LYS NZ  HZ3  sing N N 203 
LYS OXT HXT  sing N N 204 
MET N   CA   sing N N 205 
MET N   H    sing N N 206 
MET N   H2   sing N N 207 
MET CA  C    sing N N 208 
MET CA  CB   sing N N 209 
MET CA  HA   sing N N 210 
MET C   O    doub N N 211 
MET C   OXT  sing N N 212 
MET CB  CG   sing N N 213 
MET CB  HB2  sing N N 214 
MET CB  HB3  sing N N 215 
MET CG  SD   sing N N 216 
MET CG  HG2  sing N N 217 
MET CG  HG3  sing N N 218 
MET SD  CE   sing N N 219 
MET CE  HE1  sing N N 220 
MET CE  HE2  sing N N 221 
MET CE  HE3  sing N N 222 
MET OXT HXT  sing N N 223 
PHE N   CA   sing N N 224 
PHE N   H    sing N N 225 
PHE N   H2   sing N N 226 
PHE CA  C    sing N N 227 
PHE CA  CB   sing N N 228 
PHE CA  HA   sing N N 229 
PHE C   O    doub N N 230 
PHE C   OXT  sing N N 231 
PHE CB  CG   sing N N 232 
PHE CB  HB2  sing N N 233 
PHE CB  HB3  sing N N 234 
PHE CG  CD1  doub Y N 235 
PHE CG  CD2  sing Y N 236 
PHE CD1 CE1  sing Y N 237 
PHE CD1 HD1  sing N N 238 
PHE CD2 CE2  doub Y N 239 
PHE CD2 HD2  sing N N 240 
PHE CE1 CZ   doub Y N 241 
PHE CE1 HE1  sing N N 242 
PHE CE2 CZ   sing Y N 243 
PHE CE2 HE2  sing N N 244 
PHE CZ  HZ   sing N N 245 
PHE OXT HXT  sing N N 246 
SER N   CA   sing N N 247 
SER N   H    sing N N 248 
SER N   H2   sing N N 249 
SER CA  C    sing N N 250 
SER CA  CB   sing N N 251 
SER CA  HA   sing N N 252 
SER C   O    doub N N 253 
SER C   OXT  sing N N 254 
SER CB  OG   sing N N 255 
SER CB  HB2  sing N N 256 
SER CB  HB3  sing N N 257 
SER OG  HG   sing N N 258 
SER OXT HXT  sing N N 259 
THR N   CA   sing N N 260 
THR N   H    sing N N 261 
THR N   H2   sing N N 262 
THR CA  C    sing N N 263 
THR CA  CB   sing N N 264 
THR CA  HA   sing N N 265 
THR C   O    doub N N 266 
THR C   OXT  sing N N 267 
THR CB  OG1  sing N N 268 
THR CB  CG2  sing N N 269 
THR CB  HB   sing N N 270 
THR OG1 HG1  sing N N 271 
THR CG2 HG21 sing N N 272 
THR CG2 HG22 sing N N 273 
THR CG2 HG23 sing N N 274 
THR OXT HXT  sing N N 275 
TYR N   CA   sing N N 276 
TYR N   H    sing N N 277 
TYR N   H2   sing N N 278 
TYR CA  C    sing N N 279 
TYR CA  CB   sing N N 280 
TYR CA  HA   sing N N 281 
TYR C   O    doub N N 282 
TYR C   OXT  sing N N 283 
TYR CB  CG   sing N N 284 
TYR CB  HB2  sing N N 285 
TYR CB  HB3  sing N N 286 
TYR CG  CD1  doub Y N 287 
TYR CG  CD2  sing Y N 288 
TYR CD1 CE1  sing Y N 289 
TYR CD1 HD1  sing N N 290 
TYR CD2 CE2  doub Y N 291 
TYR CD2 HD2  sing N N 292 
TYR CE1 CZ   doub Y N 293 
TYR CE1 HE1  sing N N 294 
TYR CE2 CZ   sing Y N 295 
TYR CE2 HE2  sing N N 296 
TYR CZ  OH   sing N N 297 
TYR OH  HH   sing N N 298 
TYR OXT HXT  sing N N 299 
VAL N   CA   sing N N 300 
VAL N   H    sing N N 301 
VAL N   H2   sing N N 302 
VAL CA  C    sing N N 303 
VAL CA  CB   sing N N 304 
VAL CA  HA   sing N N 305 
VAL C   O    doub N N 306 
VAL C   OXT  sing N N 307 
VAL CB  CG1  sing N N 308 
VAL CB  CG2  sing N N 309 
VAL CB  HB   sing N N 310 
VAL CG1 HG11 sing N N 311 
VAL CG1 HG12 sing N N 312 
VAL CG1 HG13 sing N N 313 
VAL CG2 HG21 sing N N 314 
VAL CG2 HG22 sing N N 315 
VAL CG2 HG23 sing N N 316 
VAL OXT HXT  sing N N 317 
# 
_pdbx_entity_nonpoly.entity_id   2 
_pdbx_entity_nonpoly.name        water 
_pdbx_entity_nonpoly.comp_id     HOH 
# 
_pdbx_initial_refinement_model.id               1 
_pdbx_initial_refinement_model.entity_id_list   ? 
_pdbx_initial_refinement_model.type             'experimental model' 
_pdbx_initial_refinement_model.source_name      PDB 
_pdbx_initial_refinement_model.accession_code   2FNE 
_pdbx_initial_refinement_model.details          'PDB ENTRY 2FNE' 
# 
